data_3F0Q
# 
_entry.id   3F0Q 
# 
_audit_conform.dict_name       mmcif_pdbx.dic 
_audit_conform.dict_version    5.389 
_audit_conform.dict_location   http://mmcif.pdb.org/dictionaries/ascii/mmcif_pdbx.dic 
# 
loop_
_database_2.database_id 
_database_2.database_code 
_database_2.pdbx_database_accession 
_database_2.pdbx_DOI 
PDB   3F0Q         pdb_00003f0q 10.2210/pdb3f0q/pdb 
RCSB  RCSB050000   ?            ?                   
WWPDB D_1000050000 ?            ?                   
# 
loop_
_pdbx_audit_revision_history.ordinal 
_pdbx_audit_revision_history.data_content_type 
_pdbx_audit_revision_history.major_revision 
_pdbx_audit_revision_history.minor_revision 
_pdbx_audit_revision_history.revision_date 
1 'Structure model' 1 0 2009-10-06 
2 'Structure model' 1 1 2011-07-13 
3 'Structure model' 1 2 2013-11-27 
4 'Structure model' 1 3 2023-12-27 
5 'Structure model' 1 4 2024-04-03 
# 
_pdbx_audit_revision_details.ordinal             1 
_pdbx_audit_revision_details.revision_ordinal    1 
_pdbx_audit_revision_details.data_content_type   'Structure model' 
_pdbx_audit_revision_details.provider            repository 
_pdbx_audit_revision_details.type                'Initial release' 
_pdbx_audit_revision_details.description         ? 
_pdbx_audit_revision_details.details             ? 
# 
loop_
_pdbx_audit_revision_group.ordinal 
_pdbx_audit_revision_group.revision_ordinal 
_pdbx_audit_revision_group.data_content_type 
_pdbx_audit_revision_group.group 
1 2 'Structure model' 'Version format compliance' 
2 3 'Structure model' 'Non-polymer description'   
3 4 'Structure model' 'Data collection'           
4 4 'Structure model' 'Database references'       
5 4 'Structure model' 'Derived calculations'      
6 5 'Structure model' 'Refinement description'    
# 
loop_
_pdbx_audit_revision_category.ordinal 
_pdbx_audit_revision_category.revision_ordinal 
_pdbx_audit_revision_category.data_content_type 
_pdbx_audit_revision_category.category 
1 4 'Structure model' chem_comp_atom                
2 4 'Structure model' chem_comp_bond                
3 4 'Structure model' database_2                    
4 4 'Structure model' struct_site                   
5 5 'Structure model' pdbx_initial_refinement_model 
# 
loop_
_pdbx_audit_revision_item.ordinal 
_pdbx_audit_revision_item.revision_ordinal 
_pdbx_audit_revision_item.data_content_type 
_pdbx_audit_revision_item.item 
1 4 'Structure model' '_database_2.pdbx_DOI'                
2 4 'Structure model' '_database_2.pdbx_database_accession' 
3 4 'Structure model' '_struct_site.pdbx_auth_asym_id'      
4 4 'Structure model' '_struct_site.pdbx_auth_comp_id'      
5 4 'Structure model' '_struct_site.pdbx_auth_seq_id'       
# 
_pdbx_database_status.entry_id                        3F0Q 
_pdbx_database_status.deposit_site                    RCSB 
_pdbx_database_status.process_site                    RCSB 
_pdbx_database_status.recvd_initial_deposition_date   2008-10-25 
_pdbx_database_status.status_code                     REL 
_pdbx_database_status.status_code_sf                  REL 
_pdbx_database_status.status_code_mr                  ? 
_pdbx_database_status.SG_entry                        ? 
_pdbx_database_status.status_code_cs                  ? 
_pdbx_database_status.methods_development_category    ? 
_pdbx_database_status.pdb_format_compatible           Y 
_pdbx_database_status.status_code_nmr_data            ? 
# 
loop_
_pdbx_database_related.db_name 
_pdbx_database_related.db_id 
_pdbx_database_related.details 
_pdbx_database_related.content_type 
PDB 3F0B 
;Staphylococcus aureus dihydrofolate reductase complexed with NADPH and 2,4-Diamino-5-[3-(3-methoxy-5-phenylphenyl)but-1-ynyl]-6-methylpyrimidine
;
unspecified 
PDB 3F0S 
;Staphylococcus aureus dihydrofolate reductase complexed with NADPH and 2,4-Diamino-5-[3-(3-methoxy-5-(3,5-dimethylphenyl)phenyl)but-1-ynyl]-6-methylpyrimidine
;
unspecified 
PDB 3F0U 
;Staphylococcus aureus F98Y mutant dihydrofolate reductase complexed with NADPH and 2,4-Diamino-5-[3-(3-methoxy-5-phenylphenyl)but-1-ynyl]-6-methylpyrimidine
;
unspecified 
PDB 3F0V 
;Staphylococcus aureus F98Y mutant dihydrofolate reductase complexed with NADPH and 2,4-Diamino-5-[3-(3-methoxy-5-(2,6-dimethylphenyl)phenyl)but-1-ynyl]-6-methylpyrimidine
;
unspecified 
PDB 3F0X 
;Staphylococcus aureus F98Y mutant dihydrofolate reductase complexed with NADPH and 2,4-Diamino-5-[3-(3-methoxy-5-(3,5-dimethylphenyl)phenyl)but-1-ynyl]-6-methylpyrimidine
;
unspecified 
# 
loop_
_audit_author.name 
_audit_author.pdbx_ordinal 
'Anderson, A.C.' 1 
'Frey, K.M.'     2 
'Liu, J.'        3 
'Lombardo, M.N.' 4 
# 
_citation.id                        primary 
_citation.title                     'Predicting resistance mutations using protein design algorithms.' 
_citation.journal_abbrev            Proc.Natl.Acad.Sci.USA 
_citation.journal_volume            107 
_citation.page_first                13707 
_citation.page_last                 13712 
_citation.year                      2010 
_citation.journal_id_ASTM           PNASA6 
_citation.country                   US 
_citation.journal_id_ISSN           0027-8424 
_citation.journal_id_CSD            0040 
_citation.book_publisher            ? 
_citation.pdbx_database_id_PubMed   20643959 
_citation.pdbx_database_id_DOI      10.1073/pnas.1002162107 
# 
loop_
_citation_author.citation_id 
_citation_author.name 
_citation_author.ordinal 
_citation_author.identifier_ORCID 
primary 'Frey, K.M.'     1 ? 
primary 'Georgiev, I.'   2 ? 
primary 'Donald, B.R.'   3 ? 
primary 'Anderson, A.C.' 4 ? 
# 
loop_
_entity.id 
_entity.type 
_entity.src_method 
_entity.pdbx_description 
_entity.formula_weight 
_entity.pdbx_number_of_molecules 
_entity.pdbx_ec 
_entity.pdbx_mutation 
_entity.pdbx_fragment 
_entity.details 
1 polymer     man 'Trimethoprim-sensitive dihydrofolate reductase'                                                 18015.557 1   
1.5.1.3 ? ? ? 
2 non-polymer syn 'NADPH DIHYDRO-NICOTINAMIDE-ADENINE-DINUCLEOTIDE PHOSPHATE'                                      745.421   1   ? 
? ? ? 
3 non-polymer syn "5-[(3S)-3-(5-methoxy-2',6'-dimethylbiphenyl-3-yl)but-1-yn-1-yl]-6-methylpyrimidine-2,4-diamine" 386.489   1   ? 
? ? ? 
4 water       nat water                                                                                            18.015    121 ? 
? ? ? 
# 
_entity_poly.entity_id                      1 
_entity_poly.type                           'polypeptide(L)' 
_entity_poly.nstd_linkage                   no 
_entity_poly.nstd_monomer                   no 
_entity_poly.pdbx_seq_one_letter_code       
;TLSILVAHDLQRVIGFENQLPWHLPNDLKHVKKLSTGHTLVMGRKTFESIGKPLPNRRNVVLTSDTSFNVEGVDVIHSIE
DIYQLPGHVFIFGGQTLFEEMIDKVDDMYITVIEGKFRGDTFFPPYTFEDWEVASSVEGKLDEKNTIPHTFLHLIRK
;
_entity_poly.pdbx_seq_one_letter_code_can   
;TLSILVAHDLQRVIGFENQLPWHLPNDLKHVKKLSTGHTLVMGRKTFESIGKPLPNRRNVVLTSDTSFNVEGVDVIHSIE
DIYQLPGHVFIFGGQTLFEEMIDKVDDMYITVIEGKFRGDTFFPPYTFEDWEVASSVEGKLDEKNTIPHTFLHLIRK
;
_entity_poly.pdbx_strand_id                 X 
_entity_poly.pdbx_target_identifier         ? 
# 
loop_
_pdbx_entity_nonpoly.entity_id 
_pdbx_entity_nonpoly.name 
_pdbx_entity_nonpoly.comp_id 
2 'NADPH DIHYDRO-NICOTINAMIDE-ADENINE-DINUCLEOTIDE PHOSPHATE'                                      NDP 
3 "5-[(3S)-3-(5-methoxy-2',6'-dimethylbiphenyl-3-yl)but-1-yn-1-yl]-6-methylpyrimidine-2,4-diamine" 52V 
4 water                                                                                            HOH 
# 
loop_
_entity_poly_seq.entity_id 
_entity_poly_seq.num 
_entity_poly_seq.mon_id 
_entity_poly_seq.hetero 
1 1   THR n 
1 2   LEU n 
1 3   SER n 
1 4   ILE n 
1 5   LEU n 
1 6   VAL n 
1 7   ALA n 
1 8   HIS n 
1 9   ASP n 
1 10  LEU n 
1 11  GLN n 
1 12  ARG n 
1 13  VAL n 
1 14  ILE n 
1 15  GLY n 
1 16  PHE n 
1 17  GLU n 
1 18  ASN n 
1 19  GLN n 
1 20  LEU n 
1 21  PRO n 
1 22  TRP n 
1 23  HIS n 
1 24  LEU n 
1 25  PRO n 
1 26  ASN n 
1 27  ASP n 
1 28  LEU n 
1 29  LYS n 
1 30  HIS n 
1 31  VAL n 
1 32  LYS n 
1 33  LYS n 
1 34  LEU n 
1 35  SER n 
1 36  THR n 
1 37  GLY n 
1 38  HIS n 
1 39  THR n 
1 40  LEU n 
1 41  VAL n 
1 42  MET n 
1 43  GLY n 
1 44  ARG n 
1 45  LYS n 
1 46  THR n 
1 47  PHE n 
1 48  GLU n 
1 49  SER n 
1 50  ILE n 
1 51  GLY n 
1 52  LYS n 
1 53  PRO n 
1 54  LEU n 
1 55  PRO n 
1 56  ASN n 
1 57  ARG n 
1 58  ARG n 
1 59  ASN n 
1 60  VAL n 
1 61  VAL n 
1 62  LEU n 
1 63  THR n 
1 64  SER n 
1 65  ASP n 
1 66  THR n 
1 67  SER n 
1 68  PHE n 
1 69  ASN n 
1 70  VAL n 
1 71  GLU n 
1 72  GLY n 
1 73  VAL n 
1 74  ASP n 
1 75  VAL n 
1 76  ILE n 
1 77  HIS n 
1 78  SER n 
1 79  ILE n 
1 80  GLU n 
1 81  ASP n 
1 82  ILE n 
1 83  TYR n 
1 84  GLN n 
1 85  LEU n 
1 86  PRO n 
1 87  GLY n 
1 88  HIS n 
1 89  VAL n 
1 90  PHE n 
1 91  ILE n 
1 92  PHE n 
1 93  GLY n 
1 94  GLY n 
1 95  GLN n 
1 96  THR n 
1 97  LEU n 
1 98  PHE n 
1 99  GLU n 
1 100 GLU n 
1 101 MET n 
1 102 ILE n 
1 103 ASP n 
1 104 LYS n 
1 105 VAL n 
1 106 ASP n 
1 107 ASP n 
1 108 MET n 
1 109 TYR n 
1 110 ILE n 
1 111 THR n 
1 112 VAL n 
1 113 ILE n 
1 114 GLU n 
1 115 GLY n 
1 116 LYS n 
1 117 PHE n 
1 118 ARG n 
1 119 GLY n 
1 120 ASP n 
1 121 THR n 
1 122 PHE n 
1 123 PHE n 
1 124 PRO n 
1 125 PRO n 
1 126 TYR n 
1 127 THR n 
1 128 PHE n 
1 129 GLU n 
1 130 ASP n 
1 131 TRP n 
1 132 GLU n 
1 133 VAL n 
1 134 ALA n 
1 135 SER n 
1 136 SER n 
1 137 VAL n 
1 138 GLU n 
1 139 GLY n 
1 140 LYS n 
1 141 LEU n 
1 142 ASP n 
1 143 GLU n 
1 144 LYS n 
1 145 ASN n 
1 146 THR n 
1 147 ILE n 
1 148 PRO n 
1 149 HIS n 
1 150 THR n 
1 151 PHE n 
1 152 LEU n 
1 153 HIS n 
1 154 LEU n 
1 155 ILE n 
1 156 ARG n 
1 157 LYS n 
# 
_entity_src_gen.entity_id                          1 
_entity_src_gen.pdbx_src_id                        1 
_entity_src_gen.pdbx_alt_source_flag               sample 
_entity_src_gen.pdbx_seq_type                      ? 
_entity_src_gen.pdbx_beg_seq_num                   ? 
_entity_src_gen.pdbx_end_seq_num                   ? 
_entity_src_gen.gene_src_common_name               ? 
_entity_src_gen.gene_src_genus                     ? 
_entity_src_gen.pdbx_gene_src_gene                 dfrB 
_entity_src_gen.gene_src_species                   ? 
_entity_src_gen.gene_src_strain                    ? 
_entity_src_gen.gene_src_tissue                    ? 
_entity_src_gen.gene_src_tissue_fraction           ? 
_entity_src_gen.gene_src_details                   ? 
_entity_src_gen.pdbx_gene_src_fragment             ? 
_entity_src_gen.pdbx_gene_src_scientific_name      'Staphylococcus aureus RF122' 
_entity_src_gen.pdbx_gene_src_ncbi_taxonomy_id     273036 
_entity_src_gen.pdbx_gene_src_variant              ? 
_entity_src_gen.pdbx_gene_src_cell_line            ? 
_entity_src_gen.pdbx_gene_src_atcc                 ? 
_entity_src_gen.pdbx_gene_src_organ                ? 
_entity_src_gen.pdbx_gene_src_organelle            ? 
_entity_src_gen.pdbx_gene_src_cell                 ? 
_entity_src_gen.pdbx_gene_src_cellular_location    ? 
_entity_src_gen.host_org_common_name               ? 
_entity_src_gen.pdbx_host_org_scientific_name      'Escherichia coli' 
_entity_src_gen.pdbx_host_org_ncbi_taxonomy_id     562 
_entity_src_gen.host_org_genus                     ? 
_entity_src_gen.pdbx_host_org_gene                 ? 
_entity_src_gen.pdbx_host_org_organ                ? 
_entity_src_gen.host_org_species                   ? 
_entity_src_gen.pdbx_host_org_tissue               ? 
_entity_src_gen.pdbx_host_org_tissue_fraction      ? 
_entity_src_gen.pdbx_host_org_strain               'BL21(DE3)' 
_entity_src_gen.pdbx_host_org_variant              ? 
_entity_src_gen.pdbx_host_org_cell_line            ? 
_entity_src_gen.pdbx_host_org_atcc                 ? 
_entity_src_gen.pdbx_host_org_culture_collection   ? 
_entity_src_gen.pdbx_host_org_cell                 ? 
_entity_src_gen.pdbx_host_org_organelle            ? 
_entity_src_gen.pdbx_host_org_cellular_location    ? 
_entity_src_gen.pdbx_host_org_vector_type          Plasmid 
_entity_src_gen.pdbx_host_org_vector               ? 
_entity_src_gen.host_org_details                   ? 
_entity_src_gen.expression_system_id               ? 
_entity_src_gen.plasmid_name                       pET41 
_entity_src_gen.plasmid_details                    ? 
_entity_src_gen.pdbx_description                   ? 
# 
loop_
_chem_comp.id 
_chem_comp.type 
_chem_comp.mon_nstd_flag 
_chem_comp.name 
_chem_comp.pdbx_synonyms 
_chem_comp.formula 
_chem_comp.formula_weight 
52V non-polymer         . "5-[(3S)-3-(5-methoxy-2',6'-dimethylbiphenyl-3-yl)but-1-yn-1-yl]-6-methylpyrimidine-2,4-diamine" ? 
'C24 H26 N4 O'      386.489 
ALA 'L-peptide linking' y ALANINE                                                                                          ? 
'C3 H7 N O2'        89.093  
ARG 'L-peptide linking' y ARGININE                                                                                         ? 
'C6 H15 N4 O2 1'    175.209 
ASN 'L-peptide linking' y ASPARAGINE                                                                                       ? 
'C4 H8 N2 O3'       132.118 
ASP 'L-peptide linking' y 'ASPARTIC ACID'                                                                                  ? 
'C4 H7 N O4'        133.103 
GLN 'L-peptide linking' y GLUTAMINE                                                                                        ? 
'C5 H10 N2 O3'      146.144 
GLU 'L-peptide linking' y 'GLUTAMIC ACID'                                                                                  ? 
'C5 H9 N O4'        147.129 
GLY 'peptide linking'   y GLYCINE                                                                                          ? 
'C2 H5 N O2'        75.067  
HIS 'L-peptide linking' y HISTIDINE                                                                                        ? 
'C6 H10 N3 O2 1'    156.162 
HOH non-polymer         . WATER                                                                                            ? 
'H2 O'              18.015  
ILE 'L-peptide linking' y ISOLEUCINE                                                                                       ? 
'C6 H13 N O2'       131.173 
LEU 'L-peptide linking' y LEUCINE                                                                                          ? 
'C6 H13 N O2'       131.173 
LYS 'L-peptide linking' y LYSINE                                                                                           ? 
'C6 H15 N2 O2 1'    147.195 
MET 'L-peptide linking' y METHIONINE                                                                                       ? 
'C5 H11 N O2 S'     149.211 
NDP non-polymer         . 'NADPH DIHYDRO-NICOTINAMIDE-ADENINE-DINUCLEOTIDE PHOSPHATE'                                      ? 
'C21 H30 N7 O17 P3' 745.421 
PHE 'L-peptide linking' y PHENYLALANINE                                                                                    ? 
'C9 H11 N O2'       165.189 
PRO 'L-peptide linking' y PROLINE                                                                                          ? 
'C5 H9 N O2'        115.130 
SER 'L-peptide linking' y SERINE                                                                                           ? 
'C3 H7 N O3'        105.093 
THR 'L-peptide linking' y THREONINE                                                                                        ? 
'C4 H9 N O3'        119.119 
TRP 'L-peptide linking' y TRYPTOPHAN                                                                                       ? 
'C11 H12 N2 O2'     204.225 
TYR 'L-peptide linking' y TYROSINE                                                                                         ? 
'C9 H11 N O3'       181.189 
VAL 'L-peptide linking' y VALINE                                                                                           ? 
'C5 H11 N O2'       117.146 
# 
loop_
_pdbx_poly_seq_scheme.asym_id 
_pdbx_poly_seq_scheme.entity_id 
_pdbx_poly_seq_scheme.seq_id 
_pdbx_poly_seq_scheme.mon_id 
_pdbx_poly_seq_scheme.ndb_seq_num 
_pdbx_poly_seq_scheme.pdb_seq_num 
_pdbx_poly_seq_scheme.auth_seq_num 
_pdbx_poly_seq_scheme.pdb_mon_id 
_pdbx_poly_seq_scheme.auth_mon_id 
_pdbx_poly_seq_scheme.pdb_strand_id 
_pdbx_poly_seq_scheme.pdb_ins_code 
_pdbx_poly_seq_scheme.hetero 
A 1 1   THR 1   1   1   THR THR X . n 
A 1 2   LEU 2   2   2   LEU LEU X . n 
A 1 3   SER 3   3   3   SER SER X . n 
A 1 4   ILE 4   4   4   ILE ILE X . n 
A 1 5   LEU 5   5   5   LEU LEU X . n 
A 1 6   VAL 6   6   6   VAL VAL X . n 
A 1 7   ALA 7   7   7   ALA ALA X . n 
A 1 8   HIS 8   8   8   HIS HIS X . n 
A 1 9   ASP 9   9   9   ASP ASP X . n 
A 1 10  LEU 10  10  10  LEU LEU X . n 
A 1 11  GLN 11  11  11  GLN GLN X . n 
A 1 12  ARG 12  12  12  ARG ARG X . n 
A 1 13  VAL 13  13  13  VAL VAL X . n 
A 1 14  ILE 14  14  14  ILE ILE X . n 
A 1 15  GLY 15  15  15  GLY GLY X . n 
A 1 16  PHE 16  16  16  PHE PHE X . n 
A 1 17  GLU 17  17  17  GLU GLU X . n 
A 1 18  ASN 18  18  18  ASN ASN X . n 
A 1 19  GLN 19  19  19  GLN GLN X . n 
A 1 20  LEU 20  20  20  LEU LEU X . n 
A 1 21  PRO 21  21  21  PRO PRO X . n 
A 1 22  TRP 22  22  22  TRP TRP X . n 
A 1 23  HIS 23  23  23  HIS HIS X . n 
A 1 24  LEU 24  24  24  LEU LEU X . n 
A 1 25  PRO 25  25  25  PRO PRO X . n 
A 1 26  ASN 26  26  26  ASN ASN X . n 
A 1 27  ASP 27  27  27  ASP ASP X . n 
A 1 28  LEU 28  28  28  LEU LEU X . n 
A 1 29  LYS 29  29  29  LYS LYS X . n 
A 1 30  HIS 30  30  30  HIS HIS X . n 
A 1 31  VAL 31  31  31  VAL VAL X . n 
A 1 32  LYS 32  32  32  LYS LYS X . n 
A 1 33  LYS 33  33  33  LYS LYS X . n 
A 1 34  LEU 34  34  34  LEU LEU X . n 
A 1 35  SER 35  35  35  SER SER X . n 
A 1 36  THR 36  36  36  THR THR X . n 
A 1 37  GLY 37  37  37  GLY GLY X . n 
A 1 38  HIS 38  38  38  HIS HIS X . n 
A 1 39  THR 39  39  39  THR THR X . n 
A 1 40  LEU 40  40  40  LEU LEU X . n 
A 1 41  VAL 41  41  41  VAL VAL X . n 
A 1 42  MET 42  42  42  MET MET X . n 
A 1 43  GLY 43  43  43  GLY GLY X . n 
A 1 44  ARG 44  44  44  ARG ARG X . n 
A 1 45  LYS 45  45  45  LYS LYS X . n 
A 1 46  THR 46  46  46  THR THR X . n 
A 1 47  PHE 47  47  47  PHE PHE X . n 
A 1 48  GLU 48  48  48  GLU GLU X . n 
A 1 49  SER 49  49  49  SER SER X . n 
A 1 50  ILE 50  50  50  ILE ILE X . n 
A 1 51  GLY 51  51  51  GLY GLY X . n 
A 1 52  LYS 52  52  52  LYS LYS X . n 
A 1 53  PRO 53  53  53  PRO PRO X . n 
A 1 54  LEU 54  54  54  LEU LEU X . n 
A 1 55  PRO 55  55  55  PRO PRO X . n 
A 1 56  ASN 56  56  56  ASN ASN X . n 
A 1 57  ARG 57  57  57  ARG ARG X . n 
A 1 58  ARG 58  58  58  ARG ARG X . n 
A 1 59  ASN 59  59  59  ASN ASN X . n 
A 1 60  VAL 60  60  60  VAL VAL X . n 
A 1 61  VAL 61  61  61  VAL VAL X . n 
A 1 62  LEU 62  62  62  LEU LEU X . n 
A 1 63  THR 63  63  63  THR THR X . n 
A 1 64  SER 64  64  64  SER SER X . n 
A 1 65  ASP 65  65  65  ASP ASP X . n 
A 1 66  THR 66  66  66  THR THR X . n 
A 1 67  SER 67  67  67  SER SER X . n 
A 1 68  PHE 68  68  68  PHE PHE X . n 
A 1 69  ASN 69  69  69  ASN ASN X . n 
A 1 70  VAL 70  70  70  VAL VAL X . n 
A 1 71  GLU 71  71  71  GLU GLU X . n 
A 1 72  GLY 72  72  72  GLY GLY X . n 
A 1 73  VAL 73  73  73  VAL VAL X . n 
A 1 74  ASP 74  74  74  ASP ASP X . n 
A 1 75  VAL 75  75  75  VAL VAL X . n 
A 1 76  ILE 76  76  76  ILE ILE X . n 
A 1 77  HIS 77  77  77  HIS HIS X . n 
A 1 78  SER 78  78  78  SER SER X . n 
A 1 79  ILE 79  79  79  ILE ILE X . n 
A 1 80  GLU 80  80  80  GLU GLU X . n 
A 1 81  ASP 81  81  81  ASP ASP X . n 
A 1 82  ILE 82  82  82  ILE ILE X . n 
A 1 83  TYR 83  83  83  TYR TYR X . n 
A 1 84  GLN 84  84  84  GLN GLN X . n 
A 1 85  LEU 85  85  85  LEU LEU X . n 
A 1 86  PRO 86  86  86  PRO PRO X . n 
A 1 87  GLY 87  87  87  GLY GLY X . n 
A 1 88  HIS 88  88  88  HIS HIS X . n 
A 1 89  VAL 89  89  89  VAL VAL X . n 
A 1 90  PHE 90  90  90  PHE PHE X . n 
A 1 91  ILE 91  91  91  ILE ILE X . n 
A 1 92  PHE 92  92  92  PHE PHE X . n 
A 1 93  GLY 93  93  93  GLY GLY X . n 
A 1 94  GLY 94  94  94  GLY GLY X . n 
A 1 95  GLN 95  95  95  GLN GLN X . n 
A 1 96  THR 96  96  96  THR THR X . n 
A 1 97  LEU 97  97  97  LEU LEU X . n 
A 1 98  PHE 98  98  98  PHE PHE X . n 
A 1 99  GLU 99  99  99  GLU GLU X . n 
A 1 100 GLU 100 100 100 GLU GLU X . n 
A 1 101 MET 101 101 101 MET MET X . n 
A 1 102 ILE 102 102 102 ILE ILE X . n 
A 1 103 ASP 103 103 103 ASP ASP X . n 
A 1 104 LYS 104 104 104 LYS LYS X . n 
A 1 105 VAL 105 105 105 VAL VAL X . n 
A 1 106 ASP 106 106 106 ASP ASP X . n 
A 1 107 ASP 107 107 107 ASP ASP X . n 
A 1 108 MET 108 108 108 MET MET X . n 
A 1 109 TYR 109 109 109 TYR TYR X . n 
A 1 110 ILE 110 110 110 ILE ILE X . n 
A 1 111 THR 111 111 111 THR THR X . n 
A 1 112 VAL 112 112 112 VAL VAL X . n 
A 1 113 ILE 113 113 113 ILE ILE X . n 
A 1 114 GLU 114 114 114 GLU GLU X . n 
A 1 115 GLY 115 115 115 GLY GLY X . n 
A 1 116 LYS 116 116 116 LYS LYS X . n 
A 1 117 PHE 117 117 117 PHE PHE X . n 
A 1 118 ARG 118 118 118 ARG ARG X . n 
A 1 119 GLY 119 119 119 GLY GLY X . n 
A 1 120 ASP 120 120 120 ASP ASP X . n 
A 1 121 THR 121 121 121 THR THR X . n 
A 1 122 PHE 122 122 122 PHE PHE X . n 
A 1 123 PHE 123 123 123 PHE PHE X . n 
A 1 124 PRO 124 124 124 PRO PRO X . n 
A 1 125 PRO 125 125 125 PRO PRO X . n 
A 1 126 TYR 126 126 126 TYR TYR X . n 
A 1 127 THR 127 127 127 THR THR X . n 
A 1 128 PHE 128 128 128 PHE PHE X . n 
A 1 129 GLU 129 129 129 GLU GLU X . n 
A 1 130 ASP 130 130 130 ASP ASP X . n 
A 1 131 TRP 131 131 131 TRP TRP X . n 
A 1 132 GLU 132 132 132 GLU GLU X . n 
A 1 133 VAL 133 133 133 VAL VAL X . n 
A 1 134 ALA 134 134 134 ALA ALA X . n 
A 1 135 SER 135 135 135 SER SER X . n 
A 1 136 SER 136 136 136 SER SER X . n 
A 1 137 VAL 137 137 137 VAL VAL X . n 
A 1 138 GLU 138 138 138 GLU GLU X . n 
A 1 139 GLY 139 139 139 GLY GLY X . n 
A 1 140 LYS 140 140 140 LYS LYS X . n 
A 1 141 LEU 141 141 141 LEU LEU X . n 
A 1 142 ASP 142 142 142 ASP ASP X . n 
A 1 143 GLU 143 143 143 GLU GLU X . n 
A 1 144 LYS 144 144 144 LYS LYS X . n 
A 1 145 ASN 145 145 145 ASN ASN X . n 
A 1 146 THR 146 146 146 THR THR X . n 
A 1 147 ILE 147 147 147 ILE ILE X . n 
A 1 148 PRO 148 148 148 PRO PRO X . n 
A 1 149 HIS 149 149 149 HIS HIS X . n 
A 1 150 THR 150 150 150 THR THR X . n 
A 1 151 PHE 151 151 151 PHE PHE X . n 
A 1 152 LEU 152 152 152 LEU LEU X . n 
A 1 153 HIS 153 153 153 HIS HIS X . n 
A 1 154 LEU 154 154 154 LEU LEU X . n 
A 1 155 ILE 155 155 155 ILE ILE X . n 
A 1 156 ARG 156 156 156 ARG ARG X . n 
A 1 157 LYS 157 157 157 LYS LYS X . n 
# 
loop_
_pdbx_nonpoly_scheme.asym_id 
_pdbx_nonpoly_scheme.entity_id 
_pdbx_nonpoly_scheme.mon_id 
_pdbx_nonpoly_scheme.ndb_seq_num 
_pdbx_nonpoly_scheme.pdb_seq_num 
_pdbx_nonpoly_scheme.auth_seq_num 
_pdbx_nonpoly_scheme.pdb_mon_id 
_pdbx_nonpoly_scheme.auth_mon_id 
_pdbx_nonpoly_scheme.pdb_strand_id 
_pdbx_nonpoly_scheme.pdb_ins_code 
B 2 NDP 1   207 207 NDP NAP X . 
C 3 52V 1   158 1   52V 52V X . 
D 4 HOH 1   159 1   HOH HOH X . 
D 4 HOH 2   160 2   HOH HOH X . 
D 4 HOH 3   161 3   HOH HOH X . 
D 4 HOH 4   162 4   HOH HOH X . 
D 4 HOH 5   163 5   HOH HOH X . 
D 4 HOH 6   164 6   HOH HOH X . 
D 4 HOH 7   165 7   HOH HOH X . 
D 4 HOH 8   166 8   HOH HOH X . 
D 4 HOH 9   167 9   HOH HOH X . 
D 4 HOH 10  168 10  HOH HOH X . 
D 4 HOH 11  169 12  HOH HOH X . 
D 4 HOH 12  170 13  HOH HOH X . 
D 4 HOH 13  171 14  HOH HOH X . 
D 4 HOH 14  172 15  HOH HOH X . 
D 4 HOH 15  173 16  HOH HOH X . 
D 4 HOH 16  174 17  HOH HOH X . 
D 4 HOH 17  175 18  HOH HOH X . 
D 4 HOH 18  176 19  HOH HOH X . 
D 4 HOH 19  177 20  HOH HOH X . 
D 4 HOH 20  178 21  HOH HOH X . 
D 4 HOH 21  179 22  HOH HOH X . 
D 4 HOH 22  180 23  HOH HOH X . 
D 4 HOH 23  181 24  HOH HOH X . 
D 4 HOH 24  182 25  HOH HOH X . 
D 4 HOH 25  183 26  HOH HOH X . 
D 4 HOH 26  184 27  HOH HOH X . 
D 4 HOH 27  185 28  HOH HOH X . 
D 4 HOH 28  186 29  HOH HOH X . 
D 4 HOH 29  187 30  HOH HOH X . 
D 4 HOH 30  188 31  HOH HOH X . 
D 4 HOH 31  189 32  HOH HOH X . 
D 4 HOH 32  190 33  HOH HOH X . 
D 4 HOH 33  191 34  HOH HOH X . 
D 4 HOH 34  192 35  HOH HOH X . 
D 4 HOH 35  193 36  HOH HOH X . 
D 4 HOH 36  194 37  HOH HOH X . 
D 4 HOH 37  195 38  HOH HOH X . 
D 4 HOH 38  196 39  HOH HOH X . 
D 4 HOH 39  197 40  HOH HOH X . 
D 4 HOH 40  198 41  HOH HOH X . 
D 4 HOH 41  199 42  HOH HOH X . 
D 4 HOH 42  200 43  HOH HOH X . 
D 4 HOH 43  201 44  HOH HOH X . 
D 4 HOH 44  202 45  HOH HOH X . 
D 4 HOH 45  203 46  HOH HOH X . 
D 4 HOH 46  204 47  HOH HOH X . 
D 4 HOH 47  205 48  HOH HOH X . 
D 4 HOH 48  206 49  HOH HOH X . 
D 4 HOH 49  208 50  HOH HOH X . 
D 4 HOH 50  209 51  HOH HOH X . 
D 4 HOH 51  210 53  HOH HOH X . 
D 4 HOH 52  211 54  HOH HOH X . 
D 4 HOH 53  212 55  HOH HOH X . 
D 4 HOH 54  213 56  HOH HOH X . 
D 4 HOH 55  214 58  HOH HOH X . 
D 4 HOH 56  215 59  HOH HOH X . 
D 4 HOH 57  216 60  HOH HOH X . 
D 4 HOH 58  217 62  HOH HOH X . 
D 4 HOH 59  218 63  HOH HOH X . 
D 4 HOH 60  219 64  HOH HOH X . 
D 4 HOH 61  220 66  HOH HOH X . 
D 4 HOH 62  221 67  HOH HOH X . 
D 4 HOH 63  222 68  HOH HOH X . 
D 4 HOH 64  223 69  HOH HOH X . 
D 4 HOH 65  224 70  HOH HOH X . 
D 4 HOH 66  225 71  HOH HOH X . 
D 4 HOH 67  226 72  HOH HOH X . 
D 4 HOH 68  227 73  HOH HOH X . 
D 4 HOH 69  228 74  HOH HOH X . 
D 4 HOH 70  229 75  HOH HOH X . 
D 4 HOH 71  230 76  HOH HOH X . 
D 4 HOH 72  231 77  HOH HOH X . 
D 4 HOH 73  232 78  HOH HOH X . 
D 4 HOH 74  233 80  HOH HOH X . 
D 4 HOH 75  234 81  HOH HOH X . 
D 4 HOH 76  235 82  HOH HOH X . 
D 4 HOH 77  236 83  HOH HOH X . 
D 4 HOH 78  237 84  HOH HOH X . 
D 4 HOH 79  238 85  HOH HOH X . 
D 4 HOH 80  239 86  HOH HOH X . 
D 4 HOH 81  240 88  HOH HOH X . 
D 4 HOH 82  241 89  HOH HOH X . 
D 4 HOH 83  242 92  HOH HOH X . 
D 4 HOH 84  243 94  HOH HOH X . 
D 4 HOH 85  244 95  HOH HOH X . 
D 4 HOH 86  245 96  HOH HOH X . 
D 4 HOH 87  246 97  HOH HOH X . 
D 4 HOH 88  247 99  HOH HOH X . 
D 4 HOH 89  248 100 HOH HOH X . 
D 4 HOH 90  249 101 HOH HOH X . 
D 4 HOH 91  250 103 HOH HOH X . 
D 4 HOH 92  251 104 HOH HOH X . 
D 4 HOH 93  252 105 HOH HOH X . 
D 4 HOH 94  253 106 HOH HOH X . 
D 4 HOH 95  254 107 HOH HOH X . 
D 4 HOH 96  255 108 HOH HOH X . 
D 4 HOH 97  256 109 HOH HOH X . 
D 4 HOH 98  257 113 HOH HOH X . 
D 4 HOH 99  258 115 HOH HOH X . 
D 4 HOH 100 259 117 HOH HOH X . 
D 4 HOH 101 260 120 HOH HOH X . 
D 4 HOH 102 261 123 HOH HOH X . 
D 4 HOH 103 262 124 HOH HOH X . 
D 4 HOH 104 263 126 HOH HOH X . 
D 4 HOH 105 264 127 HOH HOH X . 
D 4 HOH 106 265 129 HOH HOH X . 
D 4 HOH 107 266 130 HOH HOH X . 
D 4 HOH 108 267 132 HOH HOH X . 
D 4 HOH 109 268 137 HOH HOH X . 
D 4 HOH 110 269 140 HOH HOH X . 
D 4 HOH 111 270 141 HOH HOH X . 
D 4 HOH 112 271 144 HOH HOH X . 
D 4 HOH 113 272 145 HOH HOH X . 
D 4 HOH 114 273 146 HOH HOH X . 
D 4 HOH 115 274 150 HOH HOH X . 
D 4 HOH 116 275 151 HOH HOH X . 
D 4 HOH 117 276 152 HOH HOH X . 
D 4 HOH 118 277 153 HOH HOH X . 
D 4 HOH 119 278 154 HOH HOH X . 
D 4 HOH 120 279 155 HOH HOH X . 
D 4 HOH 121 280 156 HOH HOH X . 
# 
loop_
_software.name 
_software.version 
_software.date 
_software.type 
_software.contact_author 
_software.contact_author_email 
_software.classification 
_software.location 
_software.language 
_software.citation_id 
_software.pdbx_ordinal 
REFMAC      5.2.0019 ?               program 'Garib N. Murshudov' garib@ysbl.york.ac.uk refinement        
http://www.ccp4.ac.uk/dist/html/refmac5.html Fortran_77 ? 1 
PDB_EXTRACT 3.006    'June 11, 2008' package PDB                  help@deposit.rcsb.org 'data extraction' 
http://sw-tools.pdb.org/apps/PDB_EXTRACT/    C++        ? 2 
CBASS       .        ?               ?       ?                    ?                     'data collection' ? ?          ? 3 
HKL-2000    .        ?               ?       ?                    ?                     'data reduction'  ? ?          ? 4 
SCALEPACK   .        ?               ?       ?                    ?                     'data scaling'    ? ?          ? 5 
Coot        .        ?               ?       ?                    ?                     'model building'  ? ?          ? 6 
# 
_cell.entry_id           3F0Q 
_cell.length_a           79.161 
_cell.length_b           79.161 
_cell.length_c           108.801 
_cell.angle_alpha        90.00 
_cell.angle_beta         90.00 
_cell.angle_gamma        120.00 
_cell.Z_PDB              12 
_cell.pdbx_unique_axis   ? 
_cell.length_a_esd       ? 
_cell.length_b_esd       ? 
_cell.length_c_esd       ? 
_cell.angle_alpha_esd    ? 
_cell.angle_beta_esd     ? 
_cell.angle_gamma_esd    ? 
# 
_symmetry.entry_id                         3F0Q 
_symmetry.space_group_name_H-M             'P 61 2 2' 
_symmetry.pdbx_full_space_group_name_H-M   ? 
_symmetry.cell_setting                     ? 
_symmetry.Int_Tables_number                178 
_symmetry.space_group_name_Hall            ? 
# 
_exptl.crystals_number   1 
_exptl.entry_id          3F0Q 
_exptl.method            'X-RAY DIFFRACTION' 
# 
_exptl_crystal.id                    1 
_exptl_crystal.density_Matthews      2.73 
_exptl_crystal.density_meas          ? 
_exptl_crystal.density_percent_sol   54.96 
_exptl_crystal.description           ? 
_exptl_crystal.F_000                 ? 
_exptl_crystal.preparation           ? 
# 
_exptl_crystal_grow.crystal_id      1 
_exptl_crystal_grow.method          'VAPOR DIFFUSION, HANGING DROP' 
_exptl_crystal_grow.pH              6.5 
_exptl_crystal_grow.temp            277 
_exptl_crystal_grow.temp_details    ? 
_exptl_crystal_grow.pdbx_details    
'15 % PEG 10000, 150 mM Sodium acetate, 100 mM MES pH 6.5, 5 % Butyrlactone, VAPOR DIFFUSION, HANGING DROP, temperature 277K' 
_exptl_crystal_grow.pdbx_pH_range   ? 
# 
_diffrn.id                     1 
_diffrn.ambient_temp           77.2 
_diffrn.ambient_temp_details   ? 
_diffrn.crystal_id             1 
# 
_diffrn_detector.diffrn_id              1 
_diffrn_detector.detector               CCD 
_diffrn_detector.type                   'ADSC QUANTUM 315' 
_diffrn_detector.pdbx_collection_date   2008-06-20 
_diffrn_detector.details                ? 
# 
_diffrn_radiation.diffrn_id                        1 
_diffrn_radiation.wavelength_id                    1 
_diffrn_radiation.pdbx_diffrn_protocol             'SINGLE WAVELENGTH' 
_diffrn_radiation.monochromator                    ? 
_diffrn_radiation.pdbx_monochromatic_or_laue_m_l   M 
_diffrn_radiation.pdbx_scattering_type             x-ray 
# 
_diffrn_radiation_wavelength.id           1 
_diffrn_radiation_wavelength.wavelength   1.080900 
_diffrn_radiation_wavelength.wt           1.0 
# 
_diffrn_source.diffrn_id                   1 
_diffrn_source.source                      SYNCHROTRON 
_diffrn_source.type                        'NSLS BEAMLINE X29A' 
_diffrn_source.pdbx_wavelength             ? 
_diffrn_source.pdbx_wavelength_list        1.080900 
_diffrn_source.pdbx_synchrotron_site       NSLS 
_diffrn_source.pdbx_synchrotron_beamline   X29A 
# 
_reflns.entry_id                     3F0Q 
_reflns.observed_criterion_sigma_F   ? 
_reflns.observed_criterion_sigma_I   -3.00 
_reflns.d_resolution_high            2.08 
_reflns.d_resolution_low             25.92 
_reflns.number_all                   10908 
_reflns.number_obs                   10908 
_reflns.percent_possible_obs         87.9 
_reflns.pdbx_Rmerge_I_obs            0.050 
_reflns.pdbx_Rsym_value              0.050 
_reflns.pdbx_netI_over_sigmaI        8.6 
_reflns.B_iso_Wilson_estimate        ? 
_reflns.pdbx_redundancy              10.4 
_reflns.R_free_details               ? 
_reflns.limit_h_max                  ? 
_reflns.limit_h_min                  ? 
_reflns.limit_k_max                  ? 
_reflns.limit_k_min                  ? 
_reflns.limit_l_max                  ? 
_reflns.limit_l_min                  ? 
_reflns.observed_criterion_F_max     ? 
_reflns.observed_criterion_F_min     ? 
_reflns.pdbx_chi_squared             ? 
_reflns.pdbx_scaling_rejects         ? 
_reflns.pdbx_ordinal                 1 
_reflns.pdbx_diffrn_id               1 
# 
_reflns_shell.d_res_high             2.08 
_reflns_shell.d_res_low              2.29 
_reflns_shell.percent_possible_obs   ? 
_reflns_shell.percent_possible_all   95.3 
_reflns_shell.Rmerge_I_obs           0.143 
_reflns_shell.meanI_over_sigI_obs    2.7 
_reflns_shell.pdbx_Rsym_value        0.143 
_reflns_shell.pdbx_redundancy        12.2 
_reflns_shell.number_unique_all      782 
_reflns_shell.number_measured_all    ? 
_reflns_shell.number_measured_obs    ? 
_reflns_shell.number_unique_obs      ? 
_reflns_shell.pdbx_chi_squared       ? 
_reflns_shell.pdbx_ordinal           1 
_reflns_shell.pdbx_diffrn_id         1 
# 
_refine.entry_id                                 3F0Q 
_refine.ls_d_res_high                            2.080 
_refine.ls_d_res_low                             25.920 
_refine.pdbx_ls_sigma_F                          0.00 
_refine.ls_percent_reflns_obs                    93.000 
_refine.ls_number_reflns_obs                     10908 
_refine.pdbx_ls_cross_valid_method               THROUGHOUT 
_refine.pdbx_R_Free_selection_details            RANDOM 
_refine.details                                  'HYDROGENS HAVE BEEN ADDED IN THE RIDING POSITIONS' 
_refine.ls_R_factor_obs                          0.196 
_refine.ls_R_factor_R_work                       0.195 
_refine.ls_R_factor_R_free                       0.231 
_refine.ls_percent_reflns_R_free                 4.800 
_refine.ls_number_reflns_R_free                  548 
_refine.B_iso_mean                               20.644 
_refine.aniso_B[1][1]                            -0.050 
_refine.aniso_B[2][2]                            -0.050 
_refine.aniso_B[3][3]                            0.080 
_refine.aniso_B[1][2]                            -0.030 
_refine.aniso_B[1][3]                            -0.000 
_refine.aniso_B[2][3]                            0.000 
_refine.correlation_coeff_Fo_to_Fc               0.943 
_refine.correlation_coeff_Fo_to_Fc_free          0.922 
_refine.pdbx_overall_ESU_R                       0.231 
_refine.pdbx_overall_ESU_R_Free                  0.185 
_refine.overall_SU_ML                            0.123 
_refine.overall_SU_B                             4.570 
_refine.solvent_model_details                    MASK 
_refine.pdbx_solvent_vdw_probe_radii             1.200 
_refine.pdbx_solvent_ion_probe_radii             0.800 
_refine.pdbx_solvent_shrinkage_radii             0.800 
_refine.pdbx_method_to_determine_struct          'FOURIER SYNTHESIS' 
_refine.pdbx_stereochemistry_target_values       'MAXIMUM LIKELIHOOD' 
_refine.B_iso_max                                191.93 
_refine.B_iso_min                                6.56 
_refine.occupancy_max                            1.00 
_refine.occupancy_min                            0.50 
_refine.pdbx_ls_sigma_I                          ? 
_refine.ls_number_reflns_all                     10908 
_refine.ls_R_factor_all                          0.196 
_refine.ls_redundancy_reflns_obs                 ? 
_refine.pdbx_data_cutoff_high_absF               ? 
_refine.pdbx_data_cutoff_low_absF                ? 
_refine.ls_number_parameters                     ? 
_refine.ls_number_restraints                     ? 
_refine.ls_R_factor_R_free_error                 ? 
_refine.ls_R_factor_R_free_error_details         ? 
_refine.pdbx_starting_model                      
'Sa F98Y DHFR bound to Folate and NADPH (Dale et al., J.Mol.Biol. 1997, structure not deposited in the PDB)' 
_refine.pdbx_stereochem_target_val_spec_case     ? 
_refine.solvent_model_param_bsol                 ? 
_refine.solvent_model_param_ksol                 ? 
_refine.pdbx_isotropic_thermal_model             ? 
_refine.overall_SU_R_Cruickshank_DPI             ? 
_refine.overall_SU_R_free                        ? 
_refine.pdbx_data_cutoff_high_rms_absF           ? 
_refine.ls_wR_factor_R_free                      ? 
_refine.ls_wR_factor_R_work                      ? 
_refine.overall_FOM_free_R_set                   ? 
_refine.overall_FOM_work_R_set                   ? 
_refine.pdbx_overall_phase_error                 ? 
_refine.pdbx_refine_id                           'X-RAY DIFFRACTION' 
_refine.pdbx_diffrn_id                           1 
_refine.pdbx_TLS_residual_ADP_flag               ? 
_refine.pdbx_overall_SU_R_free_Cruickshank_DPI   ? 
_refine.pdbx_overall_SU_R_Blow_DPI               ? 
_refine.pdbx_overall_SU_R_free_Blow_DPI          ? 
# 
_refine_hist.pdbx_refine_id                   'X-RAY DIFFRACTION' 
_refine_hist.cycle_id                         LAST 
_refine_hist.pdbx_number_atoms_protein        1273 
_refine_hist.pdbx_number_atoms_nucleic_acid   0 
_refine_hist.pdbx_number_atoms_ligand         77 
_refine_hist.number_atoms_solvent             121 
_refine_hist.number_atoms_total               1471 
_refine_hist.d_res_high                       2.080 
_refine_hist.d_res_low                        25.920 
# 
loop_
_refine_ls_restr.type 
_refine_ls_restr.number 
_refine_ls_restr.dev_ideal 
_refine_ls_restr.dev_ideal_target 
_refine_ls_restr.weight 
_refine_ls_restr.pdbx_refine_id 
_refine_ls_restr.pdbx_restraint_function 
r_bond_refined_d         1389 0.010  0.022  ? 'X-RAY DIFFRACTION' ? 
r_angle_refined_deg      1896 1.380  2.018  ? 'X-RAY DIFFRACTION' ? 
r_dihedral_angle_1_deg   156  6.251  5.000  ? 'X-RAY DIFFRACTION' ? 
r_dihedral_angle_2_deg   62   35.876 24.194 ? 'X-RAY DIFFRACTION' ? 
r_dihedral_angle_3_deg   226  14.358 15.000 ? 'X-RAY DIFFRACTION' ? 
r_dihedral_angle_4_deg   6    19.583 15.000 ? 'X-RAY DIFFRACTION' ? 
r_chiral_restr           208  0.084  0.200  ? 'X-RAY DIFFRACTION' ? 
r_gen_planes_refined     1039 0.004  0.020  ? 'X-RAY DIFFRACTION' ? 
r_nbd_refined            604  0.212  0.200  ? 'X-RAY DIFFRACTION' ? 
r_nbtor_refined          929  0.308  0.200  ? 'X-RAY DIFFRACTION' ? 
r_xyhbond_nbd_refined    136  0.162  0.200  ? 'X-RAY DIFFRACTION' ? 
r_symmetry_vdw_refined   31   0.246  0.200  ? 'X-RAY DIFFRACTION' ? 
r_symmetry_hbond_refined 17   0.214  0.200  ? 'X-RAY DIFFRACTION' ? 
r_mcbond_it              807  0.750  1.500  ? 'X-RAY DIFFRACTION' ? 
r_mcangle_it             1282 1.283  2.000  ? 'X-RAY DIFFRACTION' ? 
r_scbond_it              685  1.682  3.000  ? 'X-RAY DIFFRACTION' ? 
r_scangle_it             614  2.496  4.500  ? 'X-RAY DIFFRACTION' ? 
# 
_refine_ls_shell.d_res_high                       2.080 
_refine_ls_shell.d_res_low                        2.290 
_refine_ls_shell.pdbx_total_number_of_bins_used   20 
_refine_ls_shell.percent_reflns_obs               95.520 
_refine_ls_shell.number_reflns_R_work             782 
_refine_ls_shell.R_factor_all                     ? 
_refine_ls_shell.R_factor_R_work                  0.208 
_refine_ls_shell.R_factor_R_free                  0.276 
_refine_ls_shell.percent_reflns_R_free            ? 
_refine_ls_shell.number_reflns_R_free             49 
_refine_ls_shell.R_factor_R_free_error            ? 
_refine_ls_shell.number_reflns_all                831 
_refine_ls_shell.number_reflns_obs                10908 
_refine_ls_shell.redundancy_reflns_obs            ? 
_refine_ls_shell.pdbx_refine_id                   'X-RAY DIFFRACTION' 
# 
_struct.entry_id                  3F0Q 
_struct.title                     
;Staphylococcus aureus dihydrofolate reductase complexed with NADPH and 2,4-Diamino-5-[3-(3-methoxy-5-(2,6-dimethylphenyl)phenyl)but-1-ynyl]-6-methylpyrimidine
;
_struct.pdbx_model_details        ? 
_struct.pdbx_CASP_flag            ? 
_struct.pdbx_model_type_details   ? 
# 
_struct_keywords.entry_id        3F0Q 
_struct_keywords.pdbx_keywords   OXIDOREDUCTASE 
_struct_keywords.text            oxidoreductase 
# 
loop_
_struct_asym.id 
_struct_asym.pdbx_blank_PDB_chainid_flag 
_struct_asym.pdbx_modified 
_struct_asym.entity_id 
_struct_asym.details 
A N N 1 ? 
B N N 2 ? 
C N N 3 ? 
D N N 4 ? 
# 
_struct_ref.id                         1 
_struct_ref.db_name                    UNP 
_struct_ref.db_code                    Q2YY41_STAAB 
_struct_ref.pdbx_db_accession          Q2YY41 
_struct_ref.entity_id                  1 
_struct_ref.pdbx_seq_one_letter_code   
;TLSILVAHDLQRVIGFENQLPWHLPNDLKHVKKLSTGHTLVMGRKTFESIGKPLPNRRNVVLTSDTSFNVEGVDVIHSIE
DIYQLPGHVFIFGGQTLFEEMIDKVDDMYITVIEGKFRGDTFFPPYTFEDWEVASSVEGKLDEKNTIPHTFLHLIRK
;
_struct_ref.pdbx_align_begin           2 
_struct_ref.pdbx_db_isoform            ? 
# 
_struct_ref_seq.align_id                      1 
_struct_ref_seq.ref_id                        1 
_struct_ref_seq.pdbx_PDB_id_code              3F0Q 
_struct_ref_seq.pdbx_strand_id                X 
_struct_ref_seq.seq_align_beg                 1 
_struct_ref_seq.pdbx_seq_align_beg_ins_code   ? 
_struct_ref_seq.seq_align_end                 157 
_struct_ref_seq.pdbx_seq_align_end_ins_code   ? 
_struct_ref_seq.pdbx_db_accession             Q2YY41 
_struct_ref_seq.db_align_beg                  2 
_struct_ref_seq.pdbx_db_align_beg_ins_code    ? 
_struct_ref_seq.db_align_end                  158 
_struct_ref_seq.pdbx_db_align_end_ins_code    ? 
_struct_ref_seq.pdbx_auth_seq_align_beg       1 
_struct_ref_seq.pdbx_auth_seq_align_end       157 
# 
_pdbx_struct_assembly.id                   1 
_pdbx_struct_assembly.details              author_and_software_defined_assembly 
_pdbx_struct_assembly.method_details       PISA 
_pdbx_struct_assembly.oligomeric_details   monomeric 
_pdbx_struct_assembly.oligomeric_count     1 
# 
_pdbx_struct_assembly_gen.assembly_id       1 
_pdbx_struct_assembly_gen.oper_expression   1 
_pdbx_struct_assembly_gen.asym_id_list      A,B,C,D 
# 
_pdbx_struct_oper_list.id                   1 
_pdbx_struct_oper_list.type                 'identity operation' 
_pdbx_struct_oper_list.name                 1_555 
_pdbx_struct_oper_list.symmetry_operation   x,y,z 
_pdbx_struct_oper_list.matrix[1][1]         1.0000000000 
_pdbx_struct_oper_list.matrix[1][2]         0.0000000000 
_pdbx_struct_oper_list.matrix[1][3]         0.0000000000 
_pdbx_struct_oper_list.vector[1]            0.0000000000 
_pdbx_struct_oper_list.matrix[2][1]         0.0000000000 
_pdbx_struct_oper_list.matrix[2][2]         1.0000000000 
_pdbx_struct_oper_list.matrix[2][3]         0.0000000000 
_pdbx_struct_oper_list.vector[2]            0.0000000000 
_pdbx_struct_oper_list.matrix[3][1]         0.0000000000 
_pdbx_struct_oper_list.matrix[3][2]         0.0000000000 
_pdbx_struct_oper_list.matrix[3][3]         1.0000000000 
_pdbx_struct_oper_list.vector[3]            0.0000000000 
# 
_struct_biol.id        1 
_struct_biol.details   ? 
# 
loop_
_struct_conf.conf_type_id 
_struct_conf.id 
_struct_conf.pdbx_PDB_helix_id 
_struct_conf.beg_label_comp_id 
_struct_conf.beg_label_asym_id 
_struct_conf.beg_label_seq_id 
_struct_conf.pdbx_beg_PDB_ins_code 
_struct_conf.end_label_comp_id 
_struct_conf.end_label_asym_id 
_struct_conf.end_label_seq_id 
_struct_conf.pdbx_end_PDB_ins_code 
_struct_conf.beg_auth_comp_id 
_struct_conf.beg_auth_asym_id 
_struct_conf.beg_auth_seq_id 
_struct_conf.end_auth_comp_id 
_struct_conf.end_auth_asym_id 
_struct_conf.end_auth_seq_id 
_struct_conf.pdbx_PDB_helix_class 
_struct_conf.details 
_struct_conf.pdbx_PDB_helix_length 
HELX_P HELX_P1 1 LEU A 24 ? THR A 36  ? LEU X 24 THR X 36  1 ? 13 
HELX_P HELX_P2 2 ARG A 44 ? GLY A 51  ? ARG X 44 GLY X 51  1 ? 8  
HELX_P HELX_P3 3 SER A 78 ? LEU A 85  ? SER X 78 LEU X 85  5 ? 8  
HELX_P HELX_P4 4 GLY A 94 ? ILE A 102 ? GLY X 94 ILE X 102 1 ? 9  
# 
_struct_conf_type.id          HELX_P 
_struct_conf_type.criteria    ? 
_struct_conf_type.reference   ? 
# 
_struct_mon_prot_cis.pdbx_id                1 
_struct_mon_prot_cis.label_comp_id          GLY 
_struct_mon_prot_cis.label_seq_id           93 
_struct_mon_prot_cis.label_asym_id          A 
_struct_mon_prot_cis.label_alt_id           . 
_struct_mon_prot_cis.pdbx_PDB_ins_code      ? 
_struct_mon_prot_cis.auth_comp_id           GLY 
_struct_mon_prot_cis.auth_seq_id            93 
_struct_mon_prot_cis.auth_asym_id           X 
_struct_mon_prot_cis.pdbx_label_comp_id_2   GLY 
_struct_mon_prot_cis.pdbx_label_seq_id_2    94 
_struct_mon_prot_cis.pdbx_label_asym_id_2   A 
_struct_mon_prot_cis.pdbx_PDB_ins_code_2    ? 
_struct_mon_prot_cis.pdbx_auth_comp_id_2    GLY 
_struct_mon_prot_cis.pdbx_auth_seq_id_2     94 
_struct_mon_prot_cis.pdbx_auth_asym_id_2    X 
_struct_mon_prot_cis.pdbx_PDB_model_num     1 
_struct_mon_prot_cis.pdbx_omega_angle       3.26 
# 
loop_
_struct_sheet.id 
_struct_sheet.type 
_struct_sheet.number_strands 
_struct_sheet.details 
A ? 8 ? 
B ? 2 ? 
# 
loop_
_struct_sheet_order.sheet_id 
_struct_sheet_order.range_id_1 
_struct_sheet_order.range_id_2 
_struct_sheet_order.offset 
_struct_sheet_order.sense 
A 1 2 ? parallel      
A 2 3 ? parallel      
A 3 4 ? parallel      
A 4 5 ? parallel      
A 5 6 ? parallel      
A 6 7 ? anti-parallel 
A 7 8 ? anti-parallel 
B 1 2 ? anti-parallel 
# 
loop_
_struct_sheet_range.sheet_id 
_struct_sheet_range.id 
_struct_sheet_range.beg_label_comp_id 
_struct_sheet_range.beg_label_asym_id 
_struct_sheet_range.beg_label_seq_id 
_struct_sheet_range.pdbx_beg_PDB_ins_code 
_struct_sheet_range.end_label_comp_id 
_struct_sheet_range.end_label_asym_id 
_struct_sheet_range.end_label_seq_id 
_struct_sheet_range.pdbx_end_PDB_ins_code 
_struct_sheet_range.beg_auth_comp_id 
_struct_sheet_range.beg_auth_asym_id 
_struct_sheet_range.beg_auth_seq_id 
_struct_sheet_range.end_auth_comp_id 
_struct_sheet_range.end_auth_asym_id 
_struct_sheet_range.end_auth_seq_id 
A 1 ASP A 74  ? ILE A 76  ? ASP X 74  ILE X 76  
A 2 ARG A 58  ? LEU A 62  ? ARG X 58  LEU X 62  
A 3 THR A 39  ? GLY A 43  ? THR X 39  GLY X 43  
A 4 VAL A 89  ? GLY A 93  ? VAL X 89  GLY X 93  
A 5 LEU A 2   ? ASP A 9   ? LEU X 2   ASP X 9   
A 6 ASP A 107 ? ILE A 113 ? ASP X 107 ILE X 113 
A 7 HIS A 149 ? ARG A 156 ? HIS X 149 ARG X 156 
A 8 TRP A 131 ? GLU A 138 ? TRP X 131 GLU X 138 
B 1 VAL A 13  ? GLY A 15  ? VAL X 13  GLY X 15  
B 2 THR A 121 ? PHE A 122 ? THR X 121 PHE X 122 
# 
loop_
_pdbx_struct_sheet_hbond.sheet_id 
_pdbx_struct_sheet_hbond.range_id_1 
_pdbx_struct_sheet_hbond.range_id_2 
_pdbx_struct_sheet_hbond.range_1_label_atom_id 
_pdbx_struct_sheet_hbond.range_1_label_comp_id 
_pdbx_struct_sheet_hbond.range_1_label_asym_id 
_pdbx_struct_sheet_hbond.range_1_label_seq_id 
_pdbx_struct_sheet_hbond.range_1_PDB_ins_code 
_pdbx_struct_sheet_hbond.range_1_auth_atom_id 
_pdbx_struct_sheet_hbond.range_1_auth_comp_id 
_pdbx_struct_sheet_hbond.range_1_auth_asym_id 
_pdbx_struct_sheet_hbond.range_1_auth_seq_id 
_pdbx_struct_sheet_hbond.range_2_label_atom_id 
_pdbx_struct_sheet_hbond.range_2_label_comp_id 
_pdbx_struct_sheet_hbond.range_2_label_asym_id 
_pdbx_struct_sheet_hbond.range_2_label_seq_id 
_pdbx_struct_sheet_hbond.range_2_PDB_ins_code 
_pdbx_struct_sheet_hbond.range_2_auth_atom_id 
_pdbx_struct_sheet_hbond.range_2_auth_comp_id 
_pdbx_struct_sheet_hbond.range_2_auth_asym_id 
_pdbx_struct_sheet_hbond.range_2_auth_seq_id 
A 1 2 O ASP A 74  ? O ASP X 74  N VAL A 61  ? N VAL X 61  
A 2 3 O VAL A 60  ? O VAL X 60  N LEU A 40  ? N LEU X 40  
A 3 4 N VAL A 41  ? N VAL X 41  O PHE A 92  ? O PHE X 92  
A 4 5 O ILE A 91  ? O ILE X 91  N SER A 3   ? N SER X 3   
A 5 6 N ILE A 4   ? N ILE X 4   O TYR A 109 ? O TYR X 109 
A 6 7 N ILE A 110 ? N ILE X 110 O LEU A 152 ? O LEU X 152 
A 7 8 O ILE A 155 ? O ILE X 155 N GLU A 132 ? N GLU X 132 
B 1 2 N ILE A 14  ? N ILE X 14  O THR A 121 ? O THR X 121 
# 
loop_
_struct_site.id 
_struct_site.pdbx_evidence_code 
_struct_site.pdbx_auth_asym_id 
_struct_site.pdbx_auth_comp_id 
_struct_site.pdbx_auth_seq_id 
_struct_site.pdbx_auth_ins_code 
_struct_site.pdbx_num_residues 
_struct_site.details 
AC1 Software X NDP 207 ? 34 'BINDING SITE FOR RESIDUE NDP X 207' 
AC2 Software X 52V 158 ? 16 'BINDING SITE FOR RESIDUE 52V X 158' 
# 
loop_
_struct_site_gen.id 
_struct_site_gen.site_id 
_struct_site_gen.pdbx_num_res 
_struct_site_gen.label_comp_id 
_struct_site_gen.label_asym_id 
_struct_site_gen.label_seq_id 
_struct_site_gen.pdbx_auth_ins_code 
_struct_site_gen.auth_comp_id 
_struct_site_gen.auth_asym_id 
_struct_site_gen.auth_seq_id 
_struct_site_gen.label_atom_id 
_struct_site_gen.label_alt_id 
_struct_site_gen.symmetry 
_struct_site_gen.details 
1  AC1 34 VAL A 6   ? VAL X 6   . ? 1_555  ? 
2  AC1 34 ALA A 7   ? ALA X 7   . ? 1_555  ? 
3  AC1 34 ILE A 14  ? ILE X 14  . ? 1_555  ? 
4  AC1 34 GLY A 15  ? GLY X 15  . ? 1_555  ? 
5  AC1 34 ASN A 18  ? ASN X 18  . ? 1_555  ? 
6  AC1 34 GLN A 19  ? GLN X 19  . ? 1_555  ? 
7  AC1 34 LEU A 20  ? LEU X 20  . ? 1_555  ? 
8  AC1 34 GLY A 43  ? GLY X 43  . ? 1_555  ? 
9  AC1 34 ARG A 44  ? ARG X 44  . ? 1_555  ? 
10 AC1 34 LYS A 45  ? LYS X 45  . ? 1_555  ? 
11 AC1 34 THR A 46  ? THR X 46  . ? 1_555  ? 
12 AC1 34 LEU A 62  ? LEU X 62  . ? 1_555  ? 
13 AC1 34 THR A 63  ? THR X 63  . ? 1_555  ? 
14 AC1 34 SER A 64  ? SER X 64  . ? 1_555  ? 
15 AC1 34 HIS A 77  ? HIS X 77  . ? 1_555  ? 
16 AC1 34 ILE A 79  ? ILE X 79  . ? 1_555  ? 
17 AC1 34 PHE A 92  ? PHE X 92  . ? 1_555  ? 
18 AC1 34 GLY A 93  ? GLY X 93  . ? 1_555  ? 
19 AC1 34 GLY A 94  ? GLY X 94  . ? 1_555  ? 
20 AC1 34 GLN A 95  ? GLN X 95  . ? 1_555  ? 
21 AC1 34 THR A 96  ? THR X 96  . ? 1_555  ? 
22 AC1 34 LEU A 97  ? LEU X 97  . ? 1_555  ? 
23 AC1 34 GLU A 100 ? GLU X 100 . ? 1_555  ? 
24 AC1 34 THR A 121 ? THR X 121 . ? 1_555  ? 
25 AC1 34 52V C .   ? 52V X 158 . ? 1_555  ? 
26 AC1 34 HOH D .   ? HOH X 163 . ? 10_445 ? 
27 AC1 34 HOH D .   ? HOH X 177 . ? 1_555  ? 
28 AC1 34 HOH D .   ? HOH X 183 . ? 1_555  ? 
29 AC1 34 HOH D .   ? HOH X 193 . ? 1_555  ? 
30 AC1 34 HOH D .   ? HOH X 242 . ? 1_555  ? 
31 AC1 34 HOH D .   ? HOH X 251 . ? 1_555  ? 
32 AC1 34 HOH D .   ? HOH X 264 . ? 1_555  ? 
33 AC1 34 HOH D .   ? HOH X 267 . ? 1_555  ? 
34 AC1 34 HOH D .   ? HOH X 279 . ? 1_555  ? 
35 AC2 16 LEU A 5   ? LEU X 5   . ? 1_555  ? 
36 AC2 16 VAL A 6   ? VAL X 6   . ? 1_555  ? 
37 AC2 16 ALA A 7   ? ALA X 7   . ? 1_555  ? 
38 AC2 16 ASP A 27  ? ASP X 27  . ? 1_555  ? 
39 AC2 16 VAL A 31  ? VAL X 31  . ? 1_555  ? 
40 AC2 16 LYS A 32  ? LYS X 32  . ? 1_555  ? 
41 AC2 16 MET A 42  ? MET X 42  . ? 1_555  ? 
42 AC2 16 ILE A 50  ? ILE X 50  . ? 1_555  ? 
43 AC2 16 LYS A 52  ? LYS X 52  . ? 1_555  ? 
44 AC2 16 LEU A 54  ? LEU X 54  . ? 1_555  ? 
45 AC2 16 PHE A 92  ? PHE X 92  . ? 1_555  ? 
46 AC2 16 THR A 111 ? THR X 111 . ? 1_555  ? 
47 AC2 16 HOH D .   ? HOH X 159 . ? 1_555  ? 
48 AC2 16 HOH D .   ? HOH X 193 . ? 1_555  ? 
49 AC2 16 NDP B .   ? NDP X 207 . ? 1_555  ? 
50 AC2 16 HOH D .   ? HOH X 264 . ? 1_555  ? 
# 
loop_
_pdbx_validate_torsion.id 
_pdbx_validate_torsion.PDB_model_num 
_pdbx_validate_torsion.auth_comp_id 
_pdbx_validate_torsion.auth_asym_id 
_pdbx_validate_torsion.auth_seq_id 
_pdbx_validate_torsion.PDB_ins_code 
_pdbx_validate_torsion.label_alt_id 
_pdbx_validate_torsion.phi 
_pdbx_validate_torsion.psi 
1 1 HIS X 38  ? ? -120.82 -150.33 
2 1 ASN X 56  ? ? 70.90   30.76   
3 1 ASP X 142 ? ? -164.02 -160.38 
# 
loop_
_chem_comp_atom.comp_id 
_chem_comp_atom.atom_id 
_chem_comp_atom.type_symbol 
_chem_comp_atom.pdbx_aromatic_flag 
_chem_comp_atom.pdbx_stereo_config 
_chem_comp_atom.pdbx_ordinal 
52V C1   C Y N 1   
52V C2   C N N 2   
52V C3   C Y N 3   
52V C6   C Y N 4   
52V C12  C N R 5   
52V C13  C N N 6   
52V C14  C Y N 7   
52V C15  C Y N 8   
52V C16  C Y N 9   
52V C17  C Y N 10  
52V C18  C Y N 11  
52V C26  C N N 12  
52V C20  C Y N 13  
52V C21  C Y N 14  
52V C22  C Y N 15  
52V C23  C Y N 16  
52V C24  C Y N 17  
52V C27  C N N 18  
52V C25  C Y N 19  
52V C19  C Y N 20  
52V O17  O N N 21  
52V C11  C N N 22  
52V C10  C N N 23  
52V C5   C Y N 24  
52V C8   C N N 25  
52V N4   N Y N 26  
52V N7   N N N 27  
52V N2   N Y N 28  
52V N9   N N N 29  
52V H2   H N N 30  
52V H2A  H N N 31  
52V H2B  H N N 32  
52V H12  H N N 33  
52V H13  H N N 34  
52V H13A H N N 35  
52V H13B H N N 36  
52V H15  H N N 37  
52V H17  H N N 38  
52V H26  H N N 39  
52V H26A H N N 40  
52V H26B H N N 41  
52V H21  H N N 42  
52V H22  H N N 43  
52V H23  H N N 44  
52V H27  H N N 45  
52V H27A H N N 46  
52V H27B H N N 47  
52V H19  H N N 48  
52V H8   H N N 49  
52V H8A  H N N 50  
52V H8B  H N N 51  
52V HN7  H N N 52  
52V HN7A H N N 53  
52V HN9  H N N 54  
52V HN9A H N N 55  
ALA N    N N N 56  
ALA CA   C N S 57  
ALA C    C N N 58  
ALA O    O N N 59  
ALA CB   C N N 60  
ALA OXT  O N N 61  
ALA H    H N N 62  
ALA H2   H N N 63  
ALA HA   H N N 64  
ALA HB1  H N N 65  
ALA HB2  H N N 66  
ALA HB3  H N N 67  
ALA HXT  H N N 68  
ARG N    N N N 69  
ARG CA   C N S 70  
ARG C    C N N 71  
ARG O    O N N 72  
ARG CB   C N N 73  
ARG CG   C N N 74  
ARG CD   C N N 75  
ARG NE   N N N 76  
ARG CZ   C N N 77  
ARG NH1  N N N 78  
ARG NH2  N N N 79  
ARG OXT  O N N 80  
ARG H    H N N 81  
ARG H2   H N N 82  
ARG HA   H N N 83  
ARG HB2  H N N 84  
ARG HB3  H N N 85  
ARG HG2  H N N 86  
ARG HG3  H N N 87  
ARG HD2  H N N 88  
ARG HD3  H N N 89  
ARG HE   H N N 90  
ARG HH11 H N N 91  
ARG HH12 H N N 92  
ARG HH21 H N N 93  
ARG HH22 H N N 94  
ARG HXT  H N N 95  
ASN N    N N N 96  
ASN CA   C N S 97  
ASN C    C N N 98  
ASN O    O N N 99  
ASN CB   C N N 100 
ASN CG   C N N 101 
ASN OD1  O N N 102 
ASN ND2  N N N 103 
ASN OXT  O N N 104 
ASN H    H N N 105 
ASN H2   H N N 106 
ASN HA   H N N 107 
ASN HB2  H N N 108 
ASN HB3  H N N 109 
ASN HD21 H N N 110 
ASN HD22 H N N 111 
ASN HXT  H N N 112 
ASP N    N N N 113 
ASP CA   C N S 114 
ASP C    C N N 115 
ASP O    O N N 116 
ASP CB   C N N 117 
ASP CG   C N N 118 
ASP OD1  O N N 119 
ASP OD2  O N N 120 
ASP OXT  O N N 121 
ASP H    H N N 122 
ASP H2   H N N 123 
ASP HA   H N N 124 
ASP HB2  H N N 125 
ASP HB3  H N N 126 
ASP HD2  H N N 127 
ASP HXT  H N N 128 
GLN N    N N N 129 
GLN CA   C N S 130 
GLN C    C N N 131 
GLN O    O N N 132 
GLN CB   C N N 133 
GLN CG   C N N 134 
GLN CD   C N N 135 
GLN OE1  O N N 136 
GLN NE2  N N N 137 
GLN OXT  O N N 138 
GLN H    H N N 139 
GLN H2   H N N 140 
GLN HA   H N N 141 
GLN HB2  H N N 142 
GLN HB3  H N N 143 
GLN HG2  H N N 144 
GLN HG3  H N N 145 
GLN HE21 H N N 146 
GLN HE22 H N N 147 
GLN HXT  H N N 148 
GLU N    N N N 149 
GLU CA   C N S 150 
GLU C    C N N 151 
GLU O    O N N 152 
GLU CB   C N N 153 
GLU CG   C N N 154 
GLU CD   C N N 155 
GLU OE1  O N N 156 
GLU OE2  O N N 157 
GLU OXT  O N N 158 
GLU H    H N N 159 
GLU H2   H N N 160 
GLU HA   H N N 161 
GLU HB2  H N N 162 
GLU HB3  H N N 163 
GLU HG2  H N N 164 
GLU HG3  H N N 165 
GLU HE2  H N N 166 
GLU HXT  H N N 167 
GLY N    N N N 168 
GLY CA   C N N 169 
GLY C    C N N 170 
GLY O    O N N 171 
GLY OXT  O N N 172 
GLY H    H N N 173 
GLY H2   H N N 174 
GLY HA2  H N N 175 
GLY HA3  H N N 176 
GLY HXT  H N N 177 
HIS N    N N N 178 
HIS CA   C N S 179 
HIS C    C N N 180 
HIS O    O N N 181 
HIS CB   C N N 182 
HIS CG   C Y N 183 
HIS ND1  N Y N 184 
HIS CD2  C Y N 185 
HIS CE1  C Y N 186 
HIS NE2  N Y N 187 
HIS OXT  O N N 188 
HIS H    H N N 189 
HIS H2   H N N 190 
HIS HA   H N N 191 
HIS HB2  H N N 192 
HIS HB3  H N N 193 
HIS HD1  H N N 194 
HIS HD2  H N N 195 
HIS HE1  H N N 196 
HIS HE2  H N N 197 
HIS HXT  H N N 198 
HOH O    O N N 199 
HOH H1   H N N 200 
HOH H2   H N N 201 
ILE N    N N N 202 
ILE CA   C N S 203 
ILE C    C N N 204 
ILE O    O N N 205 
ILE CB   C N S 206 
ILE CG1  C N N 207 
ILE CG2  C N N 208 
ILE CD1  C N N 209 
ILE OXT  O N N 210 
ILE H    H N N 211 
ILE H2   H N N 212 
ILE HA   H N N 213 
ILE HB   H N N 214 
ILE HG12 H N N 215 
ILE HG13 H N N 216 
ILE HG21 H N N 217 
ILE HG22 H N N 218 
ILE HG23 H N N 219 
ILE HD11 H N N 220 
ILE HD12 H N N 221 
ILE HD13 H N N 222 
ILE HXT  H N N 223 
LEU N    N N N 224 
LEU CA   C N S 225 
LEU C    C N N 226 
LEU O    O N N 227 
LEU CB   C N N 228 
LEU CG   C N N 229 
LEU CD1  C N N 230 
LEU CD2  C N N 231 
LEU OXT  O N N 232 
LEU H    H N N 233 
LEU H2   H N N 234 
LEU HA   H N N 235 
LEU HB2  H N N 236 
LEU HB3  H N N 237 
LEU HG   H N N 238 
LEU HD11 H N N 239 
LEU HD12 H N N 240 
LEU HD13 H N N 241 
LEU HD21 H N N 242 
LEU HD22 H N N 243 
LEU HD23 H N N 244 
LEU HXT  H N N 245 
LYS N    N N N 246 
LYS CA   C N S 247 
LYS C    C N N 248 
LYS O    O N N 249 
LYS CB   C N N 250 
LYS CG   C N N 251 
LYS CD   C N N 252 
LYS CE   C N N 253 
LYS NZ   N N N 254 
LYS OXT  O N N 255 
LYS H    H N N 256 
LYS H2   H N N 257 
LYS HA   H N N 258 
LYS HB2  H N N 259 
LYS HB3  H N N 260 
LYS HG2  H N N 261 
LYS HG3  H N N 262 
LYS HD2  H N N 263 
LYS HD3  H N N 264 
LYS HE2  H N N 265 
LYS HE3  H N N 266 
LYS HZ1  H N N 267 
LYS HZ2  H N N 268 
LYS HZ3  H N N 269 
LYS HXT  H N N 270 
MET N    N N N 271 
MET CA   C N S 272 
MET C    C N N 273 
MET O    O N N 274 
MET CB   C N N 275 
MET CG   C N N 276 
MET SD   S N N 277 
MET CE   C N N 278 
MET OXT  O N N 279 
MET H    H N N 280 
MET H2   H N N 281 
MET HA   H N N 282 
MET HB2  H N N 283 
MET HB3  H N N 284 
MET HG2  H N N 285 
MET HG3  H N N 286 
MET HE1  H N N 287 
MET HE2  H N N 288 
MET HE3  H N N 289 
MET HXT  H N N 290 
NDP PA   P N S 291 
NDP O1A  O N N 292 
NDP O2A  O N N 293 
NDP O5B  O N N 294 
NDP C5B  C N N 295 
NDP C4B  C N R 296 
NDP O4B  O N N 297 
NDP C3B  C N R 298 
NDP O3B  O N N 299 
NDP C2B  C N R 300 
NDP O2B  O N N 301 
NDP C1B  C N R 302 
NDP N9A  N Y N 303 
NDP C8A  C Y N 304 
NDP N7A  N Y N 305 
NDP C5A  C Y N 306 
NDP C6A  C Y N 307 
NDP N6A  N N N 308 
NDP N1A  N Y N 309 
NDP C2A  C Y N 310 
NDP N3A  N Y N 311 
NDP C4A  C Y N 312 
NDP O3   O N N 313 
NDP PN   P N S 314 
NDP O1N  O N N 315 
NDP O2N  O N N 316 
NDP O5D  O N N 317 
NDP C5D  C N N 318 
NDP C4D  C N R 319 
NDP O4D  O N N 320 
NDP C3D  C N S 321 
NDP O3D  O N N 322 
NDP C2D  C N R 323 
NDP O2D  O N N 324 
NDP C1D  C N R 325 
NDP N1N  N N N 326 
NDP C2N  C N N 327 
NDP C3N  C N N 328 
NDP C7N  C N N 329 
NDP O7N  O N N 330 
NDP N7N  N N N 331 
NDP C4N  C N N 332 
NDP C5N  C N N 333 
NDP C6N  C N N 334 
NDP P2B  P N N 335 
NDP O1X  O N N 336 
NDP O2X  O N N 337 
NDP O3X  O N N 338 
NDP HOA2 H N N 339 
NDP H51A H N N 340 
NDP H52A H N N 341 
NDP H4B  H N N 342 
NDP H3B  H N N 343 
NDP HO3A H N N 344 
NDP H2B  H N N 345 
NDP H1B  H N N 346 
NDP H8A  H N N 347 
NDP H61A H N N 348 
NDP H62A H N N 349 
NDP H2A  H N N 350 
NDP H21N H N N 351 
NDP H51N H N N 352 
NDP H52N H N N 353 
NDP H4D  H N N 354 
NDP H3D  H N N 355 
NDP HO3N H N N 356 
NDP H2D  H N N 357 
NDP HO2N H N N 358 
NDP H1D  H N N 359 
NDP H2N  H N N 360 
NDP H71N H N N 361 
NDP H72N H N N 362 
NDP H41N H N N 363 
NDP H42N H N N 364 
NDP H5N  H N N 365 
NDP H6N  H N N 366 
NDP HOP2 H N N 367 
NDP HOP3 H N N 368 
PHE N    N N N 369 
PHE CA   C N S 370 
PHE C    C N N 371 
PHE O    O N N 372 
PHE CB   C N N 373 
PHE CG   C Y N 374 
PHE CD1  C Y N 375 
PHE CD2  C Y N 376 
PHE CE1  C Y N 377 
PHE CE2  C Y N 378 
PHE CZ   C Y N 379 
PHE OXT  O N N 380 
PHE H    H N N 381 
PHE H2   H N N 382 
PHE HA   H N N 383 
PHE HB2  H N N 384 
PHE HB3  H N N 385 
PHE HD1  H N N 386 
PHE HD2  H N N 387 
PHE HE1  H N N 388 
PHE HE2  H N N 389 
PHE HZ   H N N 390 
PHE HXT  H N N 391 
PRO N    N N N 392 
PRO CA   C N S 393 
PRO C    C N N 394 
PRO O    O N N 395 
PRO CB   C N N 396 
PRO CG   C N N 397 
PRO CD   C N N 398 
PRO OXT  O N N 399 
PRO H    H N N 400 
PRO HA   H N N 401 
PRO HB2  H N N 402 
PRO HB3  H N N 403 
PRO HG2  H N N 404 
PRO HG3  H N N 405 
PRO HD2  H N N 406 
PRO HD3  H N N 407 
PRO HXT  H N N 408 
SER N    N N N 409 
SER CA   C N S 410 
SER C    C N N 411 
SER O    O N N 412 
SER CB   C N N 413 
SER OG   O N N 414 
SER OXT  O N N 415 
SER H    H N N 416 
SER H2   H N N 417 
SER HA   H N N 418 
SER HB2  H N N 419 
SER HB3  H N N 420 
SER HG   H N N 421 
SER HXT  H N N 422 
THR N    N N N 423 
THR CA   C N S 424 
THR C    C N N 425 
THR O    O N N 426 
THR CB   C N R 427 
THR OG1  O N N 428 
THR CG2  C N N 429 
THR OXT  O N N 430 
THR H    H N N 431 
THR H2   H N N 432 
THR HA   H N N 433 
THR HB   H N N 434 
THR HG1  H N N 435 
THR HG21 H N N 436 
THR HG22 H N N 437 
THR HG23 H N N 438 
THR HXT  H N N 439 
TRP N    N N N 440 
TRP CA   C N S 441 
TRP C    C N N 442 
TRP O    O N N 443 
TRP CB   C N N 444 
TRP CG   C Y N 445 
TRP CD1  C Y N 446 
TRP CD2  C Y N 447 
TRP NE1  N Y N 448 
TRP CE2  C Y N 449 
TRP CE3  C Y N 450 
TRP CZ2  C Y N 451 
TRP CZ3  C Y N 452 
TRP CH2  C Y N 453 
TRP OXT  O N N 454 
TRP H    H N N 455 
TRP H2   H N N 456 
TRP HA   H N N 457 
TRP HB2  H N N 458 
TRP HB3  H N N 459 
TRP HD1  H N N 460 
TRP HE1  H N N 461 
TRP HE3  H N N 462 
TRP HZ2  H N N 463 
TRP HZ3  H N N 464 
TRP HH2  H N N 465 
TRP HXT  H N N 466 
TYR N    N N N 467 
TYR CA   C N S 468 
TYR C    C N N 469 
TYR O    O N N 470 
TYR CB   C N N 471 
TYR CG   C Y N 472 
TYR CD1  C Y N 473 
TYR CD2  C Y N 474 
TYR CE1  C Y N 475 
TYR CE2  C Y N 476 
TYR CZ   C Y N 477 
TYR OH   O N N 478 
TYR OXT  O N N 479 
TYR H    H N N 480 
TYR H2   H N N 481 
TYR HA   H N N 482 
TYR HB2  H N N 483 
TYR HB3  H N N 484 
TYR HD1  H N N 485 
TYR HD2  H N N 486 
TYR HE1  H N N 487 
TYR HE2  H N N 488 
TYR HH   H N N 489 
TYR HXT  H N N 490 
VAL N    N N N 491 
VAL CA   C N S 492 
VAL C    C N N 493 
VAL O    O N N 494 
VAL CB   C N N 495 
VAL CG1  C N N 496 
VAL CG2  C N N 497 
VAL OXT  O N N 498 
VAL H    H N N 499 
VAL H2   H N N 500 
VAL HA   H N N 501 
VAL HB   H N N 502 
VAL HG11 H N N 503 
VAL HG12 H N N 504 
VAL HG13 H N N 505 
VAL HG21 H N N 506 
VAL HG22 H N N 507 
VAL HG23 H N N 508 
VAL HXT  H N N 509 
# 
loop_
_chem_comp_bond.comp_id 
_chem_comp_bond.atom_id_1 
_chem_comp_bond.atom_id_2 
_chem_comp_bond.value_order 
_chem_comp_bond.pdbx_aromatic_flag 
_chem_comp_bond.pdbx_stereo_config 
_chem_comp_bond.pdbx_ordinal 
52V N9  C1   sing N N 1   
52V N2  C1   doub Y N 2   
52V C1  C6   sing Y N 3   
52V C2  O17  sing N N 4   
52V C2  H2   sing N N 5   
52V C2  H2A  sing N N 6   
52V C2  H2B  sing N N 7   
52V N2  C3   sing Y N 8   
52V N7  C3   sing N N 9   
52V C3  N4   doub Y N 10  
52V C6  C10  sing N N 11  
52V C6  C5   doub Y N 12  
52V C14 C12  sing N N 13  
52V C11 C12  sing N N 14  
52V C12 C13  sing N N 15  
52V C12 H12  sing N N 16  
52V C13 H13  sing N N 17  
52V C13 H13A sing N N 18  
52V C13 H13B sing N N 19  
52V C15 C14  doub Y N 20  
52V C14 C19  sing Y N 21  
52V C16 C15  sing Y N 22  
52V C15 H15  sing N N 23  
52V O17 C16  sing N N 24  
52V C16 C17  doub Y N 25  
52V C17 C18  sing Y N 26  
52V C17 H17  sing N N 27  
52V C18 C25  sing Y N 28  
52V C18 C19  doub Y N 29  
52V C20 C26  sing N N 30  
52V C26 H26  sing N N 31  
52V C26 H26A sing N N 32  
52V C26 H26B sing N N 33  
52V C25 C20  doub Y N 34  
52V C20 C21  sing Y N 35  
52V C22 C21  doub Y N 36  
52V C21 H21  sing N N 37  
52V C23 C22  sing Y N 38  
52V C22 H22  sing N N 39  
52V C24 C23  doub Y N 40  
52V C23 H23  sing N N 41  
52V C27 C24  sing N N 42  
52V C24 C25  sing Y N 43  
52V C27 H27  sing N N 44  
52V C27 H27A sing N N 45  
52V C27 H27B sing N N 46  
52V C19 H19  sing N N 47  
52V C10 C11  trip N N 48  
52V N4  C5   sing Y N 49  
52V C5  C8   sing N N 50  
52V C8  H8   sing N N 51  
52V C8  H8A  sing N N 52  
52V C8  H8B  sing N N 53  
52V N7  HN7  sing N N 54  
52V N7  HN7A sing N N 55  
52V N9  HN9  sing N N 56  
52V N9  HN9A sing N N 57  
ALA N   CA   sing N N 58  
ALA N   H    sing N N 59  
ALA N   H2   sing N N 60  
ALA CA  C    sing N N 61  
ALA CA  CB   sing N N 62  
ALA CA  HA   sing N N 63  
ALA C   O    doub N N 64  
ALA C   OXT  sing N N 65  
ALA CB  HB1  sing N N 66  
ALA CB  HB2  sing N N 67  
ALA CB  HB3  sing N N 68  
ALA OXT HXT  sing N N 69  
ARG N   CA   sing N N 70  
ARG N   H    sing N N 71  
ARG N   H2   sing N N 72  
ARG CA  C    sing N N 73  
ARG CA  CB   sing N N 74  
ARG CA  HA   sing N N 75  
ARG C   O    doub N N 76  
ARG C   OXT  sing N N 77  
ARG CB  CG   sing N N 78  
ARG CB  HB2  sing N N 79  
ARG CB  HB3  sing N N 80  
ARG CG  CD   sing N N 81  
ARG CG  HG2  sing N N 82  
ARG CG  HG3  sing N N 83  
ARG CD  NE   sing N N 84  
ARG CD  HD2  sing N N 85  
ARG CD  HD3  sing N N 86  
ARG NE  CZ   sing N N 87  
ARG NE  HE   sing N N 88  
ARG CZ  NH1  sing N N 89  
ARG CZ  NH2  doub N N 90  
ARG NH1 HH11 sing N N 91  
ARG NH1 HH12 sing N N 92  
ARG NH2 HH21 sing N N 93  
ARG NH2 HH22 sing N N 94  
ARG OXT HXT  sing N N 95  
ASN N   CA   sing N N 96  
ASN N   H    sing N N 97  
ASN N   H2   sing N N 98  
ASN CA  C    sing N N 99  
ASN CA  CB   sing N N 100 
ASN CA  HA   sing N N 101 
ASN C   O    doub N N 102 
ASN C   OXT  sing N N 103 
ASN CB  CG   sing N N 104 
ASN CB  HB2  sing N N 105 
ASN CB  HB3  sing N N 106 
ASN CG  OD1  doub N N 107 
ASN CG  ND2  sing N N 108 
ASN ND2 HD21 sing N N 109 
ASN ND2 HD22 sing N N 110 
ASN OXT HXT  sing N N 111 
ASP N   CA   sing N N 112 
ASP N   H    sing N N 113 
ASP N   H2   sing N N 114 
ASP CA  C    sing N N 115 
ASP CA  CB   sing N N 116 
ASP CA  HA   sing N N 117 
ASP C   O    doub N N 118 
ASP C   OXT  sing N N 119 
ASP CB  CG   sing N N 120 
ASP CB  HB2  sing N N 121 
ASP CB  HB3  sing N N 122 
ASP CG  OD1  doub N N 123 
ASP CG  OD2  sing N N 124 
ASP OD2 HD2  sing N N 125 
ASP OXT HXT  sing N N 126 
GLN N   CA   sing N N 127 
GLN N   H    sing N N 128 
GLN N   H2   sing N N 129 
GLN CA  C    sing N N 130 
GLN CA  CB   sing N N 131 
GLN CA  HA   sing N N 132 
GLN C   O    doub N N 133 
GLN C   OXT  sing N N 134 
GLN CB  CG   sing N N 135 
GLN CB  HB2  sing N N 136 
GLN CB  HB3  sing N N 137 
GLN CG  CD   sing N N 138 
GLN CG  HG2  sing N N 139 
GLN CG  HG3  sing N N 140 
GLN CD  OE1  doub N N 141 
GLN CD  NE2  sing N N 142 
GLN NE2 HE21 sing N N 143 
GLN NE2 HE22 sing N N 144 
GLN OXT HXT  sing N N 145 
GLU N   CA   sing N N 146 
GLU N   H    sing N N 147 
GLU N   H2   sing N N 148 
GLU CA  C    sing N N 149 
GLU CA  CB   sing N N 150 
GLU CA  HA   sing N N 151 
GLU C   O    doub N N 152 
GLU C   OXT  sing N N 153 
GLU CB  CG   sing N N 154 
GLU CB  HB2  sing N N 155 
GLU CB  HB3  sing N N 156 
GLU CG  CD   sing N N 157 
GLU CG  HG2  sing N N 158 
GLU CG  HG3  sing N N 159 
GLU CD  OE1  doub N N 160 
GLU CD  OE2  sing N N 161 
GLU OE2 HE2  sing N N 162 
GLU OXT HXT  sing N N 163 
GLY N   CA   sing N N 164 
GLY N   H    sing N N 165 
GLY N   H2   sing N N 166 
GLY CA  C    sing N N 167 
GLY CA  HA2  sing N N 168 
GLY CA  HA3  sing N N 169 
GLY C   O    doub N N 170 
GLY C   OXT  sing N N 171 
GLY OXT HXT  sing N N 172 
HIS N   CA   sing N N 173 
HIS N   H    sing N N 174 
HIS N   H2   sing N N 175 
HIS CA  C    sing N N 176 
HIS CA  CB   sing N N 177 
HIS CA  HA   sing N N 178 
HIS C   O    doub N N 179 
HIS C   OXT  sing N N 180 
HIS CB  CG   sing N N 181 
HIS CB  HB2  sing N N 182 
HIS CB  HB3  sing N N 183 
HIS CG  ND1  sing Y N 184 
HIS CG  CD2  doub Y N 185 
HIS ND1 CE1  doub Y N 186 
HIS ND1 HD1  sing N N 187 
HIS CD2 NE2  sing Y N 188 
HIS CD2 HD2  sing N N 189 
HIS CE1 NE2  sing Y N 190 
HIS CE1 HE1  sing N N 191 
HIS NE2 HE2  sing N N 192 
HIS OXT HXT  sing N N 193 
HOH O   H1   sing N N 194 
HOH O   H2   sing N N 195 
ILE N   CA   sing N N 196 
ILE N   H    sing N N 197 
ILE N   H2   sing N N 198 
ILE CA  C    sing N N 199 
ILE CA  CB   sing N N 200 
ILE CA  HA   sing N N 201 
ILE C   O    doub N N 202 
ILE C   OXT  sing N N 203 
ILE CB  CG1  sing N N 204 
ILE CB  CG2  sing N N 205 
ILE CB  HB   sing N N 206 
ILE CG1 CD1  sing N N 207 
ILE CG1 HG12 sing N N 208 
ILE CG1 HG13 sing N N 209 
ILE CG2 HG21 sing N N 210 
ILE CG2 HG22 sing N N 211 
ILE CG2 HG23 sing N N 212 
ILE CD1 HD11 sing N N 213 
ILE CD1 HD12 sing N N 214 
ILE CD1 HD13 sing N N 215 
ILE OXT HXT  sing N N 216 
LEU N   CA   sing N N 217 
LEU N   H    sing N N 218 
LEU N   H2   sing N N 219 
LEU CA  C    sing N N 220 
LEU CA  CB   sing N N 221 
LEU CA  HA   sing N N 222 
LEU C   O    doub N N 223 
LEU C   OXT  sing N N 224 
LEU CB  CG   sing N N 225 
LEU CB  HB2  sing N N 226 
LEU CB  HB3  sing N N 227 
LEU CG  CD1  sing N N 228 
LEU CG  CD2  sing N N 229 
LEU CG  HG   sing N N 230 
LEU CD1 HD11 sing N N 231 
LEU CD1 HD12 sing N N 232 
LEU CD1 HD13 sing N N 233 
LEU CD2 HD21 sing N N 234 
LEU CD2 HD22 sing N N 235 
LEU CD2 HD23 sing N N 236 
LEU OXT HXT  sing N N 237 
LYS N   CA   sing N N 238 
LYS N   H    sing N N 239 
LYS N   H2   sing N N 240 
LYS CA  C    sing N N 241 
LYS CA  CB   sing N N 242 
LYS CA  HA   sing N N 243 
LYS C   O    doub N N 244 
LYS C   OXT  sing N N 245 
LYS CB  CG   sing N N 246 
LYS CB  HB2  sing N N 247 
LYS CB  HB3  sing N N 248 
LYS CG  CD   sing N N 249 
LYS CG  HG2  sing N N 250 
LYS CG  HG3  sing N N 251 
LYS CD  CE   sing N N 252 
LYS CD  HD2  sing N N 253 
LYS CD  HD3  sing N N 254 
LYS CE  NZ   sing N N 255 
LYS CE  HE2  sing N N 256 
LYS CE  HE3  sing N N 257 
LYS NZ  HZ1  sing N N 258 
LYS NZ  HZ2  sing N N 259 
LYS NZ  HZ3  sing N N 260 
LYS OXT HXT  sing N N 261 
MET N   CA   sing N N 262 
MET N   H    sing N N 263 
MET N   H2   sing N N 264 
MET CA  C    sing N N 265 
MET CA  CB   sing N N 266 
MET CA  HA   sing N N 267 
MET C   O    doub N N 268 
MET C   OXT  sing N N 269 
MET CB  CG   sing N N 270 
MET CB  HB2  sing N N 271 
MET CB  HB3  sing N N 272 
MET CG  SD   sing N N 273 
MET CG  HG2  sing N N 274 
MET CG  HG3  sing N N 275 
MET SD  CE   sing N N 276 
MET CE  HE1  sing N N 277 
MET CE  HE2  sing N N 278 
MET CE  HE3  sing N N 279 
MET OXT HXT  sing N N 280 
NDP PA  O1A  doub N N 281 
NDP PA  O2A  sing N N 282 
NDP PA  O5B  sing N N 283 
NDP PA  O3   sing N N 284 
NDP O2A HOA2 sing N N 285 
NDP O5B C5B  sing N N 286 
NDP C5B C4B  sing N N 287 
NDP C5B H51A sing N N 288 
NDP C5B H52A sing N N 289 
NDP C4B O4B  sing N N 290 
NDP C4B C3B  sing N N 291 
NDP C4B H4B  sing N N 292 
NDP O4B C1B  sing N N 293 
NDP C3B O3B  sing N N 294 
NDP C3B C2B  sing N N 295 
NDP C3B H3B  sing N N 296 
NDP O3B HO3A sing N N 297 
NDP C2B O2B  sing N N 298 
NDP C2B C1B  sing N N 299 
NDP C2B H2B  sing N N 300 
NDP O2B P2B  sing N N 301 
NDP C1B N9A  sing N N 302 
NDP C1B H1B  sing N N 303 
NDP N9A C8A  sing Y N 304 
NDP N9A C4A  sing Y N 305 
NDP C8A N7A  doub Y N 306 
NDP C8A H8A  sing N N 307 
NDP N7A C5A  sing Y N 308 
NDP C5A C6A  sing Y N 309 
NDP C5A C4A  doub Y N 310 
NDP C6A N6A  sing N N 311 
NDP C6A N1A  doub Y N 312 
NDP N6A H61A sing N N 313 
NDP N6A H62A sing N N 314 
NDP N1A C2A  sing Y N 315 
NDP C2A N3A  doub Y N 316 
NDP C2A H2A  sing N N 317 
NDP N3A C4A  sing Y N 318 
NDP O3  PN   sing N N 319 
NDP PN  O1N  doub N N 320 
NDP PN  O2N  sing N N 321 
NDP PN  O5D  sing N N 322 
NDP O2N H21N sing N N 323 
NDP O5D C5D  sing N N 324 
NDP C5D C4D  sing N N 325 
NDP C5D H51N sing N N 326 
NDP C5D H52N sing N N 327 
NDP C4D O4D  sing N N 328 
NDP C4D C3D  sing N N 329 
NDP C4D H4D  sing N N 330 
NDP O4D C1D  sing N N 331 
NDP C3D O3D  sing N N 332 
NDP C3D C2D  sing N N 333 
NDP C3D H3D  sing N N 334 
NDP O3D HO3N sing N N 335 
NDP C2D O2D  sing N N 336 
NDP C2D C1D  sing N N 337 
NDP C2D H2D  sing N N 338 
NDP O2D HO2N sing N N 339 
NDP C1D N1N  sing N N 340 
NDP C1D H1D  sing N N 341 
NDP N1N C2N  sing N N 342 
NDP N1N C6N  sing N N 343 
NDP C2N C3N  doub N N 344 
NDP C2N H2N  sing N N 345 
NDP C3N C7N  sing N N 346 
NDP C3N C4N  sing N N 347 
NDP C7N O7N  doub N N 348 
NDP C7N N7N  sing N N 349 
NDP N7N H71N sing N N 350 
NDP N7N H72N sing N N 351 
NDP C4N C5N  sing N N 352 
NDP C4N H41N sing N N 353 
NDP C4N H42N sing N N 354 
NDP C5N C6N  doub N N 355 
NDP C5N H5N  sing N N 356 
NDP C6N H6N  sing N N 357 
NDP P2B O1X  doub N N 358 
NDP P2B O2X  sing N N 359 
NDP P2B O3X  sing N N 360 
NDP O2X HOP2 sing N N 361 
NDP O3X HOP3 sing N N 362 
PHE N   CA   sing N N 363 
PHE N   H    sing N N 364 
PHE N   H2   sing N N 365 
PHE CA  C    sing N N 366 
PHE CA  CB   sing N N 367 
PHE CA  HA   sing N N 368 
PHE C   O    doub N N 369 
PHE C   OXT  sing N N 370 
PHE CB  CG   sing N N 371 
PHE CB  HB2  sing N N 372 
PHE CB  HB3  sing N N 373 
PHE CG  CD1  doub Y N 374 
PHE CG  CD2  sing Y N 375 
PHE CD1 CE1  sing Y N 376 
PHE CD1 HD1  sing N N 377 
PHE CD2 CE2  doub Y N 378 
PHE CD2 HD2  sing N N 379 
PHE CE1 CZ   doub Y N 380 
PHE CE1 HE1  sing N N 381 
PHE CE2 CZ   sing Y N 382 
PHE CE2 HE2  sing N N 383 
PHE CZ  HZ   sing N N 384 
PHE OXT HXT  sing N N 385 
PRO N   CA   sing N N 386 
PRO N   CD   sing N N 387 
PRO N   H    sing N N 388 
PRO CA  C    sing N N 389 
PRO CA  CB   sing N N 390 
PRO CA  HA   sing N N 391 
PRO C   O    doub N N 392 
PRO C   OXT  sing N N 393 
PRO CB  CG   sing N N 394 
PRO CB  HB2  sing N N 395 
PRO CB  HB3  sing N N 396 
PRO CG  CD   sing N N 397 
PRO CG  HG2  sing N N 398 
PRO CG  HG3  sing N N 399 
PRO CD  HD2  sing N N 400 
PRO CD  HD3  sing N N 401 
PRO OXT HXT  sing N N 402 
SER N   CA   sing N N 403 
SER N   H    sing N N 404 
SER N   H2   sing N N 405 
SER CA  C    sing N N 406 
SER CA  CB   sing N N 407 
SER CA  HA   sing N N 408 
SER C   O    doub N N 409 
SER C   OXT  sing N N 410 
SER CB  OG   sing N N 411 
SER CB  HB2  sing N N 412 
SER CB  HB3  sing N N 413 
SER OG  HG   sing N N 414 
SER OXT HXT  sing N N 415 
THR N   CA   sing N N 416 
THR N   H    sing N N 417 
THR N   H2   sing N N 418 
THR CA  C    sing N N 419 
THR CA  CB   sing N N 420 
THR CA  HA   sing N N 421 
THR C   O    doub N N 422 
THR C   OXT  sing N N 423 
THR CB  OG1  sing N N 424 
THR CB  CG2  sing N N 425 
THR CB  HB   sing N N 426 
THR OG1 HG1  sing N N 427 
THR CG2 HG21 sing N N 428 
THR CG2 HG22 sing N N 429 
THR CG2 HG23 sing N N 430 
THR OXT HXT  sing N N 431 
TRP N   CA   sing N N 432 
TRP N   H    sing N N 433 
TRP N   H2   sing N N 434 
TRP CA  C    sing N N 435 
TRP CA  CB   sing N N 436 
TRP CA  HA   sing N N 437 
TRP C   O    doub N N 438 
TRP C   OXT  sing N N 439 
TRP CB  CG   sing N N 440 
TRP CB  HB2  sing N N 441 
TRP CB  HB3  sing N N 442 
TRP CG  CD1  doub Y N 443 
TRP CG  CD2  sing Y N 444 
TRP CD1 NE1  sing Y N 445 
TRP CD1 HD1  sing N N 446 
TRP CD2 CE2  doub Y N 447 
TRP CD2 CE3  sing Y N 448 
TRP NE1 CE2  sing Y N 449 
TRP NE1 HE1  sing N N 450 
TRP CE2 CZ2  sing Y N 451 
TRP CE3 CZ3  doub Y N 452 
TRP CE3 HE3  sing N N 453 
TRP CZ2 CH2  doub Y N 454 
TRP CZ2 HZ2  sing N N 455 
TRP CZ3 CH2  sing Y N 456 
TRP CZ3 HZ3  sing N N 457 
TRP CH2 HH2  sing N N 458 
TRP OXT HXT  sing N N 459 
TYR N   CA   sing N N 460 
TYR N   H    sing N N 461 
TYR N   H2   sing N N 462 
TYR CA  C    sing N N 463 
TYR CA  CB   sing N N 464 
TYR CA  HA   sing N N 465 
TYR C   O    doub N N 466 
TYR C   OXT  sing N N 467 
TYR CB  CG   sing N N 468 
TYR CB  HB2  sing N N 469 
TYR CB  HB3  sing N N 470 
TYR CG  CD1  doub Y N 471 
TYR CG  CD2  sing Y N 472 
TYR CD1 CE1  sing Y N 473 
TYR CD1 HD1  sing N N 474 
TYR CD2 CE2  doub Y N 475 
TYR CD2 HD2  sing N N 476 
TYR CE1 CZ   doub Y N 477 
TYR CE1 HE1  sing N N 478 
TYR CE2 CZ   sing Y N 479 
TYR CE2 HE2  sing N N 480 
TYR CZ  OH   sing N N 481 
TYR OH  HH   sing N N 482 
TYR OXT HXT  sing N N 483 
VAL N   CA   sing N N 484 
VAL N   H    sing N N 485 
VAL N   H2   sing N N 486 
VAL CA  C    sing N N 487 
VAL CA  CB   sing N N 488 
VAL CA  HA   sing N N 489 
VAL C   O    doub N N 490 
VAL C   OXT  sing N N 491 
VAL CB  CG1  sing N N 492 
VAL CB  CG2  sing N N 493 
VAL CB  HB   sing N N 494 
VAL CG1 HG11 sing N N 495 
VAL CG1 HG12 sing N N 496 
VAL CG1 HG13 sing N N 497 
VAL CG2 HG21 sing N N 498 
VAL CG2 HG22 sing N N 499 
VAL CG2 HG23 sing N N 500 
VAL OXT HXT  sing N N 501 
# 
_pdbx_initial_refinement_model.accession_code   ? 
_pdbx_initial_refinement_model.id               1 
_pdbx_initial_refinement_model.entity_id_list   ? 
_pdbx_initial_refinement_model.type             other 
_pdbx_initial_refinement_model.source_name      ? 
_pdbx_initial_refinement_model.details          
'Sa F98Y DHFR bound to Folate and NADPH (Dale et al., J.Mol.Biol. 1997, structure not deposited in the PDB)' 
# 
_atom_sites.entry_id                    3F0Q 
_atom_sites.fract_transf_matrix[1][1]   -0.01403705 
_atom_sites.fract_transf_matrix[1][2]   -0.00396440 
_atom_sites.fract_transf_matrix[1][3]   0.00001076 
_atom_sites.fract_transf_matrix[2][1]   -0.00985866 
_atom_sites.fract_transf_matrix[2][2]   0.00809195 
_atom_sites.fract_transf_matrix[2][3]   0.00707869 
_atom_sites.fract_transf_matrix[3][1]   -0.00140411 
_atom_sites.fract_transf_matrix[3][2]   0.00495096 
_atom_sites.fract_transf_matrix[3][3]   -0.00761518 
_atom_sites.fract_transf_vector[1]      -0.400162 
_atom_sites.fract_transf_vector[2]      -0.173292 
_atom_sites.fract_transf_vector[3]      0.356746 
# 
loop_
_atom_type.symbol 
C 
N 
O 
P 
S 
# 
loop_
_atom_site.group_PDB 
_atom_site.id 
_atom_site.type_symbol 
_atom_site.label_atom_id 
_atom_site.label_alt_id 
_atom_site.label_comp_id 
_atom_site.label_asym_id 
_atom_site.label_entity_id 
_atom_site.label_seq_id 
_atom_site.pdbx_PDB_ins_code 
_atom_site.Cartn_x 
_atom_site.Cartn_y 
_atom_site.Cartn_z 
_atom_site.occupancy 
_atom_site.B_iso_or_equiv 
_atom_site.pdbx_formal_charge 
_atom_site.auth_seq_id 
_atom_site.auth_comp_id 
_atom_site.auth_asym_id 
_atom_site.auth_atom_id 
_atom_site.pdbx_PDB_model_num 
ATOM   1    N N   . THR A 1 1   ? -0.192  -9.708  12.458  1.00 26.83  ? 1   THR X N   1 
ATOM   2    C CA  . THR A 1 1   ? -1.148  -9.235  11.414  1.00 25.74  ? 1   THR X CA  1 
ATOM   3    C C   . THR A 1 1   ? -0.468  -9.068  10.046  1.00 24.70  ? 1   THR X C   1 
ATOM   4    O O   . THR A 1 1   ? 0.685   -8.643  9.942   1.00 24.61  ? 1   THR X O   1 
ATOM   5    C CB  . THR A 1 1   ? -1.787  -7.888  11.800  1.00 26.21  ? 1   THR X CB  1 
ATOM   6    O OG1 . THR A 1 1   ? -1.834  -7.758  13.226  1.00 28.49  ? 1   THR X OG1 1 
ATOM   7    C CG2 . THR A 1 1   ? -3.201  -7.771  11.228  1.00 25.56  ? 1   THR X CG2 1 
ATOM   8    N N   . LEU A 1 2   ? -1.208  -9.422  9.004   1.00 22.94  ? 2   LEU X N   1 
ATOM   9    C CA  . LEU A 1 2   ? -0.819  -9.151  7.641   1.00 21.24  ? 2   LEU X CA  1 
ATOM   10   C C   . LEU A 1 2   ? -1.883  -8.226  7.055   1.00 19.59  ? 2   LEU X C   1 
ATOM   11   O O   . LEU A 1 2   ? -3.045  -8.604  6.948   1.00 18.74  ? 2   LEU X O   1 
ATOM   12   C CB  . LEU A 1 2   ? -0.720  -10.453 6.847   1.00 21.04  ? 2   LEU X CB  1 
ATOM   13   C CG  . LEU A 1 2   ? -0.184  -10.422 5.414   1.00 21.53  ? 2   LEU X CG  1 
ATOM   14   C CD1 . LEU A 1 2   ? 1.220   -9.794  5.318   1.00 21.29  ? 2   LEU X CD1 1 
ATOM   15   C CD2 . LEU A 1 2   ? -0.187  -11.846 4.836   1.00 21.70  ? 2   LEU X CD2 1 
ATOM   16   N N   . SER A 1 3   ? -1.461  -7.018  6.688   1.00 18.04  ? 3   SER X N   1 
ATOM   17   C CA  . SER A 1 3   ? -2.379  -5.976  6.207   1.00 16.53  ? 3   SER X CA  1 
ATOM   18   C C   . SER A 1 3   ? -1.968  -5.458  4.816   1.00 15.64  ? 3   SER X C   1 
ATOM   19   O O   . SER A 1 3   ? -0.782  -5.482  4.467   1.00 15.18  ? 3   SER X O   1 
ATOM   20   C CB  . SER A 1 3   ? -2.403  -4.813  7.198   1.00 16.57  ? 3   SER X CB  1 
ATOM   21   O OG  . SER A 1 3   ? -2.753  -5.263  8.504   1.00 17.08  ? 3   SER X OG  1 
ATOM   22   N N   . ILE A 1 4   ? -2.959  -5.029  4.032   1.00 13.21  ? 4   ILE X N   1 
ATOM   23   C CA  . ILE A 1 4   ? -2.731  -4.183  2.860   1.00 11.83  ? 4   ILE X CA  1 
ATOM   24   C C   . ILE A 1 4   ? -2.818  -2.716  3.271   1.00 11.77  ? 4   ILE X C   1 
ATOM   25   O O   . ILE A 1 4   ? -3.602  -2.340  4.166   1.00 10.24  ? 4   ILE X O   1 
ATOM   26   C CB  . ILE A 1 4   ? -3.724  -4.524  1.680   1.00 12.24  ? 4   ILE X CB  1 
ATOM   27   C CG1 . ILE A 1 4   ? -3.167  -5.671  0.831   1.00 11.93  ? 4   ILE X CG1 1 
ATOM   28   C CG2 . ILE A 1 4   ? -4.029  -3.306  0.797   1.00 9.94   ? 4   ILE X CG2 1 
ATOM   29   C CD1 . ILE A 1 4   ? -4.195  -6.305  -0.150  1.00 11.65  ? 4   ILE X CD1 1 
ATOM   30   N N   . LEU A 1 5   ? -1.965  -1.912  2.648   1.00 10.92  ? 5   LEU X N   1 
ATOM   31   C CA  . LEU A 1 5   ? -1.982  -0.472  2.782   1.00 11.21  ? 5   LEU X CA  1 
ATOM   32   C C   . LEU A 1 5   ? -1.920  0.104   1.370   1.00 11.01  ? 5   LEU X C   1 
ATOM   33   O O   . LEU A 1 5   ? -0.932  -0.098  0.667   1.00 10.39  ? 5   LEU X O   1 
ATOM   34   C CB  . LEU A 1 5   ? -0.772  -0.010  3.606   1.00 10.91  ? 5   LEU X CB  1 
ATOM   35   C CG  . LEU A 1 5   ? -0.596  1.455   3.985   1.00 12.24  ? 5   LEU X CG  1 
ATOM   36   C CD1 . LEU A 1 5   ? -1.860  2.023   4.613   1.00 11.90  ? 5   LEU X CD1 1 
ATOM   37   C CD2 . LEU A 1 5   ? 0.616   1.649   4.960   1.00 11.49  ? 5   LEU X CD2 1 
ATOM   38   N N   . VAL A 1 6   ? -2.977  0.814   0.972   1.00 10.74  ? 6   VAL X N   1 
ATOM   39   C CA  . VAL A 1 6   ? -3.148  1.299   -0.411  1.00 10.17  ? 6   VAL X CA  1 
ATOM   40   C C   . VAL A 1 6   ? -4.016  2.579   -0.447  1.00 10.31  ? 6   VAL X C   1 
ATOM   41   O O   . VAL A 1 6   ? -4.894  2.778   0.404   1.00 10.41  ? 6   VAL X O   1 
ATOM   42   C CB  . VAL A 1 6   ? -3.773  0.175   -1.311  1.00 10.01  ? 6   VAL X CB  1 
ATOM   43   C CG1 . VAL A 1 6   ? -5.202  -0.186  -0.858  1.00 9.39   ? 6   VAL X CG1 1 
ATOM   44   C CG2 . VAL A 1 6   ? -3.744  0.543   -2.812  1.00 9.25   ? 6   VAL X CG2 1 
ATOM   45   N N   . ALA A 1 7   ? -3.730  3.457   -1.401  1.00 9.14   ? 7   ALA X N   1 
ATOM   46   C CA  . ALA A 1 7   ? -4.636  4.539   -1.760  1.00 9.01   ? 7   ALA X CA  1 
ATOM   47   C C   . ALA A 1 7   ? -5.116  4.260   -3.187  1.00 8.82   ? 7   ALA X C   1 
ATOM   48   O O   . ALA A 1 7   ? -4.284  4.095   -4.083  1.00 8.98   ? 7   ALA X O   1 
ATOM   49   C CB  . ALA A 1 7   ? -3.911  5.869   -1.701  1.00 8.54   ? 7   ALA X CB  1 
ATOM   50   N N   . HIS A 1 8   ? -6.430  4.185   -3.398  1.00 8.59   ? 8   HIS X N   1 
ATOM   51   C CA  . HIS A 1 8   ? -6.971  4.002   -4.758  1.00 8.84   ? 8   HIS X CA  1 
ATOM   52   C C   . HIS A 1 8   ? -8.135  4.940   -5.039  1.00 8.88   ? 8   HIS X C   1 
ATOM   53   O O   . HIS A 1 8   ? -8.820  5.368   -4.105  1.00 8.83   ? 8   HIS X O   1 
ATOM   54   C CB  . HIS A 1 8   ? -7.326  2.527   -5.065  1.00 8.94   ? 8   HIS X CB  1 
ATOM   55   C CG  . HIS A 1 8   ? -8.587  2.015   -4.411  1.00 10.17  ? 8   HIS X CG  1 
ATOM   56   N ND1 . HIS A 1 8   ? -9.842  2.531   -4.682  1.00 9.38   ? 8   HIS X ND1 1 
ATOM   57   C CD2 . HIS A 1 8   ? -8.786  0.975   -3.563  1.00 8.84   ? 8   HIS X CD2 1 
ATOM   58   C CE1 . HIS A 1 8   ? -10.751 1.862   -3.994  1.00 10.03  ? 8   HIS X CE1 1 
ATOM   59   N NE2 . HIS A 1 8   ? -10.137 0.911   -3.308  1.00 12.27  ? 8   HIS X NE2 1 
ATOM   60   N N   . ASP A 1 9   ? -8.340  5.281   -6.316  1.00 7.98   ? 9   ASP X N   1 
ATOM   61   C CA  . ASP A 1 9   ? -9.393  6.227   -6.683  1.00 8.22   ? 9   ASP X CA  1 
ATOM   62   C C   . ASP A 1 9   ? -10.729 5.505   -6.925  1.00 8.41   ? 9   ASP X C   1 
ATOM   63   O O   . ASP A 1 9   ? -10.857 4.319   -6.616  1.00 8.28   ? 9   ASP X O   1 
ATOM   64   C CB  . ASP A 1 9   ? -8.958  7.148   -7.846  1.00 7.18   ? 9   ASP X CB  1 
ATOM   65   C CG  . ASP A 1 9   ? -9.118  6.495   -9.224  1.00 7.15   ? 9   ASP X CG  1 
ATOM   66   O OD1 . ASP A 1 9   ? -9.514  5.319   -9.318  1.00 7.27   ? 9   ASP X OD1 1 
ATOM   67   O OD2 . ASP A 1 9   ? -8.835  7.166   -10.223 1.00 8.12   ? 9   ASP X OD2 1 
ATOM   68   N N   . LEU A 1 10  ? -11.724 6.216   -7.446  1.00 9.22   ? 10  LEU X N   1 
ATOM   69   C CA  . LEU A 1 10  ? -13.068 5.647   -7.595  1.00 10.22  ? 10  LEU X CA  1 
ATOM   70   C C   . LEU A 1 10  ? -13.111 4.434   -8.528  1.00 11.08  ? 10  LEU X C   1 
ATOM   71   O O   . LEU A 1 10  ? -14.029 3.626   -8.433  1.00 10.75  ? 10  LEU X O   1 
ATOM   72   C CB  . LEU A 1 10  ? -14.068 6.709   -8.064  1.00 10.06  ? 10  LEU X CB  1 
ATOM   73   C CG  . LEU A 1 10  ? -14.306 7.850   -7.068  1.00 9.96   ? 10  LEU X CG  1 
ATOM   74   C CD1 . LEU A 1 10  ? -14.969 9.031   -7.742  1.00 10.01  ? 10  LEU X CD1 1 
ATOM   75   C CD2 . LEU A 1 10  ? -15.137 7.331   -5.907  1.00 10.79  ? 10  LEU X CD2 1 
ATOM   76   N N   . GLN A 1 11  ? -12.113 4.316   -9.411  1.00 11.30  ? 11  GLN X N   1 
ATOM   77   C CA  . GLN A 1 11  ? -12.045 3.210   -10.377 1.00 12.54  ? 11  GLN X CA  1 
ATOM   78   C C   . GLN A 1 11  ? -10.897 2.227   -10.059 1.00 11.68  ? 11  GLN X C   1 
ATOM   79   O O   . GLN A 1 11  ? -10.553 1.352   -10.866 1.00 11.27  ? 11  GLN X O   1 
ATOM   80   C CB  . GLN A 1 11  ? -11.949 3.773   -11.797 1.00 12.33  ? 11  GLN X CB  1 
ATOM   81   C CG  . GLN A 1 11  ? -13.238 4.532   -12.168 1.00 15.27  ? 11  GLN X CG  1 
ATOM   82   C CD  . GLN A 1 11  ? -13.197 5.221   -13.520 1.00 16.01  ? 11  GLN X CD  1 
ATOM   83   O OE1 . GLN A 1 11  ? -12.185 5.835   -13.914 1.00 20.24  ? 11  GLN X OE1 1 
ATOM   84   N NE2 . GLN A 1 11  ? -14.313 5.134   -14.239 1.00 18.65  ? 11  GLN X NE2 1 
ATOM   85   N N   . ARG A 1 12  ? -10.337 2.400   -8.860  1.00 10.75  ? 12  ARG X N   1 
ATOM   86   C CA  . ARG A 1 12  ? -9.250  1.594   -8.313  1.00 9.95   ? 12  ARG X CA  1 
ATOM   87   C C   . ARG A 1 12  ? -7.889  1.825   -8.982  1.00 10.27  ? 12  ARG X C   1 
ATOM   88   O O   . ARG A 1 12  ? -7.020  0.974   -8.881  1.00 11.35  ? 12  ARG X O   1 
ATOM   89   C CB  . ARG A 1 12  ? -9.612  0.104   -8.276  1.00 10.07  ? 12  ARG X CB  1 
ATOM   90   C CG  . ARG A 1 12  ? -10.565 -0.319  -7.129  1.00 8.85   ? 12  ARG X CG  1 
ATOM   91   C CD  . ARG A 1 12  ? -10.968 -1.795  -7.281  1.00 9.63   ? 12  ARG X CD  1 
ATOM   92   N NE  . ARG A 1 12  ? -11.852 -1.932  -8.432  1.00 8.82   ? 12  ARG X NE  1 
ATOM   93   C CZ  . ARG A 1 12  ? -11.484 -2.308  -9.659  1.00 11.00  ? 12  ARG X CZ  1 
ATOM   94   N NH1 . ARG A 1 12  ? -10.217 -2.659  -9.944  1.00 8.13   ? 12  ARG X NH1 1 
ATOM   95   N NH2 . ARG A 1 12  ? -12.413 -2.340  -10.614 1.00 9.46   ? 12  ARG X NH2 1 
ATOM   96   N N   . VAL A 1 13  ? -7.695  2.980   -9.620  1.00 9.21   ? 13  VAL X N   1 
ATOM   97   C CA  . VAL A 1 13  ? -6.373  3.386   -10.068 1.00 9.51   ? 13  VAL X CA  1 
ATOM   98   C C   . VAL A 1 13  ? -5.469  3.583   -8.843  1.00 9.78   ? 13  VAL X C   1 
ATOM   99   O O   . VAL A 1 13  ? -5.884  4.213   -7.875  1.00 9.72   ? 13  VAL X O   1 
ATOM   100  C CB  . VAL A 1 13  ? -6.417  4.692   -10.910 1.00 9.22   ? 13  VAL X CB  1 
ATOM   101  C CG1 . VAL A 1 13  ? -5.030  5.323   -11.026 1.00 9.00   ? 13  VAL X CG1 1 
ATOM   102  C CG2 . VAL A 1 13  ? -6.990  4.404   -12.301 1.00 9.96   ? 13  VAL X CG2 1 
ATOM   103  N N   . ILE A 1 14  ? -4.259  3.018   -8.888  1.00 9.49   ? 14  ILE X N   1 
ATOM   104  C CA  . ILE A 1 14  ? -3.248  3.248   -7.842  1.00 9.52   ? 14  ILE X CA  1 
ATOM   105  C C   . ILE A 1 14  ? -2.000  3.966   -8.368  1.00 9.94   ? 14  ILE X C   1 
ATOM   106  O O   . ILE A 1 14  ? -1.236  4.564   -7.598  1.00 9.59   ? 14  ILE X O   1 
ATOM   107  C CB  . ILE A 1 14  ? -2.854  1.917   -7.104  1.00 10.29  ? 14  ILE X CB  1 
ATOM   108  C CG1 . ILE A 1 14  ? -2.248  0.886   -8.090  1.00 8.51   ? 14  ILE X CG1 1 
ATOM   109  C CG2 . ILE A 1 14  ? -4.083  1.362   -6.334  1.00 7.24   ? 14  ILE X CG2 1 
ATOM   110  C CD1 . ILE A 1 14  ? -1.537  -0.319  -7.414  1.00 10.14  ? 14  ILE X CD1 1 
ATOM   111  N N   . GLY A 1 15  ? -1.791  3.919   -9.684  1.00 10.17  ? 15  GLY X N   1 
ATOM   112  C CA  . GLY A 1 15  ? -0.565  4.478   -10.259 1.00 10.63  ? 15  GLY X CA  1 
ATOM   113  C C   . GLY A 1 15  ? -0.629  4.868   -11.729 1.00 11.26  ? 15  GLY X C   1 
ATOM   114  O O   . GLY A 1 15  ? -1.523  4.441   -12.473 1.00 10.05  ? 15  GLY X O   1 
ATOM   115  N N   . PHE A 1 16  ? 0.314   5.714   -12.134 1.00 11.59  ? 16  PHE X N   1 
ATOM   116  C CA  . PHE A 1 16  ? 0.471   6.073   -13.533 1.00 12.99  ? 16  PHE X CA  1 
ATOM   117  C C   . PHE A 1 16  ? 1.933   6.384   -13.756 1.00 13.87  ? 16  PHE X C   1 
ATOM   118  O O   . PHE A 1 16  ? 2.493   7.227   -13.061 1.00 13.03  ? 16  PHE X O   1 
ATOM   119  C CB  . PHE A 1 16  ? -0.387  7.290   -13.929 1.00 12.89  ? 16  PHE X CB  1 
ATOM   120  C CG  . PHE A 1 16  ? -0.304  7.637   -15.408 1.00 13.76  ? 16  PHE X CG  1 
ATOM   121  C CD1 . PHE A 1 16  ? 0.308   8.815   -15.826 1.00 14.87  ? 16  PHE X CD1 1 
ATOM   122  C CD2 . PHE A 1 16  ? -0.842  6.786   -16.370 1.00 13.94  ? 16  PHE X CD2 1 
ATOM   123  C CE1 . PHE A 1 16  ? 0.388   9.143   -17.178 1.00 16.31  ? 16  PHE X CE1 1 
ATOM   124  C CE2 . PHE A 1 16  ? -0.764  7.098   -17.739 1.00 15.44  ? 16  PHE X CE2 1 
ATOM   125  C CZ  . PHE A 1 16  ? -0.149  8.274   -18.142 1.00 16.28  ? 16  PHE X CZ  1 
ATOM   126  N N   . GLU A 1 17  ? 2.517   5.693   -14.732 1.00 14.87  ? 17  GLU X N   1 
ATOM   127  C CA  . GLU A 1 17  ? 3.917   5.846   -15.116 1.00 16.80  ? 17  GLU X CA  1 
ATOM   128  C C   . GLU A 1 17  ? 4.856   5.812   -13.920 1.00 17.53  ? 17  GLU X C   1 
ATOM   129  O O   . GLU A 1 17  ? 5.656   6.714   -13.730 1.00 17.88  ? 17  GLU X O   1 
ATOM   130  C CB  . GLU A 1 17  ? 4.104   7.095   -15.978 1.00 17.06  ? 17  GLU X CB  1 
ATOM   131  C CG  . GLU A 1 17  ? 3.378   6.945   -17.310 1.00 19.76  ? 17  GLU X CG  1 
ATOM   132  C CD  . GLU A 1 17  ? 3.524   8.147   -18.212 1.00 22.69  ? 17  GLU X CD  1 
ATOM   133  O OE1 . GLU A 1 17  ? 3.793   9.258   -17.708 1.00 24.45  ? 17  GLU X OE1 1 
ATOM   134  O OE2 . GLU A 1 17  ? 3.353   7.971   -19.429 1.00 23.01  ? 17  GLU X OE2 1 
ATOM   135  N N   . ASN A 1 18  ? 4.709   4.751   -13.124 1.00 19.19  ? 18  ASN X N   1 
ATOM   136  C CA  . ASN A 1 18  ? 5.507   4.483   -11.919 1.00 20.88  ? 18  ASN X CA  1 
ATOM   137  C C   . ASN A 1 18  ? 5.465   5.598   -10.866 1.00 21.03  ? 18  ASN X C   1 
ATOM   138  O O   . ASN A 1 18  ? 6.381   5.748   -10.080 1.00 21.50  ? 18  ASN X O   1 
ATOM   139  C CB  . ASN A 1 18  ? 6.947   4.049   -12.290 1.00 21.33  ? 18  ASN X CB  1 
ATOM   140  C CG  . ASN A 1 18  ? 6.986   2.674   -12.943 1.00 22.97  ? 18  ASN X CG  1 
ATOM   141  O OD1 . ASN A 1 18  ? 6.124   1.829   -12.695 1.00 26.87  ? 18  ASN X OD1 1 
ATOM   142  N ND2 . ASN A 1 18  ? 7.990   2.439   -13.781 1.00 27.01  ? 18  ASN X ND2 1 
ATOM   143  N N   . GLN A 1 19  ? 4.378   6.365   -10.863 1.00 21.75  ? 19  GLN X N   1 
ATOM   144  C CA  . GLN A 1 19  ? 4.127   7.410   -9.868  1.00 22.37  ? 19  GLN X CA  1 
ATOM   145  C C   . GLN A 1 19  ? 2.689   7.310   -9.351  1.00 21.79  ? 19  GLN X C   1 
ATOM   146  O O   . GLN A 1 19  ? 1.862   6.623   -9.944  1.00 21.05  ? 19  GLN X O   1 
ATOM   147  C CB  . GLN A 1 19  ? 4.301   8.794   -10.492 1.00 23.01  ? 19  GLN X CB  1 
ATOM   148  C CG  . GLN A 1 19  ? 5.702   9.115   -10.948 1.00 27.47  ? 19  GLN X CG  1 
ATOM   149  C CD  . GLN A 1 19  ? 5.871   10.583  -11.213 1.00 31.90  ? 19  GLN X CD  1 
ATOM   150  O OE1 . GLN A 1 19  ? 5.525   11.425  -10.375 1.00 34.94  ? 19  GLN X OE1 1 
ATOM   151  N NE2 . GLN A 1 19  ? 6.403   10.913  -12.383 1.00 35.34  ? 19  GLN X NE2 1 
ATOM   152  N N   . LEU A 1 20  ? 2.407   8.008   -8.254  1.00 21.02  ? 20  LEU X N   1 
ATOM   153  C CA  . LEU A 1 20  ? 1.040   8.199   -7.789  1.00 21.13  ? 20  LEU X CA  1 
ATOM   154  C C   . LEU A 1 20  ? 0.440   9.348   -8.592  1.00 20.67  ? 20  LEU X C   1 
ATOM   155  O O   . LEU A 1 20  ? 1.110   10.348  -8.813  1.00 21.04  ? 20  LEU X O   1 
ATOM   156  C CB  . LEU A 1 20  ? 1.010   8.551   -6.294  1.00 20.92  ? 20  LEU X CB  1 
ATOM   157  C CG  . LEU A 1 20  ? 1.856   7.701   -5.350  1.00 21.78  ? 20  LEU X CG  1 
ATOM   158  C CD1 . LEU A 1 20  ? 2.210   8.489   -4.074  1.00 23.55  ? 20  LEU X CD1 1 
ATOM   159  C CD2 . LEU A 1 20  ? 1.152   6.388   -5.032  1.00 21.48  ? 20  LEU X CD2 1 
ATOM   160  N N   . PRO A 1 21  ? -0.819  9.206   -9.041  1.00 20.41  ? 21  PRO X N   1 
ATOM   161  C CA  . PRO A 1 21  ? -1.499  10.264  -9.813  1.00 20.10  ? 21  PRO X CA  1 
ATOM   162  C C   . PRO A 1 21  ? -1.882  11.510  -9.013  1.00 20.02  ? 21  PRO X C   1 
ATOM   163  O O   . PRO A 1 21  ? -2.145  12.553  -9.606  1.00 20.02  ? 21  PRO X O   1 
ATOM   164  C CB  . PRO A 1 21  ? -2.767  9.555   -10.348 1.00 20.11  ? 21  PRO X CB  1 
ATOM   165  C CG  . PRO A 1 21  ? -2.505  8.084   -10.173 1.00 19.95  ? 21  PRO X CG  1 
ATOM   166  C CD  . PRO A 1 21  ? -1.665  8.009   -8.914  1.00 20.27  ? 21  PRO X CD  1 
ATOM   167  N N   . TRP A 1 22  ? -1.921  11.398  -7.683  1.00 19.60  ? 22  TRP X N   1 
ATOM   168  C CA  . TRP A 1 22  ? -2.332  12.497  -6.790  1.00 19.13  ? 22  TRP X CA  1 
ATOM   169  C C   . TRP A 1 22  ? -1.233  12.823  -5.784  1.00 19.97  ? 22  TRP X C   1 
ATOM   170  O O   . TRP A 1 22  ? -0.353  11.998  -5.534  1.00 19.34  ? 22  TRP X O   1 
ATOM   171  C CB  . TRP A 1 22  ? -3.604  12.115  -6.023  1.00 17.36  ? 22  TRP X CB  1 
ATOM   172  C CG  . TRP A 1 22  ? -3.514  10.735  -5.470  1.00 16.07  ? 22  TRP X CG  1 
ATOM   173  C CD1 . TRP A 1 22  ? -2.889  10.350  -4.311  1.00 15.46  ? 22  TRP X CD1 1 
ATOM   174  C CD2 . TRP A 1 22  ? -4.025  9.536   -6.066  1.00 14.41  ? 22  TRP X CD2 1 
ATOM   175  N NE1 . TRP A 1 22  ? -2.974  8.985   -4.158  1.00 15.53  ? 22  TRP X NE1 1 
ATOM   176  C CE2 . TRP A 1 22  ? -3.678  8.462   -5.209  1.00 13.92  ? 22  TRP X CE2 1 
ATOM   177  C CE3 . TRP A 1 22  ? -4.747  9.265   -7.237  1.00 14.11  ? 22  TRP X CE3 1 
ATOM   178  C CZ2 . TRP A 1 22  ? -4.026  7.142   -5.486  1.00 12.89  ? 22  TRP X CZ2 1 
ATOM   179  C CZ3 . TRP A 1 22  ? -5.094  7.945   -7.507  1.00 14.79  ? 22  TRP X CZ3 1 
ATOM   180  C CH2 . TRP A 1 22  ? -4.731  6.906   -6.635  1.00 14.44  ? 22  TRP X CH2 1 
ATOM   181  N N   . HIS A 1 23  ? -1.312  14.024  -5.210  1.00 21.78  ? 23  HIS X N   1 
ATOM   182  C CA  . HIS A 1 23  ? -0.446  14.430  -4.107  1.00 23.37  ? 23  HIS X CA  1 
ATOM   183  C C   . HIS A 1 23  ? -1.285  14.818  -2.901  1.00 22.92  ? 23  HIS X C   1 
ATOM   184  O O   . HIS A 1 23  ? -1.953  15.860  -2.890  1.00 23.74  ? 23  HIS X O   1 
ATOM   185  C CB  . HIS A 1 23  ? 0.495   15.582  -4.495  1.00 24.68  ? 23  HIS X CB  1 
ATOM   186  C CG  . HIS A 1 23  ? 1.511   15.902  -3.433  1.00 28.07  ? 23  HIS X CG  1 
ATOM   187  N ND1 . HIS A 1 23  ? 1.478   17.066  -2.690  1.00 29.91  ? 23  HIS X ND1 1 
ATOM   188  C CD2 . HIS A 1 23  ? 2.567   15.190  -2.968  1.00 30.36  ? 23  HIS X CD2 1 
ATOM   189  C CE1 . HIS A 1 23  ? 2.483   17.067  -1.833  1.00 30.84  ? 23  HIS X CE1 1 
ATOM   190  N NE2 . HIS A 1 23  ? 3.157   15.939  -1.977  1.00 30.61  ? 23  HIS X NE2 1 
ATOM   191  N N   . LEU A 1 24  ? -1.232  13.971  -1.884  1.00 22.18  ? 24  LEU X N   1 
ATOM   192  C CA  . LEU A 1 24  ? -2.111  14.090  -0.740  1.00 21.56  ? 24  LEU X CA  1 
ATOM   193  C C   . LEU A 1 24  ? -1.294  13.916  0.539   1.00 20.88  ? 24  LEU X C   1 
ATOM   194  O O   . LEU A 1 24  ? -1.122  12.789  1.016   1.00 20.73  ? 24  LEU X O   1 
ATOM   195  C CB  . LEU A 1 24  ? -3.221  13.041  -0.851  1.00 21.32  ? 24  LEU X CB  1 
ATOM   196  C CG  . LEU A 1 24  ? -4.596  13.293  -0.237  1.00 22.31  ? 24  LEU X CG  1 
ATOM   197  C CD1 . LEU A 1 24  ? -5.195  14.638  -0.638  1.00 21.60  ? 24  LEU X CD1 1 
ATOM   198  C CD2 . LEU A 1 24  ? -5.502  12.153  -0.673  1.00 21.92  ? 24  LEU X CD2 1 
ATOM   199  N N   . PRO A 1 25  ? -0.749  15.033  1.077   1.00 20.65  ? 25  PRO X N   1 
ATOM   200  C CA  . PRO A 1 25  ? 0.030   14.972  2.315   1.00 20.48  ? 25  PRO X CA  1 
ATOM   201  C C   . PRO A 1 25  ? -0.694  14.259  3.443   1.00 20.17  ? 25  PRO X C   1 
ATOM   202  O O   . PRO A 1 25  ? -0.053  13.530  4.181   1.00 20.70  ? 25  PRO X O   1 
ATOM   203  C CB  . PRO A 1 25  ? 0.257   16.443  2.667   1.00 20.48  ? 25  PRO X CB  1 
ATOM   204  C CG  . PRO A 1 25  ? 0.263   17.133  1.340   1.00 21.11  ? 25  PRO X CG  1 
ATOM   205  C CD  . PRO A 1 25  ? -0.797  16.406  0.535   1.00 20.15  ? 25  PRO X CD  1 
ATOM   206  N N   . ASN A 1 26  ? -2.009  14.443  3.571   1.00 20.12  ? 26  ASN X N   1 
ATOM   207  C CA  . ASN A 1 26  ? -2.773  13.752  4.624   1.00 19.97  ? 26  ASN X CA  1 
ATOM   208  C C   . ASN A 1 26  ? -2.618  12.232  4.546   1.00 19.47  ? 26  ASN X C   1 
ATOM   209  O O   . ASN A 1 26  ? -2.525  11.556  5.579   1.00 19.39  ? 26  ASN X O   1 
ATOM   210  C CB  . ASN A 1 26  ? -4.262  14.097  4.570   1.00 20.44  ? 26  ASN X CB  1 
ATOM   211  C CG  . ASN A 1 26  ? -4.565  15.532  4.987   1.00 22.53  ? 26  ASN X CG  1 
ATOM   212  O OD1 . ASN A 1 26  ? -3.720  16.232  5.543   1.00 24.16  ? 26  ASN X OD1 1 
ATOM   213  N ND2 . ASN A 1 26  ? -5.786  15.981  4.692   1.00 24.61  ? 26  ASN X ND2 1 
ATOM   214  N N   . ASP A 1 27  ? -2.607  11.694  3.325   1.00 18.28  ? 27  ASP X N   1 
ATOM   215  C CA  . ASP A 1 27  ? -2.467  10.246  3.151   1.00 17.77  ? 27  ASP X CA  1 
ATOM   216  C C   . ASP A 1 27  ? -1.047  9.757   3.456   1.00 17.63  ? 27  ASP X C   1 
ATOM   217  O O   . ASP A 1 27  ? -0.864  8.633   3.945   1.00 17.08  ? 27  ASP X O   1 
ATOM   218  C CB  . ASP A 1 27  ? -2.885  9.807   1.747   1.00 17.09  ? 27  ASP X CB  1 
ATOM   219  C CG  . ASP A 1 27  ? -2.597  8.350   1.493   1.00 16.50  ? 27  ASP X CG  1 
ATOM   220  O OD1 . ASP A 1 27  ? -1.757  8.090   0.617   1.00 16.42  ? 27  ASP X OD1 1 
ATOM   221  O OD2 . ASP A 1 27  ? -3.174  7.462   2.179   1.00 13.16  ? 27  ASP X OD2 1 
ATOM   222  N N   . LEU A 1 28  ? -0.052  10.589  3.152   1.00 17.59  ? 28  LEU X N   1 
ATOM   223  C CA  . LEU A 1 28  ? 1.339   10.261  3.473   1.00 18.62  ? 28  LEU X CA  1 
ATOM   224  C C   . LEU A 1 28  ? 1.560   10.256  4.986   1.00 18.65  ? 28  LEU X C   1 
ATOM   225  O O   . LEU A 1 28  ? 2.247   9.385   5.500   1.00 18.87  ? 28  LEU X O   1 
ATOM   226  C CB  . LEU A 1 28  ? 2.316   11.230  2.799   1.00 18.35  ? 28  LEU X CB  1 
ATOM   227  C CG  . LEU A 1 28  ? 2.233   11.425  1.282   1.00 19.59  ? 28  LEU X CG  1 
ATOM   228  C CD1 . LEU A 1 28  ? 3.313   12.446  0.839   1.00 19.88  ? 28  LEU X CD1 1 
ATOM   229  C CD2 . LEU A 1 28  ? 2.340   10.107  0.485   1.00 17.81  ? 28  LEU X CD2 1 
ATOM   230  N N   . LYS A 1 29  ? 0.975   11.224  5.692   1.00 19.25  ? 29  LYS X N   1 
ATOM   231  C CA  . LYS A 1 29  ? 0.986   11.206  7.154   1.00 20.03  ? 29  LYS X CA  1 
ATOM   232  C C   . LYS A 1 29  ? 0.345   9.922   7.678   1.00 19.84  ? 29  LYS X C   1 
ATOM   233  O O   . LYS A 1 29  ? 0.893   9.265   8.564   1.00 20.13  ? 29  LYS X O   1 
ATOM   234  C CB  . LYS A 1 29  ? 0.244   12.400  7.736   1.00 20.33  ? 29  LYS X CB  1 
ATOM   235  C CG  . LYS A 1 29  ? 0.802   13.762  7.378   1.00 23.65  ? 29  LYS X CG  1 
ATOM   236  C CD  . LYS A 1 29  ? 0.437   14.822  8.436   1.00 26.63  ? 29  LYS X CD  1 
ATOM   237  C CE  . LYS A 1 29  ? -0.754  14.404  9.296   1.00 29.01  ? 29  LYS X CE  1 
ATOM   238  N NZ  . LYS A 1 29  ? -2.095  14.457  8.616   1.00 32.25  ? 29  LYS X NZ  1 
ATOM   239  N N   . HIS A 1 30  ? -0.818  9.576   7.121   1.00 19.73  ? 30  HIS X N   1 
ATOM   240  C CA  . HIS A 1 30  ? -1.539  8.335   7.442   1.00 19.27  ? 30  HIS X CA  1 
ATOM   241  C C   . HIS A 1 30  ? -0.638  7.098   7.313   1.00 19.43  ? 30  HIS X C   1 
ATOM   242  O O   . HIS A 1 30  ? -0.559  6.279   8.234   1.00 19.28  ? 30  HIS X O   1 
ATOM   243  C CB  . HIS A 1 30  ? -2.759  8.235   6.522   1.00 18.94  ? 30  HIS X CB  1 
ATOM   244  C CG  . HIS A 1 30  ? -3.510  6.944   6.611   1.00 18.54  ? 30  HIS X CG  1 
ATOM   245  N ND1 . HIS A 1 30  ? -4.328  6.629   7.673   1.00 18.35  ? 30  HIS X ND1 1 
ATOM   246  C CD2 . HIS A 1 30  ? -3.629  5.924   5.729   1.00 18.62  ? 30  HIS X CD2 1 
ATOM   247  C CE1 . HIS A 1 30  ? -4.892  5.455   7.461   1.00 19.43  ? 30  HIS X CE1 1 
ATOM   248  N NE2 . HIS A 1 30  ? -4.486  5.005   6.286   1.00 20.78  ? 30  HIS X NE2 1 
ATOM   249  N N   . VAL A 1 31  ? 0.046   6.969   6.177   1.00 19.93  ? 31  VAL X N   1 
ATOM   250  C CA  . VAL A 1 31  ? 0.976   5.853   5.947   1.00 20.32  ? 31  VAL X CA  1 
ATOM   251  C C   . VAL A 1 31  ? 2.087   5.824   7.004   1.00 21.33  ? 31  VAL X C   1 
ATOM   252  O O   . VAL A 1 31  ? 2.398   4.769   7.551   1.00 21.14  ? 31  VAL X O   1 
ATOM   253  C CB  . VAL A 1 31  ? 1.623   5.923   4.546   1.00 20.12  ? 31  VAL X CB  1 
ATOM   254  C CG1 . VAL A 1 31  ? 2.822   4.973   4.465   1.00 20.15  ? 31  VAL X CG1 1 
ATOM   255  C CG2 . VAL A 1 31  ? 0.610   5.572   3.473   1.00 19.52  ? 31  VAL X CG2 1 
ATOM   256  N N   . LYS A 1 32  ? 2.689   6.990   7.255   1.00 22.99  ? 32  LYS X N   1 
ATOM   257  C CA  . LYS A 1 32  ? 3.772   7.142   8.229   1.00 24.43  ? 32  LYS X CA  1 
ATOM   258  C C   . LYS A 1 32  ? 3.363   6.648   9.601   1.00 24.71  ? 32  LYS X C   1 
ATOM   259  O O   . LYS A 1 32  ? 4.080   5.882   10.227  1.00 24.95  ? 32  LYS X O   1 
ATOM   260  C CB  . LYS A 1 32  ? 4.180   8.611   8.334   1.00 24.98  ? 32  LYS X CB  1 
ATOM   261  C CG  . LYS A 1 32  ? 4.976   9.126   7.141   1.00 28.09  ? 32  LYS X CG  1 
ATOM   262  C CD  . LYS A 1 32  ? 6.269   8.353   6.990   1.00 31.09  ? 32  LYS X CD  1 
ATOM   263  C CE  . LYS A 1 32  ? 6.544   8.068   5.548   1.00 33.41  ? 32  LYS X CE  1 
ATOM   264  N NZ  . LYS A 1 32  ? 5.592   7.075   4.978   1.00 35.05  ? 32  LYS X NZ  1 
ATOM   265  N N   . LYS A 1 33  ? 2.193   7.095   10.049  1.00 25.18  ? 33  LYS X N   1 
ATOM   266  C CA  . LYS A 1 33  ? 1.665   6.770   11.370  1.00 25.60  ? 33  LYS X CA  1 
ATOM   267  C C   . LYS A 1 33  ? 1.341   5.281   11.509  1.00 24.56  ? 33  LYS X C   1 
ATOM   268  O O   . LYS A 1 33  ? 1.685   4.666   12.515  1.00 24.60  ? 33  LYS X O   1 
ATOM   269  C CB  . LYS A 1 33  ? 0.429   7.626   11.631  1.00 25.92  ? 33  LYS X CB  1 
ATOM   270  C CG  . LYS A 1 33  ? -0.075  7.609   13.058  1.00 27.83  ? 33  LYS X CG  1 
ATOM   271  C CD  . LYS A 1 33  ? -1.328  8.470   13.198  1.00 28.00  ? 33  LYS X CD  1 
ATOM   272  C CE  . LYS A 1 33  ? -0.990  9.922   13.567  1.00 32.95  ? 33  LYS X CE  1 
ATOM   273  N NZ  . LYS A 1 33  ? -0.452  10.716  12.412  1.00 35.25  ? 33  LYS X NZ  1 
ATOM   274  N N   . LEU A 1 34  ? 0.689   4.700   10.500  1.00 23.27  ? 34  LEU X N   1 
ATOM   275  C CA  . LEU A 1 34  ? 0.384   3.279   10.529  1.00 22.26  ? 34  LEU X CA  1 
ATOM   276  C C   . LEU A 1 34  ? 1.618   2.381   10.507  1.00 21.44  ? 34  LEU X C   1 
ATOM   277  O O   . LEU A 1 34  ? 1.626   1.348   11.164  1.00 21.18  ? 34  LEU X O   1 
ATOM   278  C CB  . LEU A 1 34  ? -0.541  2.882   9.365   1.00 22.62  ? 34  LEU X CB  1 
ATOM   279  C CG  . LEU A 1 34  ? -2.050  3.058   9.488   1.00 22.56  ? 34  LEU X CG  1 
ATOM   280  C CD1 . LEU A 1 34  ? -2.695  2.778   8.134   1.00 22.88  ? 34  LEU X CD1 1 
ATOM   281  C CD2 . LEU A 1 34  ? -2.626  2.148   10.572  1.00 24.02  ? 34  LEU X CD2 1 
ATOM   282  N N   . SER A 1 35  ? 2.648   2.764   9.746   1.00 20.94  ? 35  SER X N   1 
ATOM   283  C CA  . SER A 1 35  ? 3.765   1.839   9.459   1.00 20.66  ? 35  SER X CA  1 
ATOM   284  C C   . SER A 1 35  ? 5.091   2.107   10.191  1.00 21.29  ? 35  SER X C   1 
ATOM   285  O O   . SER A 1 35  ? 5.973   1.251   10.167  1.00 21.51  ? 35  SER X O   1 
ATOM   286  C CB  . SER A 1 35  ? 4.016   1.696   7.949   1.00 19.97  ? 35  SER X CB  1 
ATOM   287  O OG  . SER A 1 35  ? 4.394   2.930   7.355   1.00 17.39  ? 35  SER X OG  1 
ATOM   288  N N   . THR A 1 36  ? 5.243   3.269   10.826  1.00 22.26  ? 36  THR X N   1 
ATOM   289  C CA  . THR A 1 36  ? 6.443   3.525   11.639  1.00 22.93  ? 36  THR X CA  1 
ATOM   290  C C   . THR A 1 36  ? 6.594   2.428   12.697  1.00 22.62  ? 36  THR X C   1 
ATOM   291  O O   . THR A 1 36  ? 5.645   2.118   13.424  1.00 22.26  ? 36  THR X O   1 
ATOM   292  C CB  . THR A 1 36  ? 6.454   4.928   12.297  1.00 23.30  ? 36  THR X CB  1 
ATOM   293  O OG1 . THR A 1 36  ? 6.502   5.943   11.286  1.00 25.22  ? 36  THR X OG1 1 
ATOM   294  C CG2 . THR A 1 36  ? 7.691   5.107   13.166  1.00 23.67  ? 36  THR X CG2 1 
ATOM   295  N N   . GLY A 1 37  ? 7.776   1.814   12.737  1.00 22.55  ? 37  GLY X N   1 
ATOM   296  C CA  . GLY A 1 37  ? 8.064   0.762   13.715  1.00 22.30  ? 37  GLY X CA  1 
ATOM   297  C C   . GLY A 1 37  ? 7.654   -0.627  13.284  1.00 22.46  ? 37  GLY X C   1 
ATOM   298  O O   . GLY A 1 37  ? 7.824   -1.586  14.038  1.00 22.64  ? 37  GLY X O   1 
ATOM   299  N N   . HIS A 1 38  ? 7.106   -0.750  12.073  1.00 22.13  ? 38  HIS X N   1 
ATOM   300  C CA  . HIS A 1 38  ? 6.627   -2.041  11.584  1.00 21.82  ? 38  HIS X CA  1 
ATOM   301  C C   . HIS A 1 38  ? 7.365   -2.429  10.285  1.00 21.52  ? 38  HIS X C   1 
ATOM   302  O O   . HIS A 1 38  ? 8.522   -2.032  10.090  1.00 21.52  ? 38  HIS X O   1 
ATOM   303  C CB  . HIS A 1 38  ? 5.089   -2.034  11.431  1.00 22.25  ? 38  HIS X CB  1 
ATOM   304  C CG  . HIS A 1 38  ? 4.350   -1.854  12.726  1.00 23.50  ? 38  HIS X CG  1 
ATOM   305  N ND1 . HIS A 1 38  ? 3.810   -0.646  13.120  1.00 26.13  ? 38  HIS X ND1 1 
ATOM   306  C CD2 . HIS A 1 38  ? 4.082   -2.727  13.729  1.00 24.41  ? 38  HIS X CD2 1 
ATOM   307  C CE1 . HIS A 1 38  ? 3.228   -0.787  14.299  1.00 25.61  ? 38  HIS X CE1 1 
ATOM   308  N NE2 . HIS A 1 38  ? 3.382   -2.040  14.693  1.00 25.83  ? 38  HIS X NE2 1 
ATOM   309  N N   . THR A 1 39  ? 6.706   -3.183  9.407   1.00 20.56  ? 39  THR X N   1 
ATOM   310  C CA  . THR A 1 39  ? 7.341   -3.675  8.186   1.00 19.73  ? 39  THR X CA  1 
ATOM   311  C C   . THR A 1 39  ? 6.511   -3.362  6.935   1.00 19.27  ? 39  THR X C   1 
ATOM   312  O O   . THR A 1 39  ? 5.290   -3.585  6.903   1.00 19.21  ? 39  THR X O   1 
ATOM   313  C CB  . THR A 1 39  ? 7.629   -5.201  8.273   1.00 19.85  ? 39  THR X CB  1 
ATOM   314  O OG1 . THR A 1 39  ? 8.562   -5.449  9.329   1.00 19.03  ? 39  THR X OG1 1 
ATOM   315  C CG2 . THR A 1 39  ? 8.222   -5.741  6.957   1.00 19.95  ? 39  THR X CG2 1 
ATOM   316  N N   . LEU A 1 40  ? 7.190   -2.838  5.920   1.00 18.14  ? 40  LEU X N   1 
ATOM   317  C CA  . LEU A 1 40  ? 6.606   -2.643  4.601   1.00 17.08  ? 40  LEU X CA  1 
ATOM   318  C C   . LEU A 1 40  ? 7.198   -3.670  3.650   1.00 16.90  ? 40  LEU X C   1 
ATOM   319  O O   . LEU A 1 40  ? 8.421   -3.851  3.610   1.00 17.06  ? 40  LEU X O   1 
ATOM   320  C CB  . LEU A 1 40  ? 6.886   -1.228  4.080   1.00 16.76  ? 40  LEU X CB  1 
ATOM   321  C CG  . LEU A 1 40  ? 6.356   -0.020  4.870   1.00 16.28  ? 40  LEU X CG  1 
ATOM   322  C CD1 . LEU A 1 40  ? 6.761   1.265   4.189   1.00 15.61  ? 40  LEU X CD1 1 
ATOM   323  C CD2 . LEU A 1 40  ? 4.843   -0.084  5.030   1.00 13.76  ? 40  LEU X CD2 1 
ATOM   324  N N   . VAL A 1 41  ? 6.322   -4.358  2.914   1.00 16.26  ? 41  VAL X N   1 
ATOM   325  C CA  . VAL A 1 41  ? 6.706   -5.277  1.839   1.00 15.38  ? 41  VAL X CA  1 
ATOM   326  C C   . VAL A 1 41  ? 6.189   -4.685  0.541   1.00 15.63  ? 41  VAL X C   1 
ATOM   327  O O   . VAL A 1 41  ? 5.009   -4.335  0.439   1.00 15.55  ? 41  VAL X O   1 
ATOM   328  C CB  . VAL A 1 41  ? 6.132   -6.698  2.054   1.00 15.73  ? 41  VAL X CB  1 
ATOM   329  C CG1 . VAL A 1 41  ? 6.410   -7.609  0.857   1.00 14.01  ? 41  VAL X CG1 1 
ATOM   330  C CG2 . VAL A 1 41  ? 6.705   -7.309  3.327   1.00 14.98  ? 41  VAL X CG2 1 
ATOM   331  N N   . MET A 1 42  ? 7.078   -4.545  -0.439  1.00 14.96  ? 42  MET X N   1 
ATOM   332  C CA  . MET A 1 42  ? 6.707   -3.973  -1.737  1.00 15.64  ? 42  MET X CA  1 
ATOM   333  C C   . MET A 1 42  ? 7.420   -4.654  -2.925  1.00 14.81  ? 42  MET X C   1 
ATOM   334  O O   . MET A 1 42  ? 8.511   -5.227  -2.775  1.00 14.53  ? 42  MET X O   1 
ATOM   335  C CB  . MET A 1 42  ? 6.992   -2.471  -1.733  1.00 15.51  ? 42  MET X CB  1 
ATOM   336  C CG  . MET A 1 42  ? 8.470   -2.154  -1.650  1.00 15.55  ? 42  MET X CG  1 
ATOM   337  S SD  . MET A 1 42  ? 8.803   -0.422  -1.379  1.00 17.45  ? 42  MET X SD  1 
ATOM   338  C CE  . MET A 1 42  ? 8.859   -0.371  0.415   1.00 16.64  ? 42  MET X CE  1 
ATOM   339  N N   . GLY A 1 43  ? 6.802   -4.589  -4.100  1.00 14.55  ? 43  GLY X N   1 
ATOM   340  C CA  . GLY A 1 43  ? 7.423   -5.117  -5.328  1.00 13.32  ? 43  GLY X CA  1 
ATOM   341  C C   . GLY A 1 43  ? 8.565   -4.222  -5.769  1.00 12.87  ? 43  GLY X C   1 
ATOM   342  O O   . GLY A 1 43  ? 8.667   -3.071  -5.332  1.00 12.42  ? 43  GLY X O   1 
ATOM   343  N N   . ARG A 1 44  ? 9.414   -4.746  -6.652  1.00 13.36  ? 44  ARG X N   1 
ATOM   344  C CA  . ARG A 1 44  ? 10.625  -4.051  -7.085  1.00 13.02  ? 44  ARG X CA  1 
ATOM   345  C C   . ARG A 1 44  ? 10.323  -2.715  -7.751  1.00 13.16  ? 44  ARG X C   1 
ATOM   346  O O   . ARG A 1 44  ? 11.012  -1.715  -7.504  1.00 12.35  ? 44  ARG X O   1 
ATOM   347  C CB  . ARG A 1 44  ? 11.452  -4.951  -8.009  1.00 13.54  ? 44  ARG X CB  1 
ATOM   348  C CG  . ARG A 1 44  ? 12.796  -4.369  -8.447  1.00 14.12  ? 44  ARG X CG  1 
ATOM   349  C CD  . ARG A 1 44  ? 12.712  -3.723  -9.842  1.00 16.08  ? 44  ARG X CD  1 
ATOM   350  N NE  . ARG A 1 44  ? 12.223  -4.657  -10.858 1.00 15.88  ? 44  ARG X NE  1 
ATOM   351  C CZ  . ARG A 1 44  ? 11.805  -4.302  -12.070 1.00 16.09  ? 44  ARG X CZ  1 
ATOM   352  N NH1 . ARG A 1 44  ? 11.824  -3.026  -12.437 1.00 17.65  ? 44  ARG X NH1 1 
ATOM   353  N NH2 . ARG A 1 44  ? 11.366  -5.226  -12.911 1.00 16.22  ? 44  ARG X NH2 1 
ATOM   354  N N   . LYS A 1 45  ? 9.282   -2.695  -8.587  1.00 13.38  ? 45  LYS X N   1 
ATOM   355  C CA  . LYS A 1 45  ? 8.925   -1.478  -9.319  1.00 13.65  ? 45  LYS X CA  1 
ATOM   356  C C   . LYS A 1 45  ? 8.489   -0.362  -8.399  1.00 13.35  ? 45  LYS X C   1 
ATOM   357  O O   . LYS A 1 45  ? 8.911   0.790   -8.563  1.00 13.04  ? 45  LYS X O   1 
ATOM   358  C CB  . LYS A 1 45  ? 7.861   -1.770  -10.385 1.00 13.77  ? 45  LYS X CB  1 
ATOM   359  C CG  . LYS A 1 45  ? 8.392   -2.646  -11.503 1.00 14.59  ? 45  LYS X CG  1 
ATOM   360  C CD  . LYS A 1 45  ? 7.306   -2.962  -12.510 1.00 16.12  ? 45  LYS X CD  1 
ATOM   361  C CE  . LYS A 1 45  ? 7.855   -3.767  -13.665 1.00 15.92  ? 45  LYS X CE  1 
ATOM   362  N NZ  . LYS A 1 45  ? 6.799   -4.009  -14.703 1.00 16.55  ? 45  LYS X NZ  1 
ATOM   363  N N   . THR A 1 46  ? 7.657   -0.703  -7.416  1.00 13.90  ? 46  THR X N   1 
ATOM   364  C CA  . THR A 1 46  ? 7.228   0.263   -6.404  1.00 14.02  ? 46  THR X CA  1 
ATOM   365  C C   . THR A 1 46  ? 8.442   0.854   -5.680  1.00 14.53  ? 46  THR X C   1 
ATOM   366  O O   . THR A 1 46  ? 8.570   2.075   -5.554  1.00 14.42  ? 46  THR X O   1 
ATOM   367  C CB  . THR A 1 46  ? 6.239   -0.371  -5.392  1.00 13.96  ? 46  THR X CB  1 
ATOM   368  O OG1 . THR A 1 46  ? 5.061   -0.807  -6.082  1.00 14.45  ? 46  THR X OG1 1 
ATOM   369  C CG2 . THR A 1 46  ? 5.845   0.625   -4.316  1.00 14.29  ? 46  THR X CG2 1 
ATOM   370  N N   . PHE A 1 47  ? 9.346   -0.004  -5.215  1.00 15.51  ? 47  PHE X N   1 
ATOM   371  C CA  . PHE A 1 47  ? 10.541  0.505   -4.564  1.00 16.51  ? 47  PHE X CA  1 
ATOM   372  C C   . PHE A 1 47  ? 11.352  1.445   -5.459  1.00 17.11  ? 47  PHE X C   1 
ATOM   373  O O   . PHE A 1 47  ? 11.763  2.522   -5.021  1.00 16.45  ? 47  PHE X O   1 
ATOM   374  C CB  . PHE A 1 47  ? 11.442  -0.604  -4.024  1.00 16.86  ? 47  PHE X CB  1 
ATOM   375  C CG  . PHE A 1 47  ? 12.669  -0.065  -3.377  1.00 17.73  ? 47  PHE X CG  1 
ATOM   376  C CD1 . PHE A 1 47  ? 13.871  -0.014  -4.071  1.00 20.07  ? 47  PHE X CD1 1 
ATOM   377  C CD2 . PHE A 1 47  ? 12.602  0.482   -2.102  1.00 18.21  ? 47  PHE X CD2 1 
ATOM   378  C CE1 . PHE A 1 47  ? 15.010  0.535   -3.479  1.00 20.83  ? 47  PHE X CE1 1 
ATOM   379  C CE2 . PHE A 1 47  ? 13.721  1.036   -1.507  1.00 20.33  ? 47  PHE X CE2 1 
ATOM   380  C CZ  . PHE A 1 47  ? 14.931  1.064   -2.199  1.00 20.03  ? 47  PHE X CZ  1 
ATOM   381  N N   . GLU A 1 48  ? 11.571  1.035   -6.707  1.00 18.48  ? 48  GLU X N   1 
ATOM   382  C CA  . GLU A 1 48  ? 12.405  1.819   -7.629  1.00 20.41  ? 48  GLU X CA  1 
ATOM   383  C C   . GLU A 1 48  ? 11.820  3.164   -8.032  1.00 21.26  ? 48  GLU X C   1 
ATOM   384  O O   . GLU A 1 48  ? 12.561  4.063   -8.438  1.00 21.31  ? 48  GLU X O   1 
ATOM   385  C CB  . GLU A 1 48  ? 12.771  1.004   -8.873  1.00 20.51  ? 48  GLU X CB  1 
ATOM   386  C CG  . GLU A 1 48  ? 13.737  -0.158  -8.596  1.00 23.04  ? 48  GLU X CG  1 
ATOM   387  C CD  . GLU A 1 48  ? 15.037  0.278   -7.938  1.00 26.77  ? 48  GLU X CD  1 
ATOM   388  O OE1 . GLU A 1 48  ? 15.415  1.470   -8.021  1.00 30.02  ? 48  GLU X OE1 1 
ATOM   389  O OE2 . GLU A 1 48  ? 15.698  -0.581  -7.330  1.00 29.79  ? 48  GLU X OE2 1 
ATOM   390  N N   . SER A 1 49  ? 10.497  3.307   -7.914  1.00 22.43  ? 49  SER X N   1 
ATOM   391  C CA  . SER A 1 49  ? 9.842   4.585   -8.162  1.00 23.52  ? 49  SER X CA  1 
ATOM   392  C C   . SER A 1 49  ? 10.173  5.597   -7.063  1.00 24.86  ? 49  SER X C   1 
ATOM   393  O O   . SER A 1 49  ? 9.985   6.808   -7.242  1.00 24.61  ? 49  SER X O   1 
ATOM   394  C CB  . SER A 1 49  ? 8.333   4.400   -8.323  1.00 23.76  ? 49  SER X CB  1 
ATOM   395  O OG  . SER A 1 49  ? 7.704   4.070   -7.101  1.00 22.93  ? 49  SER X OG  1 
ATOM   396  N N   . ILE A 1 50  ? 10.684  5.098   -5.933  1.00 26.39  ? 50  ILE X N   1 
ATOM   397  C CA  . ILE A 1 50  ? 11.161  5.965   -4.846  1.00 27.88  ? 50  ILE X CA  1 
ATOM   398  C C   . ILE A 1 50  ? 12.687  5.942   -4.768  1.00 28.50  ? 50  ILE X C   1 
ATOM   399  O O   . ILE A 1 50  ? 13.326  6.995   -4.747  1.00 29.15  ? 50  ILE X O   1 
ATOM   400  C CB  . ILE A 1 50  ? 10.546  5.591   -3.473  1.00 28.06  ? 50  ILE X CB  1 
ATOM   401  C CG1 . ILE A 1 50  ? 9.023   5.734   -3.504  1.00 28.81  ? 50  ILE X CG1 1 
ATOM   402  C CG2 . ILE A 1 50  ? 11.103  6.481   -2.373  1.00 28.75  ? 50  ILE X CG2 1 
ATOM   403  C CD1 . ILE A 1 50  ? 8.326   4.468   -3.899  1.00 31.16  ? 50  ILE X CD1 1 
ATOM   404  N N   . GLY A 1 51  ? 13.261  4.742   -4.717  1.00 29.05  ? 51  GLY X N   1 
ATOM   405  C CA  . GLY A 1 51  ? 14.715  4.581   -4.778  1.00 29.21  ? 51  GLY X CA  1 
ATOM   406  C C   . GLY A 1 51  ? 15.442  4.652   -3.448  1.00 29.36  ? 51  GLY X C   1 
ATOM   407  O O   . GLY A 1 51  ? 16.662  4.445   -3.393  1.00 29.78  ? 51  GLY X O   1 
ATOM   408  N N   . LYS A 1 52  ? 14.703  4.957   -2.379  1.00 28.96  ? 52  LYS X N   1 
ATOM   409  C CA  . LYS A 1 52  ? 15.255  5.045   -1.017  1.00 28.97  ? 52  LYS X CA  1 
ATOM   410  C C   . LYS A 1 52  ? 14.248  4.451   -0.041  1.00 28.33  ? 52  LYS X C   1 
ATOM   411  O O   . LYS A 1 52  ? 13.045  4.693   -0.184  1.00 27.74  ? 52  LYS X O   1 
ATOM   412  C CB  . LYS A 1 52  ? 15.533  6.504   -0.612  0.70 28.93  ? 52  LYS X CB  1 
ATOM   413  C CG  . LYS A 1 52  ? 16.721  7.158   -1.319  0.70 30.07  ? 52  LYS X CG  1 
ATOM   414  C CD  . LYS A 1 52  ? 17.159  8.453   -0.630  0.70 30.01  ? 52  LYS X CD  1 
ATOM   415  C CE  . LYS A 1 52  ? 18.286  8.199   0.378   0.70 31.95  ? 52  LYS X CE  1 
ATOM   416  N NZ  . LYS A 1 52  ? 18.683  9.429   1.129   0.70 32.31  ? 52  LYS X NZ  1 
ATOM   417  N N   . PRO A 1 53  ? 14.727  3.673   0.947   1.00 28.05  ? 53  PRO X N   1 
ATOM   418  C CA  . PRO A 1 53  ? 13.820  3.133   1.962   1.00 27.97  ? 53  PRO X CA  1 
ATOM   419  C C   . PRO A 1 53  ? 13.190  4.237   2.827   1.00 27.62  ? 53  PRO X C   1 
ATOM   420  O O   . PRO A 1 53  ? 13.766  5.313   2.975   1.00 27.24  ? 53  PRO X O   1 
ATOM   421  C CB  . PRO A 1 53  ? 14.732  2.229   2.807   1.00 28.26  ? 53  PRO X CB  1 
ATOM   422  C CG  . PRO A 1 53  ? 16.116  2.770   2.598   1.00 27.73  ? 53  PRO X CG  1 
ATOM   423  C CD  . PRO A 1 53  ? 16.123  3.245   1.174   1.00 28.35  ? 53  PRO X CD  1 
ATOM   424  N N   . LEU A 1 54  ? 11.998  3.975   3.357   1.00 27.34  ? 54  LEU X N   1 
ATOM   425  C CA  . LEU A 1 54  ? 11.358  4.883   4.300   1.00 27.47  ? 54  LEU X CA  1 
ATOM   426  C C   . LEU A 1 54  ? 11.979  4.719   5.685   1.00 27.25  ? 54  LEU X C   1 
ATOM   427  O O   . LEU A 1 54  ? 12.059  3.606   6.187   1.00 27.27  ? 54  LEU X O   1 
ATOM   428  C CB  . LEU A 1 54  ? 9.852   4.624   4.365   1.00 27.38  ? 54  LEU X CB  1 
ATOM   429  C CG  . LEU A 1 54  ? 8.979   5.434   3.412   1.00 28.78  ? 54  LEU X CG  1 
ATOM   430  C CD1 . LEU A 1 54  ? 7.534   4.999   3.524   1.00 29.42  ? 54  LEU X CD1 1 
ATOM   431  C CD2 . LEU A 1 54  ? 9.107   6.933   3.692   1.00 29.76  ? 54  LEU X CD2 1 
ATOM   432  N N   . PRO A 1 55  ? 12.430  5.825   6.303   1.00 27.55  ? 55  PRO X N   1 
ATOM   433  C CA  . PRO A 1 55  ? 13.039  5.741   7.638   1.00 27.75  ? 55  PRO X CA  1 
ATOM   434  C C   . PRO A 1 55  ? 12.111  5.144   8.691   1.00 27.73  ? 55  PRO X C   1 
ATOM   435  O O   . PRO A 1 55  ? 10.884  5.241   8.563   1.00 27.93  ? 55  PRO X O   1 
ATOM   436  C CB  . PRO A 1 55  ? 13.324  7.203   7.990   1.00 27.75  ? 55  PRO X CB  1 
ATOM   437  C CG  . PRO A 1 55  ? 13.408  7.906   6.672   1.00 28.62  ? 55  PRO X CG  1 
ATOM   438  C CD  . PRO A 1 55  ? 12.420  7.202   5.784   1.00 27.81  ? 55  PRO X CD  1 
ATOM   439  N N   . ASN A 1 56  ? 12.709  4.524   9.709   1.00 27.50  ? 56  ASN X N   1 
ATOM   440  C CA  . ASN A 1 56  ? 12.029  4.138   10.957  1.00 27.06  ? 56  ASN X CA  1 
ATOM   441  C C   . ASN A 1 56  ? 11.034  2.984   10.833  1.00 26.51  ? 56  ASN X C   1 
ATOM   442  O O   . ASN A 1 56  ? 10.047  2.922   11.573  1.00 26.40  ? 56  ASN X O   1 
ATOM   443  C CB  . ASN A 1 56  ? 11.389  5.355   11.634  1.00 27.52  ? 56  ASN X CB  1 
ATOM   444  C CG  . ASN A 1 56  ? 12.384  6.481   11.863  1.00 28.57  ? 56  ASN X CG  1 
ATOM   445  O OD1 . ASN A 1 56  ? 12.090  7.650   11.587  1.00 29.40  ? 56  ASN X OD1 1 
ATOM   446  N ND2 . ASN A 1 56  ? 13.578  6.132   12.348  1.00 28.55  ? 56  ASN X ND2 1 
ATOM   447  N N   . ARG A 1 57  ? 11.317  2.076   9.899   1.00 25.35  ? 57  ARG X N   1 
ATOM   448  C CA  . ARG A 1 57  ? 10.565  0.834   9.728   1.00 23.90  ? 57  ARG X CA  1 
ATOM   449  C C   . ARG A 1 57  ? 11.382  -0.090  8.838   1.00 23.14  ? 57  ARG X C   1 
ATOM   450  O O   . ARG A 1 57  ? 12.313  0.362   8.162   1.00 22.25  ? 57  ARG X O   1 
ATOM   451  C CB  . ARG A 1 57  ? 9.187   1.112   9.106   1.00 24.14  ? 57  ARG X CB  1 
ATOM   452  C CG  . ARG A 1 57  ? 9.190   1.380   7.609   1.00 23.37  ? 57  ARG X CG  1 
ATOM   453  C CD  . ARG A 1 57  ? 8.157   2.422   7.253   1.00 25.54  ? 57  ARG X CD  1 
ATOM   454  N NE  . ARG A 1 57  ? 8.527   3.710   7.815   1.00 26.89  ? 57  ARG X NE  1 
ATOM   455  C CZ  . ARG A 1 57  ? 7.865   4.844   7.633   1.00 29.40  ? 57  ARG X CZ  1 
ATOM   456  N NH1 . ARG A 1 57  ? 6.765   4.888   6.884   1.00 30.82  ? 57  ARG X NH1 1 
ATOM   457  N NH2 . ARG A 1 57  ? 8.312   5.947   8.210   1.00 31.35  ? 57  ARG X NH2 1 
ATOM   458  N N   . ARG A 1 58  ? 11.048  -1.377  8.838   1.00 22.59  ? 58  ARG X N   1 
ATOM   459  C CA  . ARG A 1 58  ? 11.690  -2.320  7.929   1.00 22.38  ? 58  ARG X CA  1 
ATOM   460  C C   . ARG A 1 58  ? 11.113  -2.204  6.515   1.00 21.87  ? 58  ARG X C   1 
ATOM   461  O O   . ARG A 1 58  ? 9.892   -2.261  6.328   1.00 21.86  ? 58  ARG X O   1 
ATOM   462  C CB  . ARG A 1 58  ? 11.550  -3.755  8.425   1.00 22.64  ? 58  ARG X CB  1 
ATOM   463  C CG  . ARG A 1 58  ? 12.805  -4.542  8.224   1.00 24.38  ? 58  ARG X CG  1 
ATOM   464  C CD  . ARG A 1 58  ? 12.565  -5.836  7.510   1.00 27.53  ? 58  ARG X CD  1 
ATOM   465  N NE  . ARG A 1 58  ? 12.111  -6.930  8.365   1.00 29.86  ? 58  ARG X NE  1 
ATOM   466  C CZ  . ARG A 1 58  ? 12.641  -8.150  8.379   1.00 29.06  ? 58  ARG X CZ  1 
ATOM   467  N NH1 . ARG A 1 58  ? 13.673  -8.453  7.610   1.00 29.57  ? 58  ARG X NH1 1 
ATOM   468  N NH2 . ARG A 1 58  ? 12.134  -9.071  9.177   1.00 29.98  ? 58  ARG X NH2 1 
ATOM   469  N N   . ASN A 1 59  ? 12.000  -2.034  5.532   1.00 21.09  ? 59  ASN X N   1 
ATOM   470  C CA  . ASN A 1 59  ? 11.628  -1.981  4.122   1.00 19.99  ? 59  ASN X CA  1 
ATOM   471  C C   . ASN A 1 59  ? 12.055  -3.273  3.448   1.00 19.46  ? 59  ASN X C   1 
ATOM   472  O O   . ASN A 1 59  ? 13.254  -3.550  3.334   1.00 19.70  ? 59  ASN X O   1 
ATOM   473  C CB  . ASN A 1 59  ? 12.296  -0.796  3.422   1.00 19.52  ? 59  ASN X CB  1 
ATOM   474  C CG  . ASN A 1 59  ? 11.813  0.542   3.930   1.00 20.64  ? 59  ASN X CG  1 
ATOM   475  O OD1 . ASN A 1 59  ? 11.274  1.344   3.163   1.00 19.78  ? 59  ASN X OD1 1 
ATOM   476  N ND2 . ASN A 1 59  ? 12.032  0.817   5.226   1.00 21.19  ? 59  ASN X ND2 1 
ATOM   477  N N   . VAL A 1 60  ? 11.070  -4.070  3.034   1.00 18.24  ? 60  VAL X N   1 
ATOM   478  C CA  . VAL A 1 60  ? 11.294  -5.361  2.380   1.00 17.09  ? 60  VAL X CA  1 
ATOM   479  C C   . VAL A 1 60  ? 10.881  -5.286  0.903   1.00 17.14  ? 60  VAL X C   1 
ATOM   480  O O   . VAL A 1 60  ? 9.781   -4.855  0.568   1.00 16.62  ? 60  VAL X O   1 
ATOM   481  C CB  . VAL A 1 60  ? 10.554  -6.502  3.116   1.00 17.04  ? 60  VAL X CB  1 
ATOM   482  C CG1 . VAL A 1 60  ? 10.818  -7.860  2.479   1.00 16.67  ? 60  VAL X CG1 1 
ATOM   483  C CG2 . VAL A 1 60  ? 10.951  -6.532  4.602   1.00 16.23  ? 60  VAL X CG2 1 
ATOM   484  N N   . VAL A 1 61  ? 11.783  -5.690  0.020   1.00 17.23  ? 61  VAL X N   1 
ATOM   485  C CA  . VAL A 1 61  ? 11.505  -5.672  -1.417  1.00 16.91  ? 61  VAL X CA  1 
ATOM   486  C C   . VAL A 1 61  ? 11.481  -7.092  -1.964  1.00 16.95  ? 61  VAL X C   1 
ATOM   487  O O   . VAL A 1 61  ? 12.406  -7.890  -1.749  1.00 16.96  ? 61  VAL X O   1 
ATOM   488  C CB  . VAL A 1 61  ? 12.505  -4.768  -2.197  1.00 16.96  ? 61  VAL X CB  1 
ATOM   489  C CG1 . VAL A 1 61  ? 12.372  -4.939  -3.716  1.00 16.60  ? 61  VAL X CG1 1 
ATOM   490  C CG2 . VAL A 1 61  ? 12.292  -3.322  -1.834  1.00 16.74  ? 61  VAL X CG2 1 
ATOM   491  N N   . LEU A 1 62  ? 10.396  -7.410  -2.657  1.00 17.03  ? 62  LEU X N   1 
ATOM   492  C CA  . LEU A 1 62  ? 10.277  -8.677  -3.342  1.00 16.77  ? 62  LEU X CA  1 
ATOM   493  C C   . LEU A 1 62  ? 10.734  -8.514  -4.794  1.00 16.98  ? 62  LEU X C   1 
ATOM   494  O O   . LEU A 1 62  ? 10.218  -7.666  -5.544  1.00 16.13  ? 62  LEU X O   1 
ATOM   495  C CB  . LEU A 1 62  ? 8.838   -9.194  -3.244  1.00 17.00  ? 62  LEU X CB  1 
ATOM   496  C CG  . LEU A 1 62  ? 8.434   -10.452 -4.007  1.00 16.92  ? 62  LEU X CG  1 
ATOM   497  C CD1 . LEU A 1 62  ? 9.257   -11.655 -3.564  1.00 16.13  ? 62  LEU X CD1 1 
ATOM   498  C CD2 . LEU A 1 62  ? 6.937   -10.700 -3.814  1.00 16.90  ? 62  LEU X CD2 1 
ATOM   499  N N   . THR A 1 63  ? 11.736  -9.312  -5.170  1.00 17.40  ? 63  THR X N   1 
ATOM   500  C CA  . THR A 1 63  ? 12.284  -9.297  -6.528  1.00 17.76  ? 63  THR X CA  1 
ATOM   501  C C   . THR A 1 63  ? 12.870  -10.663 -6.881  1.00 18.60  ? 63  THR X C   1 
ATOM   502  O O   . THR A 1 63  ? 13.309  -11.402 -5.981  1.00 19.00  ? 63  THR X O   1 
ATOM   503  C CB  . THR A 1 63  ? 13.355  -8.178  -6.702  1.00 17.96  ? 63  THR X CB  1 
ATOM   504  O OG1 . THR A 1 63  ? 13.869  -8.202  -8.038  1.00 17.66  ? 63  THR X OG1 1 
ATOM   505  C CG2 . THR A 1 63  ? 14.512  -8.326  -5.688  1.00 16.13  ? 63  THR X CG2 1 
ATOM   506  N N   . SER A 1 64  ? 12.862  -11.006 -8.171  1.00 19.09  ? 64  SER X N   1 
ATOM   507  C CA  . SER A 1 64  ? 13.593  -12.188 -8.654  1.00 19.77  ? 64  SER X CA  1 
ATOM   508  C C   . SER A 1 64  ? 15.099  -11.921 -8.805  1.00 20.20  ? 64  SER X C   1 
ATOM   509  O O   . SER A 1 64  ? 15.881  -12.854 -8.955  1.00 20.62  ? 64  SER X O   1 
ATOM   510  C CB  . SER A 1 64  ? 12.997  -12.740 -9.964  1.00 19.64  ? 64  SER X CB  1 
ATOM   511  O OG  . SER A 1 64  ? 13.231  -11.879 -11.068 1.00 19.04  ? 64  SER X OG  1 
ATOM   512  N N   . ASP A 1 65  ? 15.493  -10.649 -8.758  1.00 20.61  ? 65  ASP X N   1 
ATOM   513  C CA  . ASP A 1 65  ? 16.882  -10.227 -8.986  1.00 20.67  ? 65  ASP X CA  1 
ATOM   514  C C   . ASP A 1 65  ? 17.813  -10.654 -7.828  1.00 20.82  ? 65  ASP X C   1 
ATOM   515  O O   . ASP A 1 65  ? 17.826  -10.025 -6.770  1.00 20.03  ? 65  ASP X O   1 
ATOM   516  C CB  . ASP A 1 65  ? 16.915  -8.702  -9.211  1.00 20.77  ? 65  ASP X CB  1 
ATOM   517  C CG  . ASP A 1 65  ? 18.285  -8.181  -9.687  1.00 21.35  ? 65  ASP X CG  1 
ATOM   518  O OD1 . ASP A 1 65  ? 18.365  -6.992  -10.063 1.00 21.97  ? 65  ASP X OD1 1 
ATOM   519  O OD2 . ASP A 1 65  ? 19.269  -8.942  -9.693  1.00 19.79  ? 65  ASP X OD2 1 
ATOM   520  N N   . THR A 1 66  ? 18.583  -11.727 -8.041  1.00 21.53  ? 66  THR X N   1 
ATOM   521  C CA  . THR A 1 66  ? 19.568  -12.212 -7.047  1.00 22.39  ? 66  THR X CA  1 
ATOM   522  C C   . THR A 1 66  ? 20.729  -11.238 -6.766  1.00 22.39  ? 66  THR X C   1 
ATOM   523  O O   . THR A 1 66  ? 21.464  -11.427 -5.792  1.00 22.59  ? 66  THR X O   1 
ATOM   524  C CB  . THR A 1 66  ? 20.165  -13.597 -7.408  1.00 22.80  ? 66  THR X CB  1 
ATOM   525  O OG1 . THR A 1 66  ? 20.814  -13.536 -8.689  1.00 23.94  ? 66  THR X OG1 1 
ATOM   526  C CG2 . THR A 1 66  ? 19.079  -14.677 -7.416  1.00 23.34  ? 66  THR X CG2 1 
ATOM   527  N N   . SER A 1 67  ? 20.885  -10.214 -7.610  1.00 22.39  ? 67  SER X N   1 
ATOM   528  C CA  . SER A 1 67  ? 21.888  -9.155  -7.406  1.00 22.51  ? 67  SER X CA  1 
ATOM   529  C C   . SER A 1 67  ? 21.358  -7.943  -6.652  1.00 23.03  ? 67  SER X C   1 
ATOM   530  O O   . SER A 1 67  ? 22.123  -7.055  -6.285  1.00 22.53  ? 67  SER X O   1 
ATOM   531  C CB  . SER A 1 67  ? 22.435  -8.676  -8.749  1.00 22.52  ? 67  SER X CB  1 
ATOM   532  O OG  . SER A 1 67  ? 23.293  -9.637  -9.311  1.00 22.64  ? 67  SER X OG  1 
ATOM   533  N N   . PHE A 1 68  ? 20.047  -7.893  -6.430  1.00 24.15  ? 68  PHE X N   1 
ATOM   534  C CA  . PHE A 1 68  ? 19.436  -6.758  -5.752  1.00 24.98  ? 68  PHE X CA  1 
ATOM   535  C C   . PHE A 1 68  ? 20.018  -6.599  -4.367  1.00 25.72  ? 68  PHE X C   1 
ATOM   536  O O   . PHE A 1 68  ? 19.919  -7.492  -3.529  1.00 25.45  ? 68  PHE X O   1 
ATOM   537  C CB  . PHE A 1 68  ? 17.909  -6.917  -5.665  1.00 25.45  ? 68  PHE X CB  1 
ATOM   538  C CG  . PHE A 1 68  ? 17.185  -5.669  -5.227  1.00 25.35  ? 68  PHE X CG  1 
ATOM   539  C CD1 . PHE A 1 68  ? 16.698  -4.766  -6.166  1.00 25.75  ? 68  PHE X CD1 1 
ATOM   540  C CD2 . PHE A 1 68  ? 16.980  -5.404  -3.883  1.00 26.44  ? 68  PHE X CD2 1 
ATOM   541  C CE1 . PHE A 1 68  ? 16.013  -3.616  -5.766  1.00 25.47  ? 68  PHE X CE1 1 
ATOM   542  C CE2 . PHE A 1 68  ? 16.292  -4.256  -3.471  1.00 26.16  ? 68  PHE X CE2 1 
ATOM   543  C CZ  . PHE A 1 68  ? 15.814  -3.364  -4.418  1.00 25.68  ? 68  PHE X CZ  1 
ATOM   544  N N   . ASN A 1 69  ? 20.617  -5.441  -4.138  1.00 27.24  ? 69  ASN X N   1 
ATOM   545  C CA  . ASN A 1 69  ? 21.183  -5.105  -2.847  1.00 28.97  ? 69  ASN X CA  1 
ATOM   546  C C   . ASN A 1 69  ? 21.162  -3.592  -2.677  1.00 29.17  ? 69  ASN X C   1 
ATOM   547  O O   . ASN A 1 69  ? 21.884  -2.862  -3.374  1.00 29.77  ? 69  ASN X O   1 
ATOM   548  C CB  . ASN A 1 69  ? 22.597  -5.675  -2.729  1.00 29.57  ? 69  ASN X CB  1 
ATOM   549  C CG  . ASN A 1 69  ? 23.231  -5.393  -1.397  1.00 32.34  ? 69  ASN X CG  1 
ATOM   550  O OD1 . ASN A 1 69  ? 23.635  -4.259  -1.119  1.00 35.07  ? 69  ASN X OD1 1 
ATOM   551  N ND2 . ASN A 1 69  ? 23.350  -6.429  -0.563  1.00 34.15  ? 69  ASN X ND2 1 
ATOM   552  N N   . VAL A 1 70  ? 20.300  -3.126  -1.778  1.00 28.81  ? 70  VAL X N   1 
ATOM   553  C CA  . VAL A 1 70  ? 20.175  -1.706  -1.511  1.00 28.70  ? 70  VAL X CA  1 
ATOM   554  C C   . VAL A 1 70  ? 20.383  -1.479  -0.018  1.00 29.04  ? 70  VAL X C   1 
ATOM   555  O O   . VAL A 1 70  ? 19.860  -2.223  0.814   1.00 29.26  ? 70  VAL X O   1 
ATOM   556  C CB  . VAL A 1 70  ? 18.800  -1.136  -2.006  1.00 28.60  ? 70  VAL X CB  1 
ATOM   557  C CG1 . VAL A 1 70  ? 18.643  0.327   -1.639  1.00 28.12  ? 70  VAL X CG1 1 
ATOM   558  C CG2 . VAL A 1 70  ? 18.656  -1.313  -3.520  1.00 27.78  ? 70  VAL X CG2 1 
ATOM   559  N N   . GLU A 1 71  ? 21.179  -0.469  0.305   1.00 29.25  ? 71  GLU X N   1 
ATOM   560  C CA  . GLU A 1 71  ? 21.467  -0.095  1.678   1.00 29.81  ? 71  GLU X CA  1 
ATOM   561  C C   . GLU A 1 71  ? 20.164  0.310   2.413   1.00 28.97  ? 71  GLU X C   1 
ATOM   562  O O   . GLU A 1 71  ? 19.462  1.250   1.998   1.00 28.35  ? 71  GLU X O   1 
ATOM   563  C CB  . GLU A 1 71  ? 22.513  1.030   1.670   1.00 29.72  ? 71  GLU X CB  1 
ATOM   564  C CG  . GLU A 1 71  ? 22.539  1.937   2.894   1.00 31.85  ? 71  GLU X CG  1 
ATOM   565  C CD  . GLU A 1 71  ? 23.358  3.205   2.671   1.00 32.51  ? 71  GLU X CD  1 
ATOM   566  O OE1 . GLU A 1 71  ? 22.754  4.305   2.620   1.00 36.79  ? 71  GLU X OE1 1 
ATOM   567  O OE2 . GLU A 1 71  ? 24.604  3.103   2.540   1.00 35.80  ? 71  GLU X OE2 1 
ATOM   568  N N   . GLY A 1 72  ? 19.853  -0.429  3.483   1.00 28.24  ? 72  GLY X N   1 
ATOM   569  C CA  . GLY A 1 72  ? 18.660  -0.196  4.312   1.00 27.65  ? 72  GLY X CA  1 
ATOM   570  C C   . GLY A 1 72  ? 17.406  -0.914  3.830   1.00 27.09  ? 72  GLY X C   1 
ATOM   571  O O   . GLY A 1 72  ? 16.289  -0.602  4.249   1.00 27.13  ? 72  GLY X O   1 
ATOM   572  N N   . VAL A 1 73  ? 17.588  -1.884  2.945   1.00 26.51  ? 73  VAL X N   1 
ATOM   573  C CA  . VAL A 1 73  ? 16.474  -2.632  2.377   1.00 25.58  ? 73  VAL X CA  1 
ATOM   574  C C   . VAL A 1 73  ? 16.781  -4.104  2.522   1.00 25.54  ? 73  VAL X C   1 
ATOM   575  O O   . VAL A 1 73  ? 17.885  -4.547  2.202   1.00 25.42  ? 73  VAL X O   1 
ATOM   576  C CB  . VAL A 1 73  ? 16.286  -2.289  0.880   1.00 25.59  ? 73  VAL X CB  1 
ATOM   577  C CG1 . VAL A 1 73  ? 15.291  -3.225  0.199   1.00 24.98  ? 73  VAL X CG1 1 
ATOM   578  C CG2 . VAL A 1 73  ? 15.886  -0.839  0.701   1.00 25.23  ? 73  VAL X CG2 1 
ATOM   579  N N   . ASP A 1 74  ? 15.812  -4.864  3.022   1.00 25.16  ? 74  ASP X N   1 
ATOM   580  C CA  . ASP A 1 74  ? 15.920  -6.307  3.015   1.00 24.94  ? 74  ASP X CA  1 
ATOM   581  C C   . ASP A 1 74  ? 15.227  -6.864  1.769   1.00 24.67  ? 74  ASP X C   1 
ATOM   582  O O   . ASP A 1 74  ? 14.209  -6.330  1.316   1.00 24.50  ? 74  ASP X O   1 
ATOM   583  C CB  . ASP A 1 74  ? 15.314  -6.903  4.283   1.00 25.11  ? 74  ASP X CB  1 
ATOM   584  C CG  . ASP A 1 74  ? 16.024  -6.449  5.549   1.00 26.45  ? 74  ASP X CG  1 
ATOM   585  O OD1 . ASP A 1 74  ? 17.207  -6.035  5.482   1.00 25.15  ? 74  ASP X OD1 1 
ATOM   586  O OD2 . ASP A 1 74  ? 15.385  -6.514  6.623   1.00 27.74  ? 74  ASP X OD2 1 
ATOM   587  N N   . VAL A 1 75  ? 15.784  -7.937  1.221   1.00 23.97  ? 75  VAL X N   1 
ATOM   588  C CA  . VAL A 1 75  ? 15.288  -8.512  -0.019  1.00 23.60  ? 75  VAL X CA  1 
ATOM   589  C C   . VAL A 1 75  ? 14.686  -9.882  0.250   1.00 23.12  ? 75  VAL X C   1 
ATOM   590  O O   . VAL A 1 75  ? 15.217  -10.656 1.056   1.00 22.70  ? 75  VAL X O   1 
ATOM   591  C CB  . VAL A 1 75  ? 16.410  -8.612  -1.096  1.00 23.85  ? 75  VAL X CB  1 
ATOM   592  C CG1 . VAL A 1 75  ? 15.872  -9.154  -2.403  1.00 23.17  ? 75  VAL X CG1 1 
ATOM   593  C CG2 . VAL A 1 75  ? 17.032  -7.251  -1.337  1.00 25.01  ? 75  VAL X CG2 1 
ATOM   594  N N   . ILE A 1 76  ? 13.566  -10.159 -0.418  1.00 22.48  ? 76  ILE X N   1 
ATOM   595  C CA  . ILE A 1 76  ? 12.985  -11.508 -0.475  1.00 22.26  ? 76  ILE X CA  1 
ATOM   596  C C   . ILE A 1 76  ? 12.740  -11.883 -1.937  1.00 22.55  ? 76  ILE X C   1 
ATOM   597  O O   . ILE A 1 76  ? 12.630  -11.000 -2.788  1.00 22.10  ? 76  ILE X O   1 
ATOM   598  C CB  . ILE A 1 76  ? 11.683  -11.645 0.378   1.00 22.44  ? 76  ILE X CB  1 
ATOM   599  C CG1 . ILE A 1 76  ? 10.594  -10.672 -0.115  1.00 22.38  ? 76  ILE X CG1 1 
ATOM   600  C CG2 . ILE A 1 76  ? 12.009  -11.452 1.880   1.00 22.43  ? 76  ILE X CG2 1 
ATOM   601  C CD1 . ILE A 1 76  ? 9.224   -10.826 0.541   1.00 21.61  ? 76  ILE X CD1 1 
ATOM   602  N N   . HIS A 1 77  ? 12.674  -13.185 -2.218  1.00 23.08  ? 77  HIS X N   1 
ATOM   603  C CA  . HIS A 1 77  ? 12.567  -13.691 -3.583  1.00 23.97  ? 77  HIS X CA  1 
ATOM   604  C C   . HIS A 1 77  ? 11.309  -14.514 -3.824  1.00 24.24  ? 77  HIS X C   1 
ATOM   605  O O   . HIS A 1 77  ? 11.050  -14.960 -4.947  1.00 23.48  ? 77  HIS X O   1 
ATOM   606  C CB  . HIS A 1 77  ? 13.815  -14.511 -3.945  1.00 24.27  ? 77  HIS X CB  1 
ATOM   607  C CG  . HIS A 1 77  ? 15.088  -13.736 -3.831  1.00 25.45  ? 77  HIS X CG  1 
ATOM   608  N ND1 . HIS A 1 77  ? 15.329  -12.593 -4.565  1.00 26.36  ? 77  HIS X ND1 1 
ATOM   609  C CD2 . HIS A 1 77  ? 16.185  -13.928 -3.059  1.00 26.95  ? 77  HIS X CD2 1 
ATOM   610  C CE1 . HIS A 1 77  ? 16.519  -12.114 -4.250  1.00 26.66  ? 77  HIS X CE1 1 
ATOM   611  N NE2 . HIS A 1 77  ? 17.060  -12.903 -3.337  1.00 26.60  ? 77  HIS X NE2 1 
ATOM   612  N N   . SER A 1 78  ? 10.522  -14.694 -2.767  1.00 25.01  ? 78  SER X N   1 
ATOM   613  C CA  . SER A 1 78  ? 9.291   -15.469 -2.852  1.00 25.91  ? 78  SER X CA  1 
ATOM   614  C C   . SER A 1 78  ? 8.182   -14.875 -1.992  1.00 25.95  ? 78  SER X C   1 
ATOM   615  O O   . SER A 1 78  ? 8.454   -14.325 -0.927  1.00 25.68  ? 78  SER X O   1 
ATOM   616  C CB  . SER A 1 78  ? 9.547   -16.904 -2.411  1.00 25.65  ? 78  SER X CB  1 
ATOM   617  O OG  . SER A 1 78  ? 8.555   -17.745 -2.953  1.00 28.39  ? 78  SER X OG  1 
ATOM   618  N N   . ILE A 1 79  ? 6.938   -15.004 -2.466  1.00 26.50  ? 79  ILE X N   1 
ATOM   619  C CA  . ILE A 1 79  ? 5.745   -14.672 -1.680  1.00 27.15  ? 79  ILE X CA  1 
ATOM   620  C C   . ILE A 1 79  ? 5.777   -15.407 -0.345  1.00 27.55  ? 79  ILE X C   1 
ATOM   621  O O   . ILE A 1 79  ? 5.466   -14.817 0.692   1.00 27.57  ? 79  ILE X O   1 
ATOM   622  C CB  . ILE A 1 79  ? 4.419   -15.009 -2.437  1.00 27.07  ? 79  ILE X CB  1 
ATOM   623  C CG1 . ILE A 1 79  ? 4.201   -14.056 -3.618  1.00 27.10  ? 79  ILE X CG1 1 
ATOM   624  C CG2 . ILE A 1 79  ? 3.211   -14.968 -1.490  1.00 27.45  ? 79  ILE X CG2 1 
ATOM   625  C CD1 . ILE A 1 79  ? 3.862   -12.619 -3.224  1.00 27.50  ? 79  ILE X CD1 1 
ATOM   626  N N   . GLU A 1 80  ? 6.182   -16.681 -0.376  1.00 28.27  ? 80  GLU X N   1 
ATOM   627  C CA  . GLU A 1 80  ? 6.260   -17.520 0.835   1.00 29.22  ? 80  GLU X CA  1 
ATOM   628  C C   . GLU A 1 80  ? 7.124   -16.926 1.938   1.00 29.08  ? 80  GLU X C   1 
ATOM   629  O O   . GLU A 1 80  ? 6.889   -17.185 3.114   1.00 29.38  ? 80  GLU X O   1 
ATOM   630  C CB  . GLU A 1 80  ? 6.728   -18.946 0.512   1.00 29.31  ? 80  GLU X CB  1 
ATOM   631  C CG  . GLU A 1 80  ? 5.678   -19.816 -0.180  1.00 32.99  ? 80  GLU X CG  1 
ATOM   632  C CD  . GLU A 1 80  ? 4.329   -19.852 0.551   1.00 37.33  ? 80  GLU X CD  1 
ATOM   633  O OE1 . GLU A 1 80  ? 4.313   -20.041 1.799   1.00 38.65  ? 80  GLU X OE1 1 
ATOM   634  O OE2 . GLU A 1 80  ? 3.283   -19.695 -0.133  1.00 38.12  ? 80  GLU X OE2 1 
ATOM   635  N N   . ASP A 1 81  ? 8.122   -16.131 1.557   1.00 29.00  ? 81  ASP X N   1 
ATOM   636  C CA  . ASP A 1 81  ? 8.995   -15.473 2.528   1.00 28.90  ? 81  ASP X CA  1 
ATOM   637  C C   . ASP A 1 81  ? 8.267   -14.424 3.360   1.00 28.51  ? 81  ASP X C   1 
ATOM   638  O O   . ASP A 1 81  ? 8.694   -14.121 4.480   1.00 28.23  ? 81  ASP X O   1 
ATOM   639  C CB  . ASP A 1 81  ? 10.198  -14.824 1.840   1.00 29.09  ? 81  ASP X CB  1 
ATOM   640  C CG  . ASP A 1 81  ? 11.098  -15.835 1.149   1.00 30.64  ? 81  ASP X CG  1 
ATOM   641  O OD1 . ASP A 1 81  ? 11.131  -17.012 1.564   1.00 31.58  ? 81  ASP X OD1 1 
ATOM   642  O OD2 . ASP A 1 81  ? 11.775  -15.443 0.177   1.00 33.19  ? 81  ASP X OD2 1 
ATOM   643  N N   . ILE A 1 82  ? 7.186   -13.866 2.812   1.00 28.14  ? 82  ILE X N   1 
ATOM   644  C CA  . ILE A 1 82  ? 6.404   -12.832 3.511   1.00 28.15  ? 82  ILE X CA  1 
ATOM   645  C C   . ILE A 1 82  ? 5.898   -13.351 4.861   1.00 28.48  ? 82  ILE X C   1 
ATOM   646  O O   . ILE A 1 82  ? 5.938   -12.634 5.862   1.00 28.57  ? 82  ILE X O   1 
ATOM   647  C CB  . ILE A 1 82  ? 5.231   -12.276 2.639   1.00 27.92  ? 82  ILE X CB  1 
ATOM   648  C CG1 . ILE A 1 82  ? 5.780   -11.443 1.472   1.00 27.95  ? 82  ILE X CG1 1 
ATOM   649  C CG2 . ILE A 1 82  ? 4.262   -11.426 3.479   1.00 27.36  ? 82  ILE X CG2 1 
ATOM   650  C CD1 . ILE A 1 82  ? 4.780   -11.126 0.382   1.00 27.39  ? 82  ILE X CD1 1 
ATOM   651  N N   . TYR A 1 83  ? 5.469   -14.610 4.882   1.00 29.24  ? 83  TYR X N   1 
ATOM   652  C CA  . TYR A 1 83  ? 4.904   -15.236 6.086   1.00 30.15  ? 83  TYR X CA  1 
ATOM   653  C C   . TYR A 1 83  ? 5.921   -15.493 7.208   1.00 30.52  ? 83  TYR X C   1 
ATOM   654  O O   . TYR A 1 83  ? 5.537   -15.832 8.336   1.00 30.73  ? 83  TYR X O   1 
ATOM   655  C CB  . TYR A 1 83  ? 4.154   -16.526 5.716   1.00 30.11  ? 83  TYR X CB  1 
ATOM   656  C CG  . TYR A 1 83  ? 3.137   -16.337 4.608   1.00 30.42  ? 83  TYR X CG  1 
ATOM   657  C CD1 . TYR A 1 83  ? 2.023   -15.512 4.790   1.00 31.42  ? 83  TYR X CD1 1 
ATOM   658  C CD2 . TYR A 1 83  ? 3.283   -16.980 3.380   1.00 30.68  ? 83  TYR X CD2 1 
ATOM   659  C CE1 . TYR A 1 83  ? 1.087   -15.330 3.780   1.00 30.99  ? 83  TYR X CE1 1 
ATOM   660  C CE2 . TYR A 1 83  ? 2.352   -16.803 2.361   1.00 31.00  ? 83  TYR X CE2 1 
ATOM   661  C CZ  . TYR A 1 83  ? 1.254   -15.972 2.569   1.00 31.33  ? 83  TYR X CZ  1 
ATOM   662  O OH  . TYR A 1 83  ? 0.320   -15.787 1.570   1.00 31.18  ? 83  TYR X OH  1 
ATOM   663  N N   . GLN A 1 84  ? 7.206   -15.311 6.900   1.00 30.71  ? 84  GLN X N   1 
ATOM   664  C CA  . GLN A 1 84  ? 8.280   -15.544 7.863   1.00 31.15  ? 84  GLN X CA  1 
ATOM   665  C C   . GLN A 1 84  ? 8.751   -14.254 8.499   1.00 30.87  ? 84  GLN X C   1 
ATOM   666  O O   . GLN A 1 84  ? 9.569   -14.274 9.419   1.00 31.00  ? 84  GLN X O   1 
ATOM   667  C CB  . GLN A 1 84  ? 9.464   -16.272 7.212   1.00 31.55  ? 84  GLN X CB  1 
ATOM   668  C CG  . GLN A 1 84  ? 9.119   -17.654 6.677   1.00 33.31  ? 84  GLN X CG  1 
ATOM   669  C CD  . GLN A 1 84  ? 8.575   -18.569 7.757   1.00 35.72  ? 84  GLN X CD  1 
ATOM   670  O OE1 . GLN A 1 84  ? 9.130   -18.646 8.859   1.00 36.92  ? 84  GLN X OE1 1 
ATOM   671  N NE2 . GLN A 1 84  ? 7.483   -19.267 7.452   1.00 35.85  ? 84  GLN X NE2 1 
ATOM   672  N N   . LEU A 1 85  ? 8.238   -13.131 8.005   1.00 30.02  ? 85  LEU X N   1 
ATOM   673  C CA  . LEU A 1 85  ? 8.582   -11.840 8.571   1.00 28.85  ? 85  LEU X CA  1 
ATOM   674  C C   . LEU A 1 85  ? 7.780   -11.663 9.858   1.00 28.55  ? 85  LEU X C   1 
ATOM   675  O O   . LEU A 1 85  ? 6.567   -11.916 9.868   1.00 28.58  ? 85  LEU X O   1 
ATOM   676  C CB  . LEU A 1 85  ? 8.281   -10.712 7.576   1.00 28.85  ? 85  LEU X CB  1 
ATOM   677  C CG  . LEU A 1 85  ? 8.848   -10.851 6.158   1.00 27.64  ? 85  LEU X CG  1 
ATOM   678  C CD1 . LEU A 1 85  ? 8.145   -9.886  5.213   1.00 25.86  ? 85  LEU X CD1 1 
ATOM   679  C CD2 . LEU A 1 85  ? 10.347  -10.634 6.136   1.00 26.08  ? 85  LEU X CD2 1 
ATOM   680  N N   . PRO A 1 86  ? 8.459   -11.278 10.957  1.00 27.87  ? 86  PRO X N   1 
ATOM   681  C CA  . PRO A 1 86  ? 7.778   -11.033 12.232  1.00 27.14  ? 86  PRO X CA  1 
ATOM   682  C C   . PRO A 1 86  ? 7.071   -9.680  12.338  1.00 26.08  ? 86  PRO X C   1 
ATOM   683  O O   . PRO A 1 86  ? 7.416   -8.718  11.630  1.00 26.01  ? 86  PRO X O   1 
ATOM   684  C CB  . PRO A 1 86  ? 8.915   -11.104 13.259  1.00 27.08  ? 86  PRO X CB  1 
ATOM   685  C CG  . PRO A 1 86  ? 10.133  -10.716 12.520  1.00 27.88  ? 86  PRO X CG  1 
ATOM   686  C CD  . PRO A 1 86  ? 9.923   -11.114 11.070  1.00 27.90  ? 86  PRO X CD  1 
ATOM   687  N N   . GLY A 1 87  ? 6.100   -9.622  13.243  1.00 24.66  ? 87  GLY X N   1 
ATOM   688  C CA  . GLY A 1 87  ? 5.452   -8.377  13.605  1.00 23.72  ? 87  GLY X CA  1 
ATOM   689  C C   . GLY A 1 87  ? 4.313   -8.056  12.666  1.00 22.86  ? 87  GLY X C   1 
ATOM   690  O O   . GLY A 1 87  ? 3.808   -8.936  11.967  1.00 22.48  ? 87  GLY X O   1 
ATOM   691  N N   . HIS A 1 88  ? 3.908   -6.790  12.655  1.00 22.29  ? 88  HIS X N   1 
ATOM   692  C CA  . HIS A 1 88  ? 2.846   -6.345  11.760  1.00 21.26  ? 88  HIS X CA  1 
ATOM   693  C C   . HIS A 1 88  ? 3.458   -6.012  10.399  1.00 20.78  ? 88  HIS X C   1 
ATOM   694  O O   . HIS A 1 88  ? 4.303   -5.120  10.300  1.00 20.87  ? 88  HIS X O   1 
ATOM   695  C CB  . HIS A 1 88  ? 2.153   -5.114  12.333  1.00 21.23  ? 88  HIS X CB  1 
ATOM   696  C CG  . HIS A 1 88  ? 0.832   -4.817  11.696  1.00 21.10  ? 88  HIS X CG  1 
ATOM   697  N ND1 . HIS A 1 88  ? -0.063  -3.917  12.231  1.00 21.80  ? 88  HIS X ND1 1 
ATOM   698  C CD2 . HIS A 1 88  ? 0.247   -5.311  10.580  1.00 21.01  ? 88  HIS X CD2 1 
ATOM   699  C CE1 . HIS A 1 88  ? -1.138  -3.864  11.468  1.00 22.46  ? 88  HIS X CE1 1 
ATOM   700  N NE2 . HIS A 1 88  ? -0.978  -4.703  10.461  1.00 21.97  ? 88  HIS X NE2 1 
ATOM   701  N N   . VAL A 1 89  ? 3.027   -6.736  9.365   1.00 20.15  ? 89  VAL X N   1 
ATOM   702  C CA  . VAL A 1 89  ? 3.551   -6.573  8.008   1.00 18.85  ? 89  VAL X CA  1 
ATOM   703  C C   . VAL A 1 89  ? 2.494   -5.920  7.102   1.00 18.61  ? 89  VAL X C   1 
ATOM   704  O O   . VAL A 1 89  ? 1.350   -6.376  7.044   1.00 18.31  ? 89  VAL X O   1 
ATOM   705  C CB  . VAL A 1 89  ? 3.999   -7.939  7.426   1.00 19.31  ? 89  VAL X CB  1 
ATOM   706  C CG1 . VAL A 1 89  ? 4.323   -7.839  5.925   1.00 18.05  ? 89  VAL X CG1 1 
ATOM   707  C CG2 . VAL A 1 89  ? 5.203   -8.492  8.209   1.00 19.17  ? 89  VAL X CG2 1 
ATOM   708  N N   . PHE A 1 90  ? 2.897   -4.865  6.394   1.00 17.40  ? 90  PHE X N   1 
ATOM   709  C CA  . PHE A 1 90  ? 2.025   -4.170  5.448   1.00 16.41  ? 90  PHE X CA  1 
ATOM   710  C C   . PHE A 1 90  ? 2.467   -4.390  4.001   1.00 15.73  ? 90  PHE X C   1 
ATOM   711  O O   . PHE A 1 90  ? 3.581   -3.997  3.615   1.00 15.49  ? 90  PHE X O   1 
ATOM   712  C CB  . PHE A 1 90  ? 2.003   -2.666  5.723   1.00 15.93  ? 90  PHE X CB  1 
ATOM   713  C CG  . PHE A 1 90  ? 1.457   -2.301  7.068   1.00 16.72  ? 90  PHE X CG  1 
ATOM   714  C CD1 . PHE A 1 90  ? 0.097   -2.026  7.228   1.00 15.76  ? 90  PHE X CD1 1 
ATOM   715  C CD2 . PHE A 1 90  ? 2.300   -2.213  8.174   1.00 16.57  ? 90  PHE X CD2 1 
ATOM   716  C CE1 . PHE A 1 90  ? -0.419  -1.679  8.465   1.00 16.22  ? 90  PHE X CE1 1 
ATOM   717  C CE2 . PHE A 1 90  ? 1.799   -1.866  9.424   1.00 18.42  ? 90  PHE X CE2 1 
ATOM   718  C CZ  . PHE A 1 90  ? 0.425   -1.598  9.570   1.00 18.21  ? 90  PHE X CZ  1 
ATOM   719  N N   . ILE A 1 91  ? 1.579   -4.999  3.219   1.00 14.37  ? 91  ILE X N   1 
ATOM   720  C CA  . ILE A 1 91  ? 1.730   -5.122  1.773   1.00 13.34  ? 91  ILE X CA  1 
ATOM   721  C C   . ILE A 1 91  ? 1.483   -3.742  1.193   1.00 12.92  ? 91  ILE X C   1 
ATOM   722  O O   . ILE A 1 91  ? 0.374   -3.204  1.280   1.00 12.26  ? 91  ILE X O   1 
ATOM   723  C CB  . ILE A 1 91  ? 0.721   -6.128  1.195   1.00 13.50  ? 91  ILE X CB  1 
ATOM   724  C CG1 . ILE A 1 91  ? 0.840   -7.494  1.901   1.00 13.97  ? 91  ILE X CG1 1 
ATOM   725  C CG2 . ILE A 1 91  ? 0.876   -6.250  -0.340  1.00 12.76  ? 91  ILE X CG2 1 
ATOM   726  C CD1 . ILE A 1 91  ? 2.248   -8.146  1.844   1.00 15.72  ? 91  ILE X CD1 1 
ATOM   727  N N   . PHE A 1 92  ? 2.533   -3.174  0.608   1.00 11.86  ? 92  PHE X N   1 
ATOM   728  C CA  . PHE A 1 92  ? 2.588   -1.751  0.316   1.00 11.60  ? 92  PHE X CA  1 
ATOM   729  C C   . PHE A 1 92  ? 2.437   -1.424  -1.171  1.00 11.14  ? 92  PHE X C   1 
ATOM   730  O O   . PHE A 1 92  ? 2.302   -0.257  -1.539  1.00 10.42  ? 92  PHE X O   1 
ATOM   731  C CB  . PHE A 1 92  ? 3.922   -1.213  0.838   1.00 11.47  ? 92  PHE X CB  1 
ATOM   732  C CG  . PHE A 1 92  ? 3.928   0.252   1.152   1.00 12.42  ? 92  PHE X CG  1 
ATOM   733  C CD1 . PHE A 1 92  ? 4.968   1.061   0.704   1.00 13.97  ? 92  PHE X CD1 1 
ATOM   734  C CD2 . PHE A 1 92  ? 2.944   0.819   1.948   1.00 14.14  ? 92  PHE X CD2 1 
ATOM   735  C CE1 . PHE A 1 92  ? 5.009   2.426   1.033   1.00 14.28  ? 92  PHE X CE1 1 
ATOM   736  C CE2 . PHE A 1 92  ? 2.977   2.181   2.260   1.00 13.75  ? 92  PHE X CE2 1 
ATOM   737  C CZ  . PHE A 1 92  ? 4.014   2.980   1.801   1.00 13.69  ? 92  PHE X CZ  1 
ATOM   738  N N   . GLY A 1 93  ? 2.464   -2.446  -2.016  1.00 11.04  ? 93  GLY X N   1 
ATOM   739  C CA  . GLY A 1 93  ? 2.278   -2.257  -3.461  1.00 11.78  ? 93  GLY X CA  1 
ATOM   740  C C   . GLY A 1 93  ? 3.299   -3.056  -4.244  1.00 11.92  ? 93  GLY X C   1 
ATOM   741  O O   . GLY A 1 93  ? 4.197   -3.655  -3.635  1.00 11.18  ? 93  GLY X O   1 
ATOM   742  N N   . GLY A 1 94  ? 3.179   -3.092  -5.581  1.00 12.39  ? 94  GLY X N   1 
ATOM   743  C CA  . GLY A 1 94  ? 2.153   -2.345  -6.341  1.00 12.70  ? 94  GLY X CA  1 
ATOM   744  C C   . GLY A 1 94  ? 1.038   -3.252  -6.793  1.00 12.61  ? 94  GLY X C   1 
ATOM   745  O O   . GLY A 1 94  ? 0.611   -4.114  -6.030  1.00 12.38  ? 94  GLY X O   1 
ATOM   746  N N   . GLN A 1 95  ? 0.561   -3.070  -8.031  1.00 12.97  ? 95  GLN X N   1 
ATOM   747  C CA  . GLN A 1 95  ? -0.543  -3.884  -8.559  1.00 13.16  ? 95  GLN X CA  1 
ATOM   748  C C   . GLN A 1 95  ? -0.280  -5.396  -8.416  1.00 13.40  ? 95  GLN X C   1 
ATOM   749  O O   . GLN A 1 95  ? -1.131  -6.146  -7.920  1.00 12.91  ? 95  GLN X O   1 
ATOM   750  C CB  . GLN A 1 95  ? -0.866  -3.518  -10.029 1.00 12.85  ? 95  GLN X CB  1 
ATOM   751  C CG  . GLN A 1 95  ? -1.769  -4.556  -10.737 1.00 13.99  ? 95  GLN X CG  1 
ATOM   752  C CD  . GLN A 1 95  ? -2.329  -4.112  -12.097 1.00 14.99  ? 95  GLN X CD  1 
ATOM   753  O OE1 . GLN A 1 95  ? -2.791  -4.944  -12.893 1.00 21.69  ? 95  GLN X OE1 1 
ATOM   754  N NE2 . GLN A 1 95  ? -2.316  -2.833  -12.357 1.00 11.72  ? 95  GLN X NE2 1 
ATOM   755  N N   . THR A 1 96  ? 0.894   -5.843  -8.865  1.00 13.78  ? 96  THR X N   1 
ATOM   756  C CA  . THR A 1 96  ? 1.245   -7.272  -8.822  1.00 13.87  ? 96  THR X CA  1 
ATOM   757  C C   . THR A 1 96  ? 1.190   -7.835  -7.397  1.00 13.72  ? 96  THR X C   1 
ATOM   758  O O   . THR A 1 96  ? 0.609   -8.893  -7.157  1.00 13.93  ? 96  THR X O   1 
ATOM   759  C CB  . THR A 1 96  ? 2.642   -7.512  -9.452  1.00 14.23  ? 96  THR X CB  1 
ATOM   760  O OG1 . THR A 1 96  ? 2.670   -6.930  -10.756 1.00 13.52  ? 96  THR X OG1 1 
ATOM   761  C CG2 . THR A 1 96  ? 2.927   -8.994  -9.592  1.00 14.67  ? 96  THR X CG2 1 
ATOM   762  N N   . LEU A 1 97  ? 1.769   -7.120  -6.441  1.00 13.70  ? 97  LEU X N   1 
ATOM   763  C CA  . LEU A 1 97  ? 1.760   -7.614  -5.075  1.00 14.12  ? 97  LEU X CA  1 
ATOM   764  C C   . LEU A 1 97  ? 0.340   -7.617  -4.474  1.00 14.13  ? 97  LEU X C   1 
ATOM   765  O O   . LEU A 1 97  ? -0.037  -8.552  -3.765  1.00 13.91  ? 97  LEU X O   1 
ATOM   766  C CB  . LEU A 1 97  ? 2.724   -6.822  -4.196  1.00 14.77  ? 97  LEU X CB  1 
ATOM   767  C CG  . LEU A 1 97  ? 3.239   -7.568  -2.952  1.00 15.79  ? 97  LEU X CG  1 
ATOM   768  C CD1 . LEU A 1 97  ? 3.706   -8.979  -3.238  1.00 16.20  ? 97  LEU X CD1 1 
ATOM   769  C CD2 . LEU A 1 97  ? 4.333   -6.791  -2.326  1.00 17.60  ? 97  LEU X CD2 1 
ATOM   770  N N   . PHE A 1 98  ? -0.434  -6.569  -4.757  1.00 13.29  ? 98  PHE X N   1 
ATOM   771  C CA  . PHE A 1 98  ? -1.822  -6.527  -4.307  1.00 13.21  ? 98  PHE X CA  1 
ATOM   772  C C   . PHE A 1 98  ? -2.605  -7.741  -4.840  1.00 13.65  ? 98  PHE X C   1 
ATOM   773  O O   . PHE A 1 98  ? -3.300  -8.416  -4.074  1.00 13.72  ? 98  PHE X O   1 
ATOM   774  C CB  . PHE A 1 98  ? -2.476  -5.185  -4.688  1.00 11.92  ? 98  PHE X CB  1 
ATOM   775  C CG  . PHE A 1 98  ? -1.945  -4.011  -3.898  1.00 11.10  ? 98  PHE X CG  1 
ATOM   776  C CD1 . PHE A 1 98  ? -1.673  -4.146  -2.533  1.00 10.21  ? 98  PHE X CD1 1 
ATOM   777  C CD2 . PHE A 1 98  ? -1.717  -2.783  -4.502  1.00 8.67   ? 98  PHE X CD2 1 
ATOM   778  C CE1 . PHE A 1 98  ? -1.184  -3.098  -1.790  1.00 8.76   ? 98  PHE X CE1 1 
ATOM   779  C CE2 . PHE A 1 98  ? -1.231  -1.712  -3.765  1.00 9.87   ? 98  PHE X CE2 1 
ATOM   780  C CZ  . PHE A 1 98  ? -0.965  -1.869  -2.394  1.00 10.34  ? 98  PHE X CZ  1 
ATOM   781  N N   . GLU A 1 99  ? -2.459  -8.027  -6.137  1.00 14.13  ? 99  GLU X N   1 
ATOM   782  C CA  . GLU A 1 99  ? -3.155  -9.129  -6.792  1.00 15.13  ? 99  GLU X CA  1 
ATOM   783  C C   . GLU A 1 99  ? -2.783  -10.467 -6.157  1.00 15.98  ? 99  GLU X C   1 
ATOM   784  O O   . GLU A 1 99  ? -3.635  -11.330 -5.957  1.00 16.12  ? 99  GLU X O   1 
ATOM   785  C CB  . GLU A 1 99  ? -2.848  -9.146  -8.299  1.00 14.97  ? 99  GLU X CB  1 
ATOM   786  C CG  . GLU A 1 99  ? -3.587  -8.059  -9.091  1.00 15.24  ? 99  GLU X CG  1 
ATOM   787  C CD  . GLU A 1 99  ? -3.139  -7.937  -10.556 1.00 15.78  ? 99  GLU X CD  1 
ATOM   788  O OE1 . GLU A 1 99  ? -3.834  -7.238  -11.307 1.00 15.77  ? 99  GLU X OE1 1 
ATOM   789  O OE2 . GLU A 1 99  ? -2.100  -8.510  -10.960 1.00 15.97  ? 99  GLU X OE2 1 
ATOM   790  N N   . GLU A 1 100 ? -1.505  -10.622 -5.832  1.00 17.00  ? 100 GLU X N   1 
ATOM   791  C CA  . GLU A 1 100 ? -1.016  -11.838 -5.208  1.00 18.19  ? 100 GLU X CA  1 
ATOM   792  C C   . GLU A 1 100 ? -1.450  -11.953 -3.744  1.00 18.13  ? 100 GLU X C   1 
ATOM   793  O O   . GLU A 1 100 ? -1.606  -13.057 -3.240  1.00 18.65  ? 100 GLU X O   1 
ATOM   794  C CB  . GLU A 1 100 ? 0.505   -11.905 -5.310  1.00 18.39  ? 100 GLU X CB  1 
ATOM   795  C CG  . GLU A 1 100 ? 1.043   -12.066 -6.734  1.00 18.98  ? 100 GLU X CG  1 
ATOM   796  C CD  . GLU A 1 100 ? 2.560   -12.056 -6.778  1.00 19.66  ? 100 GLU X CD  1 
ATOM   797  O OE1 . GLU A 1 100 ? 3.158   -10.964 -6.678  1.00 22.72  ? 100 GLU X OE1 1 
ATOM   798  O OE2 . GLU A 1 100 ? 3.152   -13.146 -6.917  1.00 20.85  ? 100 GLU X OE2 1 
ATOM   799  N N   . MET A 1 101 ? -1.645  -10.825 -3.063  1.00 17.71  ? 101 MET X N   1 
ATOM   800  C CA  . MET A 1 101 ? -1.861  -10.865 -1.615  1.00 17.76  ? 101 MET X CA  1 
ATOM   801  C C   . MET A 1 101 ? -3.293  -10.614 -1.110  1.00 17.72  ? 101 MET X C   1 
ATOM   802  O O   . MET A 1 101 ? -3.601  -10.957 0.036   1.00 17.89  ? 101 MET X O   1 
ATOM   803  C CB  . MET A 1 101 ? -0.856  -9.953  -0.900  1.00 17.70  ? 101 MET X CB  1 
ATOM   804  C CG  . MET A 1 101 ? 0.610   -10.384 -1.068  1.00 18.28  ? 101 MET X CG  1 
ATOM   805  S SD  . MET A 1 101 ? 0.979   -12.070 -0.494  1.00 19.50  ? 101 MET X SD  1 
ATOM   806  C CE  . MET A 1 101 ? 0.662   -11.894 1.262   1.00 16.77  ? 101 MET X CE  1 
ATOM   807  N N   . ILE A 1 102 ? -4.166  -10.036 -1.940  1.00 17.84  ? 102 ILE X N   1 
ATOM   808  C CA  . ILE A 1 102 ? -5.504  -9.596  -1.467  1.00 17.83  ? 102 ILE X CA  1 
ATOM   809  C C   . ILE A 1 102 ? -6.327  -10.716 -0.801  1.00 18.18  ? 102 ILE X C   1 
ATOM   810  O O   . ILE A 1 102 ? -7.028  -10.466 0.175   1.00 18.15  ? 102 ILE X O   1 
ATOM   811  C CB  . ILE A 1 102 ? -6.351  -8.871  -2.570  1.00 17.91  ? 102 ILE X CB  1 
ATOM   812  C CG1 . ILE A 1 102 ? -7.635  -8.252  -1.967  1.00 17.94  ? 102 ILE X CG1 1 
ATOM   813  C CG2 . ILE A 1 102 ? -6.664  -9.808  -3.743  1.00 17.08  ? 102 ILE X CG2 1 
ATOM   814  C CD1 . ILE A 1 102 ? -8.282  -7.161  -2.825  1.00 17.34  ? 102 ILE X CD1 1 
ATOM   815  N N   . ASP A 1 103 ? -6.214  -11.932 -1.324  1.00 18.57  ? 103 ASP X N   1 
ATOM   816  C CA  . ASP A 1 103 ? -6.889  -13.106 -0.758  1.00 19.70  ? 103 ASP X CA  1 
ATOM   817  C C   . ASP A 1 103 ? -6.222  -13.680 0.500   1.00 19.79  ? 103 ASP X C   1 
ATOM   818  O O   . ASP A 1 103 ? -6.741  -14.625 1.097   1.00 20.05  ? 103 ASP X O   1 
ATOM   819  C CB  . ASP A 1 103 ? -7.034  -14.200 -1.828  1.00 20.03  ? 103 ASP X CB  1 
ATOM   820  C CG  . ASP A 1 103 ? -7.998  -13.811 -2.944  1.00 22.00  ? 103 ASP X CG  1 
ATOM   821  O OD1 . ASP A 1 103 ? -7.918  -14.406 -4.035  1.00 25.32  ? 103 ASP X OD1 1 
ATOM   822  O OD2 . ASP A 1 103 ? -8.848  -12.915 -2.744  1.00 25.95  ? 103 ASP X OD2 1 
ATOM   823  N N   . LYS A 1 104 ? -5.088  -13.110 0.904   1.00 19.97  ? 104 LYS X N   1 
ATOM   824  C CA  . LYS A 1 104 ? -4.275  -13.678 1.984   1.00 19.98  ? 104 LYS X CA  1 
ATOM   825  C C   . LYS A 1 104 ? -4.246  -12.800 3.228   1.00 19.42  ? 104 LYS X C   1 
ATOM   826  O O   . LYS A 1 104 ? -4.055  -13.300 4.331   1.00 19.38  ? 104 LYS X O   1 
ATOM   827  C CB  . LYS A 1 104 ? -2.831  -13.924 1.516   1.00 20.54  ? 104 LYS X CB  1 
ATOM   828  C CG  . LYS A 1 104 ? -2.687  -14.610 0.154   1.00 22.70  ? 104 LYS X CG  1 
ATOM   829  C CD  . LYS A 1 104 ? -2.955  -16.092 0.226   1.00 27.22  ? 104 LYS X CD  1 
ATOM   830  C CE  . LYS A 1 104 ? -2.685  -16.758 -1.122  1.00 30.33  ? 104 LYS X CE  1 
ATOM   831  N NZ  . LYS A 1 104 ? -3.239  -18.146 -1.155  1.00 32.58  ? 104 LYS X NZ  1 
ATOM   832  N N   . VAL A 1 105 ? -4.439  -11.491 3.052   1.00 18.67  ? 105 VAL X N   1 
ATOM   833  C CA  . VAL A 1 105 ? -4.334  -10.559 4.170   1.00 17.93  ? 105 VAL X CA  1 
ATOM   834  C C   . VAL A 1 105 ? -5.513  -10.654 5.163   1.00 18.20  ? 105 VAL X C   1 
ATOM   835  O O   . VAL A 1 105 ? -6.621  -11.041 4.796   1.00 17.50  ? 105 VAL X O   1 
ATOM   836  C CB  . VAL A 1 105 ? -4.121  -9.085  3.706   1.00 18.12  ? 105 VAL X CB  1 
ATOM   837  C CG1 . VAL A 1 105 ? -2.790  -8.939  2.933   1.00 17.30  ? 105 VAL X CG1 1 
ATOM   838  C CG2 . VAL A 1 105 ? -5.309  -8.591  2.886   1.00 15.97  ? 105 VAL X CG2 1 
ATOM   839  N N   . ASP A 1 106 ? -5.229  -10.294 6.419   1.00 18.13  ? 106 ASP X N   1 
ATOM   840  C CA  . ASP A 1 106 ? -6.227  -10.209 7.485   1.00 18.35  ? 106 ASP X CA  1 
ATOM   841  C C   . ASP A 1 106 ? -7.141  -9.003  7.291   1.00 17.34  ? 106 ASP X C   1 
ATOM   842  O O   . ASP A 1 106 ? -8.358  -9.091  7.509   1.00 17.67  ? 106 ASP X O   1 
ATOM   843  C CB  . ASP A 1 106 ? -5.526  -10.098 8.847   1.00 18.67  ? 106 ASP X CB  1 
ATOM   844  C CG  . ASP A 1 106 ? -4.560  -11.260 9.112   1.00 19.95  ? 106 ASP X CG  1 
ATOM   845  O OD1 . ASP A 1 106 ? -4.971  -12.412 8.930   1.00 20.77  ? 106 ASP X OD1 1 
ATOM   846  O OD2 . ASP A 1 106 ? -3.393  -11.022 9.496   1.00 22.00  ? 106 ASP X OD2 1 
ATOM   847  N N   . ASP A 1 107 ? -6.549  -7.874  6.899   1.00 16.37  ? 107 ASP X N   1 
ATOM   848  C CA  . ASP A 1 107 ? -7.296  -6.626  6.776   1.00 14.87  ? 107 ASP X CA  1 
ATOM   849  C C   . ASP A 1 107 ? -6.655  -5.661  5.769   1.00 14.25  ? 107 ASP X C   1 
ATOM   850  O O   . ASP A 1 107 ? -5.530  -5.887  5.282   1.00 13.87  ? 107 ASP X O   1 
ATOM   851  C CB  . ASP A 1 107 ? -7.469  -5.960  8.160   1.00 14.75  ? 107 ASP X CB  1 
ATOM   852  C CG  . ASP A 1 107 ? -6.147  -5.658  8.847   1.00 15.89  ? 107 ASP X CG  1 
ATOM   853  O OD1 . ASP A 1 107 ? -6.156  -4.915  9.847   1.00 17.86  ? 107 ASP X OD1 1 
ATOM   854  O OD2 . ASP A 1 107 ? -5.088  -6.145  8.395   1.00 17.43  ? 107 ASP X OD2 1 
ATOM   855  N N   . MET A 1 108 ? -7.370  -4.584  5.463   1.00 12.79  ? 108 MET X N   1 
ATOM   856  C CA  . MET A 1 108 ? -6.885  -3.595  4.512   1.00 11.82  ? 108 MET X CA  1 
ATOM   857  C C   . MET A 1 108 ? -7.104  -2.197  5.048   1.00 11.41  ? 108 MET X C   1 
ATOM   858  O O   . MET A 1 108 ? -8.197  -1.881  5.529   1.00 11.54  ? 108 MET X O   1 
ATOM   859  C CB  . MET A 1 108 ? -7.608  -3.748  3.172   1.00 11.54  ? 108 MET X CB  1 
ATOM   860  C CG  . MET A 1 108 ? -7.667  -5.176  2.657   1.00 11.47  ? 108 MET X CG  1 
ATOM   861  S SD  . MET A 1 108 ? -8.033  -5.303  0.900   1.00 11.04  ? 108 MET X SD  1 
ATOM   862  C CE  . MET A 1 108 ? -9.799  -5.011  0.870   1.00 11.96  ? 108 MET X CE  1 
ATOM   863  N N   . TYR A 1 109 ? -6.056  -1.379  4.981   1.00 10.93  ? 109 TYR X N   1 
ATOM   864  C CA  . TYR A 1 109 ? -6.156  0.056   5.206   1.00 10.85  ? 109 TYR X CA  1 
ATOM   865  C C   . TYR A 1 109 ? -6.163  0.770   3.859   1.00 10.54  ? 109 TYR X C   1 
ATOM   866  O O   . TYR A 1 109 ? -5.116  0.908   3.198   1.00 9.27   ? 109 TYR X O   1 
ATOM   867  C CB  . TYR A 1 109 ? -4.994  0.561   6.058   1.00 11.89  ? 109 TYR X CB  1 
ATOM   868  C CG  . TYR A 1 109 ? -4.972  -0.014  7.461   1.00 13.29  ? 109 TYR X CG  1 
ATOM   869  C CD1 . TYR A 1 109 ? -4.341  -1.224  7.728   1.00 12.83  ? 109 TYR X CD1 1 
ATOM   870  C CD2 . TYR A 1 109 ? -5.607  0.647   8.506   1.00 13.80  ? 109 TYR X CD2 1 
ATOM   871  C CE1 . TYR A 1 109 ? -4.338  -1.758  9.020   1.00 14.28  ? 109 TYR X CE1 1 
ATOM   872  C CE2 . TYR A 1 109 ? -5.598  0.128   9.797   1.00 14.41  ? 109 TYR X CE2 1 
ATOM   873  C CZ  . TYR A 1 109 ? -4.963  -1.065  10.046  1.00 13.62  ? 109 TYR X CZ  1 
ATOM   874  O OH  . TYR A 1 109 ? -4.964  -1.574  11.325  1.00 14.41  ? 109 TYR X OH  1 
ATOM   875  N N   . ILE A 1 110 ? -7.345  1.232   3.466   1.00 9.81   ? 110 ILE X N   1 
ATOM   876  C CA  . ILE A 1 110 ? -7.545  1.799   2.125   1.00 9.97   ? 110 ILE X CA  1 
ATOM   877  C C   . ILE A 1 110 ? -7.884  3.288   2.229   1.00 9.81   ? 110 ILE X C   1 
ATOM   878  O O   . ILE A 1 110 ? -8.794  3.683   2.966   1.00 9.59   ? 110 ILE X O   1 
ATOM   879  C CB  . ILE A 1 110 ? -8.666  1.032   1.366   1.00 9.70   ? 110 ILE X CB  1 
ATOM   880  C CG1 . ILE A 1 110 ? -8.281  -0.449  1.217   1.00 10.32  ? 110 ILE X CG1 1 
ATOM   881  C CG2 . ILE A 1 110 ? -8.956  1.670   -0.004  1.00 9.36   ? 110 ILE X CG2 1 
ATOM   882  C CD1 . ILE A 1 110 ? -9.236  -1.273  0.358   1.00 10.97  ? 110 ILE X CD1 1 
ATOM   883  N N   . THR A 1 111 ? -7.135  4.113   1.523   1.00 9.02   ? 111 THR X N   1 
ATOM   884  C CA  . THR A 1 111 ? -7.544  5.493   1.324   1.00 9.22   ? 111 THR X CA  1 
ATOM   885  C C   . THR A 1 111 ? -8.273  5.545   -0.025  1.00 9.89   ? 111 THR X C   1 
ATOM   886  O O   . THR A 1 111 ? -7.666  5.321   -1.074  1.00 9.34   ? 111 THR X O   1 
ATOM   887  C CB  . THR A 1 111 ? -6.362  6.438   1.329   1.00 9.22   ? 111 THR X CB  1 
ATOM   888  O OG1 . THR A 1 111 ? -5.568  6.189   2.498   1.00 9.98   ? 111 THR X OG1 1 
ATOM   889  C CG2 . THR A 1 111 ? -6.834  7.901   1.324   1.00 8.90   ? 111 THR X CG2 1 
ATOM   890  N N   . VAL A 1 112 ? -9.579  5.788   0.021   1.00 9.72   ? 112 VAL X N   1 
ATOM   891  C CA  . VAL A 1 112 ? -10.347 5.952   -1.195  1.00 10.55  ? 112 VAL X CA  1 
ATOM   892  C C   . VAL A 1 112 ? -10.237 7.411   -1.614  1.00 11.20  ? 112 VAL X C   1 
ATOM   893  O O   . VAL A 1 112 ? -10.632 8.306   -0.866  1.00 10.98  ? 112 VAL X O   1 
ATOM   894  C CB  . VAL A 1 112 ? -11.825 5.546   -1.009  1.00 10.71  ? 112 VAL X CB  1 
ATOM   895  C CG1 . VAL A 1 112 ? -12.625 5.795   -2.313  1.00 9.69   ? 112 VAL X CG1 1 
ATOM   896  C CG2 . VAL A 1 112 ? -11.925 4.077   -0.588  1.00 10.89  ? 112 VAL X CG2 1 
ATOM   897  N N   . ILE A 1 113 ? -9.635  7.635   -2.785  1.00 11.95  ? 113 ILE X N   1 
ATOM   898  C CA  . ILE A 1 113 ? -9.505  8.971   -3.365  1.00 12.79  ? 113 ILE X CA  1 
ATOM   899  C C   . ILE A 1 113 ? -10.755 9.173   -4.222  1.00 12.85  ? 113 ILE X C   1 
ATOM   900  O O   . ILE A 1 113 ? -10.980 8.448   -5.202  1.00 12.00  ? 113 ILE X O   1 
ATOM   901  C CB  . ILE A 1 113 ? -8.210  9.128   -4.257  1.00 13.49  ? 113 ILE X CB  1 
ATOM   902  C CG1 . ILE A 1 113 ? -6.921  8.632   -3.559  1.00 14.29  ? 113 ILE X CG1 1 
ATOM   903  C CG2 . ILE A 1 113 ? -8.049  10.544  -4.773  1.00 13.31  ? 113 ILE X CG2 1 
ATOM   904  C CD1 . ILE A 1 113 ? -6.497  9.390   -2.329  1.00 14.57  ? 113 ILE X CD1 1 
ATOM   905  N N   . GLU A 1 114 ? -11.563 10.162  -3.857  1.00 13.17  ? 114 GLU X N   1 
ATOM   906  C CA  . GLU A 1 114 ? -12.868 10.372  -4.499  1.00 13.50  ? 114 GLU X CA  1 
ATOM   907  C C   . GLU A 1 114 ? -12.747 11.169  -5.789  1.00 12.70  ? 114 GLU X C   1 
ATOM   908  O O   . GLU A 1 114 ? -13.370 12.230  -5.943  1.00 12.78  ? 114 GLU X O   1 
ATOM   909  C CB  . GLU A 1 114 ? -13.821 11.064  -3.530  1.00 14.02  ? 114 GLU X CB  1 
ATOM   910  C CG  . GLU A 1 114 ? -13.774 10.457  -2.125  1.00 17.97  ? 114 GLU X CG  1 
ATOM   911  C CD  . GLU A 1 114 ? -14.626 9.208   -1.941  1.00 24.07  ? 114 GLU X CD  1 
ATOM   912  O OE1 . GLU A 1 114 ? -15.406 8.858   -2.863  1.00 23.54  ? 114 GLU X OE1 1 
ATOM   913  O OE2 . GLU A 1 114 ? -14.506 8.581   -0.840  1.00 26.47  ? 114 GLU X OE2 1 
ATOM   914  N N   . GLY A 1 115 ? -11.942 10.642  -6.703  1.00 11.55  ? 115 GLY X N   1 
ATOM   915  C CA  . GLY A 1 115 ? -11.713 11.238  -8.015  1.00 11.44  ? 115 GLY X CA  1 
ATOM   916  C C   . GLY A 1 115 ? -11.508 10.172  -9.079  1.00 10.94  ? 115 GLY X C   1 
ATOM   917  O O   . GLY A 1 115 ? -11.410 8.982   -8.772  1.00 10.53  ? 115 GLY X O   1 
ATOM   918  N N   . LYS A 1 116 ? -11.431 10.594  -10.334 1.00 10.71  ? 116 LYS X N   1 
ATOM   919  C CA  . LYS A 1 116 ? -11.161 9.657   -11.420 1.00 11.55  ? 116 LYS X CA  1 
ATOM   920  C C   . LYS A 1 116 ? -9.933  10.138  -12.170 1.00 11.40  ? 116 LYS X C   1 
ATOM   921  O O   . LYS A 1 116 ? -9.968  11.186  -12.828 1.00 11.57  ? 116 LYS X O   1 
ATOM   922  C CB  . LYS A 1 116 ? -12.366 9.520   -12.348 1.00 11.45  ? 116 LYS X CB  1 
ATOM   923  C CG  . LYS A 1 116 ? -13.572 8.913   -11.653 1.00 13.38  ? 116 LYS X CG  1 
ATOM   924  C CD  . LYS A 1 116 ? -14.750 8.709   -12.590 1.00 18.21  ? 116 LYS X CD  1 
ATOM   925  C CE  . LYS A 1 116 ? -15.800 7.806   -11.902 1.00 22.65  ? 116 LYS X CE  1 
ATOM   926  N NZ  . LYS A 1 116 ? -16.945 7.430   -12.795 1.00 25.99  ? 116 LYS X NZ  1 
ATOM   927  N N   . PHE A 1 117 ? -8.849  9.386   -12.035 1.00 11.24  ? 117 PHE X N   1 
ATOM   928  C CA  . PHE A 1 117 ? -7.543  9.778   -12.583 1.00 11.50  ? 117 PHE X CA  1 
ATOM   929  C C   . PHE A 1 117 ? -7.224  8.855   -13.740 1.00 12.15  ? 117 PHE X C   1 
ATOM   930  O O   . PHE A 1 117 ? -7.757  7.743   -13.811 1.00 12.48  ? 117 PHE X O   1 
ATOM   931  C CB  . PHE A 1 117 ? -6.447  9.666   -11.508 1.00 11.23  ? 117 PHE X CB  1 
ATOM   932  C CG  . PHE A 1 117 ? -6.551  10.712  -10.416 1.00 11.11  ? 117 PHE X CG  1 
ATOM   933  C CD1 . PHE A 1 117 ? -5.711  11.823  -10.417 1.00 11.15  ? 117 PHE X CD1 1 
ATOM   934  C CD2 . PHE A 1 117 ? -7.497  10.594  -9.405  1.00 9.46   ? 117 PHE X CD2 1 
ATOM   935  C CE1 . PHE A 1 117 ? -5.824  12.812  -9.420  1.00 11.63  ? 117 PHE X CE1 1 
ATOM   936  C CE2 . PHE A 1 117 ? -7.615  11.575  -8.406  1.00 9.71   ? 117 PHE X CE2 1 
ATOM   937  C CZ  . PHE A 1 117 ? -6.775  12.672  -8.415  1.00 10.37  ? 117 PHE X CZ  1 
ATOM   938  N N   . ARG A 1 118 ? -6.376  9.308   -14.653 1.00 12.43  ? 118 ARG X N   1 
ATOM   939  C CA  . ARG A 1 118 ? -5.808  8.410   -15.659 1.00 13.54  ? 118 ARG X CA  1 
ATOM   940  C C   . ARG A 1 118 ? -4.781  7.510   -14.976 1.00 11.96  ? 118 ARG X C   1 
ATOM   941  O O   . ARG A 1 118 ? -3.874  8.003   -14.314 1.00 12.39  ? 118 ARG X O   1 
ATOM   942  C CB  . ARG A 1 118 ? -5.142  9.218   -16.781 1.00 13.18  ? 118 ARG X CB  1 
ATOM   943  C CG  . ARG A 1 118 ? -4.184  8.386   -17.658 1.00 16.52  ? 118 ARG X CG  1 
ATOM   944  C CD  . ARG A 1 118 ? -3.593  9.166   -18.846 1.00 17.40  ? 118 ARG X CD  1 
ATOM   945  N NE  . ARG A 1 118 ? -4.653  9.719   -19.679 1.00 24.77  ? 118 ARG X NE  1 
ATOM   946  C CZ  . ARG A 1 118 ? -4.978  11.007  -19.720 1.00 27.40  ? 118 ARG X CZ  1 
ATOM   947  N NH1 . ARG A 1 118 ? -4.302  11.902  -19.012 1.00 27.72  ? 118 ARG X NH1 1 
ATOM   948  N NH2 . ARG A 1 118 ? -5.982  11.399  -20.488 1.00 29.68  ? 118 ARG X NH2 1 
ATOM   949  N N   . GLY A 1 119 ? -4.909  6.201   -15.143 1.00 11.49  ? 119 GLY X N   1 
ATOM   950  C CA  . GLY A 1 119 ? -3.977  5.266   -14.506 1.00 10.82  ? 119 GLY X CA  1 
ATOM   951  C C   . GLY A 1 119 ? -3.487  4.177   -15.436 1.00 10.45  ? 119 GLY X C   1 
ATOM   952  O O   . GLY A 1 119 ? -4.076  3.928   -16.487 1.00 9.60   ? 119 GLY X O   1 
ATOM   953  N N   . ASP A 1 120 ? -2.400  3.523   -15.058 1.00 10.11  ? 120 ASP X N   1 
ATOM   954  C CA  . ASP A 1 120 ? -1.968  2.343   -15.785 1.00 10.11  ? 120 ASP X CA  1 
ATOM   955  C C   . ASP A 1 120 ? -1.759  1.151   -14.841 1.00 10.19  ? 120 ASP X C   1 
ATOM   956  O O   . ASP A 1 120 ? -1.337  0.074   -15.263 1.00 9.07   ? 120 ASP X O   1 
ATOM   957  C CB  . ASP A 1 120 ? -0.718  2.635   -16.643 1.00 10.69  ? 120 ASP X CB  1 
ATOM   958  C CG  . ASP A 1 120 ? 0.478   3.088   -15.824 1.00 11.63  ? 120 ASP X CG  1 
ATOM   959  O OD1 . ASP A 1 120 ? 1.390   3.694   -16.427 1.00 12.42  ? 120 ASP X OD1 1 
ATOM   960  O OD2 . ASP A 1 120 ? 0.505   2.856   -14.589 1.00 11.79  ? 120 ASP X OD2 1 
ATOM   961  N N   . THR A 1 121 ? -2.061  1.356   -13.560 1.00 9.89   ? 121 THR X N   1 
ATOM   962  C CA  . THR A 1 121 ? -2.005  0.264   -12.578 1.00 10.39  ? 121 THR X CA  1 
ATOM   963  C C   . THR A 1 121 ? -3.139  0.392   -11.568 1.00 10.01  ? 121 THR X C   1 
ATOM   964  O O   . THR A 1 121 ? -3.551  1.512   -11.206 1.00 9.39   ? 121 THR X O   1 
ATOM   965  C CB  . THR A 1 121 ? -0.643  0.187   -11.864 1.00 10.67  ? 121 THR X CB  1 
ATOM   966  O OG1 . THR A 1 121 ? -0.206  1.500   -11.592 1.00 11.79  ? 121 THR X OG1 1 
ATOM   967  C CG2 . THR A 1 121 ? 0.410   -0.504  -12.750 1.00 11.87  ? 121 THR X CG2 1 
ATOM   968  N N   . PHE A 1 122 ? -3.651  -0.761  -11.145 1.00 9.34   ? 122 PHE X N   1 
ATOM   969  C CA  . PHE A 1 122 ? -4.947  -0.849  -10.478 1.00 9.51   ? 122 PHE X CA  1 
ATOM   970  C C   . PHE A 1 122 ? -4.911  -1.764  -9.277  1.00 9.59   ? 122 PHE X C   1 
ATOM   971  O O   . PHE A 1 122 ? -4.214  -2.767  -9.290  1.00 8.80   ? 122 PHE X O   1 
ATOM   972  C CB  . PHE A 1 122 ? -6.006  -1.391  -11.446 1.00 9.50   ? 122 PHE X CB  1 
ATOM   973  C CG  . PHE A 1 122 ? -6.481  -0.387  -12.453 1.00 9.70   ? 122 PHE X CG  1 
ATOM   974  C CD1 . PHE A 1 122 ? -7.697  0.261   -12.272 1.00 9.30   ? 122 PHE X CD1 1 
ATOM   975  C CD2 . PHE A 1 122 ? -5.715  -0.088  -13.586 1.00 8.15   ? 122 PHE X CD2 1 
ATOM   976  C CE1 . PHE A 1 122 ? -8.154  1.179   -13.192 1.00 7.85   ? 122 PHE X CE1 1 
ATOM   977  C CE2 . PHE A 1 122 ? -6.160  0.859   -14.514 1.00 6.56   ? 122 PHE X CE2 1 
ATOM   978  C CZ  . PHE A 1 122 ? -7.372  1.487   -14.317 1.00 8.54   ? 122 PHE X CZ  1 
ATOM   979  N N   . PHE A 1 123 ? -5.685  -1.408  -8.252  1.00 9.58   ? 123 PHE X N   1 
ATOM   980  C CA  . PHE A 1 123 ? -5.977  -2.316  -7.152  1.00 9.98   ? 123 PHE X CA  1 
ATOM   981  C C   . PHE A 1 123 ? -7.018  -3.326  -7.658  1.00 10.17  ? 123 PHE X C   1 
ATOM   982  O O   . PHE A 1 123 ? -7.902  -2.948  -8.426  1.00 10.00  ? 123 PHE X O   1 
ATOM   983  C CB  . PHE A 1 123 ? -6.523  -1.535  -5.936  1.00 9.02   ? 123 PHE X CB  1 
ATOM   984  C CG  . PHE A 1 123 ? -6.531  -2.326  -4.657  1.00 9.94   ? 123 PHE X CG  1 
ATOM   985  C CD1 . PHE A 1 123 ? -5.344  -2.611  -3.987  1.00 9.89   ? 123 PHE X CD1 1 
ATOM   986  C CD2 . PHE A 1 123 ? -7.726  -2.794  -4.115  1.00 10.03  ? 123 PHE X CD2 1 
ATOM   987  C CE1 . PHE A 1 123 ? -5.348  -3.351  -2.799  1.00 10.03  ? 123 PHE X CE1 1 
ATOM   988  C CE2 . PHE A 1 123 ? -7.732  -3.536  -2.927  1.00 10.45  ? 123 PHE X CE2 1 
ATOM   989  C CZ  . PHE A 1 123 ? -6.550  -3.815  -2.276  1.00 9.39   ? 123 PHE X CZ  1 
ATOM   990  N N   . PRO A 1 124 ? -6.896  -4.617  -7.275  1.00 10.95  ? 124 PRO X N   1 
ATOM   991  C CA  . PRO A 1 124 ? -7.892  -5.590  -7.743  1.00 11.49  ? 124 PRO X CA  1 
ATOM   992  C C   . PRO A 1 124 ? -9.297  -5.336  -7.191  1.00 12.44  ? 124 PRO X C   1 
ATOM   993  O O   . PRO A 1 124 ? -9.431  -4.782  -6.090  1.00 12.64  ? 124 PRO X O   1 
ATOM   994  C CB  . PRO A 1 124 ? -7.349  -6.940  -7.240  1.00 11.86  ? 124 PRO X CB  1 
ATOM   995  C CG  . PRO A 1 124 ? -6.404  -6.613  -6.153  1.00 11.59  ? 124 PRO X CG  1 
ATOM   996  C CD  . PRO A 1 124 ? -5.847  -5.249  -6.453  1.00 10.95  ? 124 PRO X CD  1 
ATOM   997  N N   . PRO A 1 125 ? -10.343 -5.731  -7.951  1.00 13.49  ? 125 PRO X N   1 
ATOM   998  C CA  . PRO A 1 125 ? -11.715 -5.605  -7.460  1.00 14.34  ? 125 PRO X CA  1 
ATOM   999  C C   . PRO A 1 125 ? -11.920 -6.411  -6.182  1.00 15.59  ? 125 PRO X C   1 
ATOM   1000 O O   . PRO A 1 125 ? -11.275 -7.435  -5.981  1.00 15.88  ? 125 PRO X O   1 
ATOM   1001 C CB  . PRO A 1 125 ? -12.567 -6.197  -8.591  1.00 14.49  ? 125 PRO X CB  1 
ATOM   1002 C CG  . PRO A 1 125 ? -11.679 -6.151  -9.824  1.00 14.15  ? 125 PRO X CG  1 
ATOM   1003 C CD  . PRO A 1 125 ? -10.288 -6.333  -9.302  1.00 13.31  ? 125 PRO X CD  1 
ATOM   1004 N N   . TYR A 1 126 ? -12.799 -5.909  -5.321  1.00 16.82  ? 126 TYR X N   1 
ATOM   1005 C CA  . TYR A 1 126 ? -13.157 -6.546  -4.062  1.00 17.82  ? 126 TYR X CA  1 
ATOM   1006 C C   . TYR A 1 126 ? -14.592 -6.115  -3.751  1.00 19.30  ? 126 TYR X C   1 
ATOM   1007 O O   . TYR A 1 126 ? -15.055 -5.076  -4.231  1.00 19.28  ? 126 TYR X O   1 
ATOM   1008 C CB  . TYR A 1 126 ? -12.196 -6.128  -2.927  1.00 16.47  ? 126 TYR X CB  1 
ATOM   1009 C CG  . TYR A 1 126 ? -12.148 -4.630  -2.627  1.00 15.76  ? 126 TYR X CG  1 
ATOM   1010 C CD1 . TYR A 1 126 ? -12.957 -4.065  -1.627  1.00 14.92  ? 126 TYR X CD1 1 
ATOM   1011 C CD2 . TYR A 1 126 ? -11.287 -3.780  -3.330  1.00 14.11  ? 126 TYR X CD2 1 
ATOM   1012 C CE1 . TYR A 1 126 ? -12.921 -2.699  -1.347  1.00 13.06  ? 126 TYR X CE1 1 
ATOM   1013 C CE2 . TYR A 1 126 ? -11.233 -2.414  -3.047  1.00 13.20  ? 126 TYR X CE2 1 
ATOM   1014 C CZ  . TYR A 1 126 ? -12.062 -1.879  -2.062  1.00 13.46  ? 126 TYR X CZ  1 
ATOM   1015 O OH  . TYR A 1 126 ? -12.021 -0.537  -1.784  1.00 13.10  ? 126 TYR X OH  1 
ATOM   1016 N N   . THR A 1 127 ? -15.293 -6.928  -2.973  1.00 21.56  ? 127 THR X N   1 
ATOM   1017 C CA  . THR A 1 127 ? -16.683 -6.637  -2.617  1.00 23.86  ? 127 THR X CA  1 
ATOM   1018 C C   . THR A 1 127 ? -16.833 -6.479  -1.108  1.00 24.57  ? 127 THR X C   1 
ATOM   1019 O O   . THR A 1 127 ? -16.187 -7.194  -0.335  1.00 24.58  ? 127 THR X O   1 
ATOM   1020 C CB  . THR A 1 127 ? -17.654 -7.716  -3.196  1.00 23.86  ? 127 THR X CB  1 
ATOM   1021 O OG1 . THR A 1 127 ? -18.924 -7.628  -2.545  1.00 25.76  ? 127 THR X OG1 1 
ATOM   1022 C CG2 . THR A 1 127 ? -17.098 -9.134  -3.006  1.00 24.78  ? 127 THR X CG2 1 
ATOM   1023 N N   . PHE A 1 128 ? -17.670 -5.531  -0.686  1.00 26.60  ? 128 PHE X N   1 
ATOM   1024 C CA  . PHE A 1 128 ? -17.941 -5.336  0.747   1.00 28.10  ? 128 PHE X CA  1 
ATOM   1025 C C   . PHE A 1 128 ? -18.699 -6.506  1.371   1.00 28.85  ? 128 PHE X C   1 
ATOM   1026 O O   . PHE A 1 128 ? -18.895 -6.540  2.578   1.00 29.78  ? 128 PHE X O   1 
ATOM   1027 C CB  . PHE A 1 128 ? -18.655 -4.006  1.016   1.00 28.36  ? 128 PHE X CB  1 
ATOM   1028 C CG  . PHE A 1 128 ? -17.778 -2.798  0.818   1.00 29.32  ? 128 PHE X CG  1 
ATOM   1029 C CD1 . PHE A 1 128 ? -16.933 -2.363  1.828   1.00 29.35  ? 128 PHE X CD1 1 
ATOM   1030 C CD2 . PHE A 1 128 ? -17.784 -2.105  -0.393  1.00 30.44  ? 128 PHE X CD2 1 
ATOM   1031 C CE1 . PHE A 1 128 ? -16.118 -1.257  1.640   1.00 29.82  ? 128 PHE X CE1 1 
ATOM   1032 C CE2 . PHE A 1 128 ? -16.970 -0.998  -0.585  1.00 30.13  ? 128 PHE X CE2 1 
ATOM   1033 C CZ  . PHE A 1 128 ? -16.141 -0.573  0.431   1.00 29.46  ? 128 PHE X CZ  1 
ATOM   1034 N N   . GLU A 1 129 ? -19.113 -7.468  0.553   1.00 29.34  ? 129 GLU X N   1 
ATOM   1035 C CA  . GLU A 1 129 ? -19.679 -8.715  1.058   1.00 30.29  ? 129 GLU X CA  1 
ATOM   1036 C C   . GLU A 1 129 ? -18.626 -9.575  1.761   1.00 29.23  ? 129 GLU X C   1 
ATOM   1037 O O   . GLU A 1 129 ? -18.975 -10.474 2.530   1.00 29.62  ? 129 GLU X O   1 
ATOM   1038 C CB  . GLU A 1 129 ? -20.289 -9.536  -0.079  1.00 30.41  ? 129 GLU X CB  1 
ATOM   1039 C CG  . GLU A 1 129 ? -21.512 -8.928  -0.759  1.00 32.79  ? 129 GLU X CG  1 
ATOM   1040 C CD  . GLU A 1 129 ? -22.037 -9.805  -1.894  1.00 33.26  ? 129 GLU X CD  1 
ATOM   1041 O OE1 . GLU A 1 129 ? -21.444 -10.884 -2.158  1.00 36.72  ? 129 GLU X OE1 1 
ATOM   1042 O OE2 . GLU A 1 129 ? -23.046 -9.413  -2.526  1.00 38.38  ? 129 GLU X OE2 1 
ATOM   1043 N N   . ASP A 1 130 ? -17.348 -9.318  1.480   1.00 27.71  ? 130 ASP X N   1 
ATOM   1044 C CA  . ASP A 1 130 ? -16.254 -10.104 2.051   1.00 26.44  ? 130 ASP X CA  1 
ATOM   1045 C C   . ASP A 1 130 ? -15.537 -9.369  3.186   1.00 25.20  ? 130 ASP X C   1 
ATOM   1046 O O   . ASP A 1 130 ? -14.710 -9.966  3.877   1.00 24.96  ? 130 ASP X O   1 
ATOM   1047 C CB  . ASP A 1 130 ? -15.216 -10.465 0.976   1.00 26.51  ? 130 ASP X CB  1 
ATOM   1048 C CG  . ASP A 1 130 ? -15.711 -11.515 -0.022  1.00 28.46  ? 130 ASP X CG  1 
ATOM   1049 O OD1 . ASP A 1 130 ? -14.997 -11.721 -1.032  1.00 27.92  ? 130 ASP X OD1 1 
ATOM   1050 O OD2 . ASP A 1 130 ? -16.788 -12.128 0.188   1.00 29.27  ? 130 ASP X OD2 1 
ATOM   1051 N N   . TRP A 1 131 ? -15.852 -8.082  3.358   1.00 23.77  ? 131 TRP X N   1 
ATOM   1052 C CA  . TRP A 1 131 ? -15.083 -7.178  4.230   1.00 22.53  ? 131 TRP X CA  1 
ATOM   1053 C C   . TRP A 1 131 ? -15.993 -6.330  5.104   1.00 22.61  ? 131 TRP X C   1 
ATOM   1054 O O   . TRP A 1 131 ? -16.889 -5.656  4.597   1.00 23.29  ? 131 TRP X O   1 
ATOM   1055 C CB  . TRP A 1 131 ? -14.184 -6.246  3.393   1.00 21.57  ? 131 TRP X CB  1 
ATOM   1056 C CG  . TRP A 1 131 ? -13.195 -6.983  2.554   1.00 20.47  ? 131 TRP X CG  1 
ATOM   1057 C CD1 . TRP A 1 131 ? -13.364 -7.404  1.268   1.00 20.12  ? 131 TRP X CD1 1 
ATOM   1058 C CD2 . TRP A 1 131 ? -11.893 -7.422  2.952   1.00 18.86  ? 131 TRP X CD2 1 
ATOM   1059 N NE1 . TRP A 1 131 ? -12.241 -8.072  0.836   1.00 19.13  ? 131 TRP X NE1 1 
ATOM   1060 C CE2 . TRP A 1 131 ? -11.325 -8.100  1.851   1.00 19.01  ? 131 TRP X CE2 1 
ATOM   1061 C CE3 . TRP A 1 131 ? -11.152 -7.310  4.131   1.00 17.92  ? 131 TRP X CE3 1 
ATOM   1062 C CZ2 . TRP A 1 131 ? -10.048 -8.663  1.895   1.00 20.24  ? 131 TRP X CZ2 1 
ATOM   1063 C CZ3 . TRP A 1 131 ? -9.882  -7.873  4.177   1.00 19.76  ? 131 TRP X CZ3 1 
ATOM   1064 C CH2 . TRP A 1 131 ? -9.341  -8.535  3.063   1.00 20.09  ? 131 TRP X CH2 1 
ATOM   1065 N N   . GLU A 1 132 ? -15.748 -6.352  6.414   1.00 21.80  ? 132 GLU X N   1 
ATOM   1066 C CA  . GLU A 1 132 ? -16.472 -5.500  7.347   1.00 21.37  ? 132 GLU X CA  1 
ATOM   1067 C C   . GLU A 1 132 ? -15.781 -4.136  7.459   1.00 19.85  ? 132 GLU X C   1 
ATOM   1068 O O   . GLU A 1 132 ? -14.551 -4.053  7.433   1.00 19.24  ? 132 GLU X O   1 
ATOM   1069 C CB  . GLU A 1 132 ? -16.533 -6.165  8.721   1.00 21.27  ? 132 GLU X CB  1 
ATOM   1070 C CG  . GLU A 1 132 ? -17.484 -5.469  9.688   1.00 23.89  ? 132 GLU X CG  1 
ATOM   1071 C CD  . GLU A 1 132 ? -17.621 -6.161  11.034  1.00 23.40  ? 132 GLU X CD  1 
ATOM   1072 O OE1 . GLU A 1 132 ? -16.957 -7.193  11.276  1.00 26.17  ? 132 GLU X OE1 1 
ATOM   1073 O OE2 . GLU A 1 132 ? -18.412 -5.656  11.859  1.00 28.24  ? 132 GLU X OE2 1 
ATOM   1074 N N   . VAL A 1 133 ? -16.572 -3.075  7.587   1.00 18.14  ? 133 VAL X N   1 
ATOM   1075 C CA  . VAL A 1 133 ? -16.029 -1.732  7.741   1.00 16.84  ? 133 VAL X CA  1 
ATOM   1076 C C   . VAL A 1 133 ? -15.734 -1.482  9.230   1.00 16.24  ? 133 VAL X C   1 
ATOM   1077 O O   . VAL A 1 133 ? -16.645 -1.164  10.011  1.00 15.73  ? 133 VAL X O   1 
ATOM   1078 C CB  . VAL A 1 133 ? -16.988 -0.656  7.178   1.00 17.01  ? 133 VAL X CB  1 
ATOM   1079 C CG1 . VAL A 1 133 ? -16.389 0.739   7.348   1.00 16.07  ? 133 VAL X CG1 1 
ATOM   1080 C CG2 . VAL A 1 133 ? -17.332 -0.938  5.693   1.00 16.78  ? 133 VAL X CG2 1 
ATOM   1081 N N   . ALA A 1 134 ? -14.473 -1.664  9.620   1.00 14.91  ? 134 ALA X N   1 
ATOM   1082 C CA  . ALA A 1 134 ? -14.067 -1.461  11.011  1.00 14.27  ? 134 ALA X CA  1 
ATOM   1083 C C   . ALA A 1 134 ? -14.114 0.023   11.376  1.00 14.24  ? 134 ALA X C   1 
ATOM   1084 O O   . ALA A 1 134 ? -14.456 0.391   12.507  1.00 14.61  ? 134 ALA X O   1 
ATOM   1085 C CB  . ALA A 1 134 ? -12.698 -2.033  11.253  1.00 14.20  ? 134 ALA X CB  1 
ATOM   1086 N N   . SER A 1 135 ? -13.760 0.860   10.404  1.00 14.04  ? 135 SER X N   1 
ATOM   1087 C CA  . SER A 1 135 ? -13.868 2.310   10.505  1.00 13.92  ? 135 SER X CA  1 
ATOM   1088 C C   . SER A 1 135 ? -13.842 2.975   9.131   1.00 14.22  ? 135 SER X C   1 
ATOM   1089 O O   . SER A 1 135 ? -13.308 2.443   8.145   1.00 13.88  ? 135 SER X O   1 
ATOM   1090 C CB  . SER A 1 135 ? -12.775 2.894   11.403  1.00 13.39  ? 135 SER X CB  1 
ATOM   1091 O OG  . SER A 1 135 ? -11.492 2.613   10.903  1.00 14.04  ? 135 SER X OG  1 
ATOM   1092 N N   . SER A 1 136 ? -14.439 4.152   9.084   1.00 14.54  ? 136 SER X N   1 
ATOM   1093 C CA  . SER A 1 136 ? -14.507 4.936   7.880   1.00 14.66  ? 136 SER X CA  1 
ATOM   1094 C C   . SER A 1 136 ? -14.479 6.379   8.329   1.00 15.11  ? 136 SER X C   1 
ATOM   1095 O O   . SER A 1 136 ? -15.415 6.846   8.995   1.00 15.34  ? 136 SER X O   1 
ATOM   1096 C CB  . SER A 1 136 ? -15.787 4.628   7.112   1.00 14.43  ? 136 SER X CB  1 
ATOM   1097 O OG  . SER A 1 136 ? -15.898 5.494   6.007   1.00 14.49  ? 136 SER X OG  1 
ATOM   1098 N N   . VAL A 1 137 ? -13.391 7.064   7.979   1.00 15.05  ? 137 VAL X N   1 
ATOM   1099 C CA  . VAL A 1 137 ? -13.110 8.413   8.440   1.00 15.70  ? 137 VAL X CA  1 
ATOM   1100 C C   . VAL A 1 137 ? -12.800 9.333   7.253   1.00 16.84  ? 137 VAL X C   1 
ATOM   1101 O O   . VAL A 1 137 ? -11.836 9.121   6.514   1.00 15.95  ? 137 VAL X O   1 
ATOM   1102 C CB  . VAL A 1 137 ? -11.920 8.428   9.422   1.00 15.90  ? 137 VAL X CB  1 
ATOM   1103 C CG1 . VAL A 1 137 ? -11.600 9.857   9.891   1.00 15.24  ? 137 VAL X CG1 1 
ATOM   1104 C CG2 . VAL A 1 137 ? -12.194 7.517   10.612  1.00 15.72  ? 137 VAL X CG2 1 
ATOM   1105 N N   . GLU A 1 138 ? -13.631 10.354  7.093   1.00 17.85  ? 138 GLU X N   1 
ATOM   1106 C CA  . GLU A 1 138 ? -13.445 11.380  6.081   1.00 19.45  ? 138 GLU X CA  1 
ATOM   1107 C C   . GLU A 1 138 ? -12.161 12.174  6.267   1.00 19.61  ? 138 GLU X C   1 
ATOM   1108 O O   . GLU A 1 138 ? -11.867 12.637  7.360   1.00 19.67  ? 138 GLU X O   1 
ATOM   1109 C CB  . GLU A 1 138 ? -14.616 12.332  6.147   1.00 20.24  ? 138 GLU X CB  1 
ATOM   1110 C CG  . GLU A 1 138 ? -15.318 12.529  4.852   1.00 23.16  ? 138 GLU X CG  1 
ATOM   1111 C CD  . GLU A 1 138 ? -16.494 13.447  5.018   1.00 26.90  ? 138 GLU X CD  1 
ATOM   1112 O OE1 . GLU A 1 138 ? -17.628 12.922  5.083   1.00 27.29  ? 138 GLU X OE1 1 
ATOM   1113 O OE2 . GLU A 1 138 ? -16.272 14.683  5.117   1.00 29.10  ? 138 GLU X OE2 1 
ATOM   1114 N N   . GLY A 1 139 ? -11.390 12.321  5.195   1.00 20.34  ? 139 GLY X N   1 
ATOM   1115 C CA  . GLY A 1 139 ? -10.172 13.110  5.243   1.00 21.36  ? 139 GLY X CA  1 
ATOM   1116 C C   . GLY A 1 139 ? -10.551 14.574  5.231   1.00 23.03  ? 139 GLY X C   1 
ATOM   1117 O O   . GLY A 1 139 ? -11.586 14.952  4.678   1.00 21.81  ? 139 GLY X O   1 
ATOM   1118 N N   . LYS A 1 140 ? -9.708  15.396  5.848   1.00 24.99  ? 140 LYS X N   1 
ATOM   1119 C CA  . LYS A 1 140 ? -9.953  16.828  5.926   1.00 27.49  ? 140 LYS X CA  1 
ATOM   1120 C C   . LYS A 1 140 ? -9.380  17.534  4.696   1.00 28.34  ? 140 LYS X C   1 
ATOM   1121 O O   . LYS A 1 140 ? -8.228  17.302  4.311   1.00 28.56  ? 140 LYS X O   1 
ATOM   1122 C CB  . LYS A 1 140 ? -9.384  17.394  7.241   1.00 28.31  ? 140 LYS X CB  1 
ATOM   1123 C CG  . LYS A 1 140 ? -10.030 16.802  8.527   1.00 29.39  ? 140 LYS X CG  1 
ATOM   1124 C CD  . LYS A 1 140 ? -11.316 17.537  8.895   1.00 31.61  ? 140 LYS X CD  1 
ATOM   1125 C CE  . LYS A 1 140 ? -12.197 16.750  9.885   1.00 32.14  ? 140 LYS X CE  1 
ATOM   1126 N NZ  . LYS A 1 140 ? -11.886 17.009  11.330  1.00 33.62  ? 140 LYS X NZ  1 
ATOM   1127 N N   . LEU A 1 141 ? -10.210 18.342  4.044   1.00 29.75  ? 141 LEU X N   1 
ATOM   1128 C CA  . LEU A 1 141 ? -9.755  19.150  2.918   1.00 31.31  ? 141 LEU X CA  1 
ATOM   1129 C C   . LEU A 1 141 ? -9.152  20.450  3.432   1.00 32.35  ? 141 LEU X C   1 
ATOM   1130 O O   . LEU A 1 141 ? -9.585  20.988  4.462   1.00 32.61  ? 141 LEU X O   1 
ATOM   1131 C CB  . LEU A 1 141 ? -10.894 19.467  1.952   1.00 31.50  ? 141 LEU X CB  1 
ATOM   1132 C CG  . LEU A 1 141 ? -11.540 18.403  1.068   1.00 31.91  ? 141 LEU X CG  1 
ATOM   1133 C CD1 . LEU A 1 141 ? -12.467 19.086  0.077   1.00 33.37  ? 141 LEU X CD1 1 
ATOM   1134 C CD2 . LEU A 1 141 ? -10.501 17.615  0.326   1.00 34.30  ? 141 LEU X CD2 1 
ATOM   1135 N N   . ASP A 1 142 ? -8.140  20.938  2.725   1.00 33.13  ? 142 ASP X N   1 
ATOM   1136 C CA  . ASP A 1 142 ? -7.508  22.214  3.046   1.00 33.64  ? 142 ASP X CA  1 
ATOM   1137 C C   . ASP A 1 142 ? -6.668  22.703  1.868   1.00 34.16  ? 142 ASP X C   1 
ATOM   1138 O O   . ASP A 1 142 ? -6.857  22.251  0.733   1.00 34.27  ? 142 ASP X O   1 
ATOM   1139 C CB  . ASP A 1 142 ? -6.679  22.117  4.339   1.00 33.62  ? 142 ASP X CB  1 
ATOM   1140 C CG  . ASP A 1 142 ? -5.521  21.139  4.237   1.00 33.86  ? 142 ASP X CG  1 
ATOM   1141 O OD1 . ASP A 1 142 ? -4.974  20.776  5.293   1.00 33.96  ? 142 ASP X OD1 1 
ATOM   1142 O OD2 . ASP A 1 142 ? -5.146  20.738  3.116   1.00 34.43  ? 142 ASP X OD2 1 
ATOM   1143 N N   . GLU A 1 143 ? -5.737  23.613  2.153   1.00 34.57  ? 143 GLU X N   1 
ATOM   1144 C CA  . GLU A 1 143 ? -4.870  24.210  1.142   1.00 34.86  ? 143 GLU X CA  1 
ATOM   1145 C C   . GLU A 1 143 ? -4.091  23.145  0.347   1.00 34.19  ? 143 GLU X C   1 
ATOM   1146 O O   . GLU A 1 143 ? -4.113  23.142  -0.889  1.00 34.39  ? 143 GLU X O   1 
ATOM   1147 C CB  . GLU A 1 143 ? -3.913  25.203  1.818   1.00 35.47  ? 143 GLU X CB  1 
ATOM   1148 C CG  . GLU A 1 143 ? -3.266  26.228  0.893   1.00 37.59  ? 143 GLU X CG  1 
ATOM   1149 C CD  . GLU A 1 143 ? -1.980  26.801  1.475   1.00 40.00  ? 143 GLU X CD  1 
ATOM   1150 O OE1 . GLU A 1 143 ? -0.920  26.147  1.341   1.00 41.30  ? 143 GLU X OE1 1 
ATOM   1151 O OE2 . GLU A 1 143 ? -2.026  27.910  2.056   1.00 41.58  ? 143 GLU X OE2 1 
ATOM   1152 N N   . LYS A 1 144 ? -3.440  22.233  1.066   1.00 33.12  ? 144 LYS X N   1 
ATOM   1153 C CA  . LYS A 1 144 ? -2.530  21.253  0.461   1.00 32.03  ? 144 LYS X CA  1 
ATOM   1154 C C   . LYS A 1 144 ? -3.160  19.875  0.178   1.00 30.68  ? 144 LYS X C   1 
ATOM   1155 O O   . LYS A 1 144 ? -2.523  19.015  -0.432  1.00 30.39  ? 144 LYS X O   1 
ATOM   1156 C CB  . LYS A 1 144 ? -1.280  21.098  1.339   1.00 32.45  ? 144 LYS X CB  1 
ATOM   1157 C CG  . LYS A 1 144 ? -0.604  22.427  1.693   1.00 33.64  ? 144 LYS X CG  1 
ATOM   1158 C CD  . LYS A 1 144 ? 0.871   22.237  2.039   1.00 36.58  ? 144 LYS X CD  1 
ATOM   1159 C CE  . LYS A 1 144 ? 1.612   23.576  2.126   1.00 37.17  ? 144 LYS X CE  1 
ATOM   1160 N NZ  . LYS A 1 144 ? 1.143   24.397  3.284   1.00 37.28  ? 144 LYS X NZ  1 
ATOM   1161 N N   . ASN A 1 145 ? -4.403  19.682  0.621   1.00 28.74  ? 145 ASN X N   1 
ATOM   1162 C CA  . ASN A 1 145 ? -5.120  18.414  0.463   1.00 26.87  ? 145 ASN X CA  1 
ATOM   1163 C C   . ASN A 1 145 ? -6.483  18.693  -0.108  1.00 25.88  ? 145 ASN X C   1 
ATOM   1164 O O   . ASN A 1 145 ? -7.429  18.945  0.640   1.00 26.20  ? 145 ASN X O   1 
ATOM   1165 C CB  . ASN A 1 145 ? -5.292  17.727  1.814   1.00 26.66  ? 145 ASN X CB  1 
ATOM   1166 C CG  . ASN A 1 145 ? -3.993  17.253  2.398   1.00 25.85  ? 145 ASN X CG  1 
ATOM   1167 O OD1 . ASN A 1 145 ? -3.490  16.188  2.044   1.00 23.76  ? 145 ASN X OD1 1 
ATOM   1168 N ND2 . ASN A 1 145 ? -3.454  18.025  3.331   1.00 26.63  ? 145 ASN X ND2 1 
ATOM   1169 N N   . THR A 1 146 ? -6.592  18.648  -1.430  1.00 24.08  ? 146 THR X N   1 
ATOM   1170 C CA  . THR A 1 146 ? -7.715  19.277  -2.098  1.00 22.68  ? 146 THR X CA  1 
ATOM   1171 C C   . THR A 1 146 ? -8.576  18.280  -2.877  1.00 21.47  ? 146 THR X C   1 
ATOM   1172 O O   . THR A 1 146 ? -9.540  18.656  -3.542  1.00 20.63  ? 146 THR X O   1 
ATOM   1173 C CB  . THR A 1 146 ? -7.253  20.489  -2.969  1.00 23.30  ? 146 THR X CB  1 
ATOM   1174 O OG1 . THR A 1 146 ? -6.222  20.084  -3.865  1.00 23.69  ? 146 THR X OG1 1 
ATOM   1175 C CG2 . THR A 1 146 ? -6.684  21.606  -2.098  1.00 24.08  ? 146 THR X CG2 1 
ATOM   1176 N N   . ILE A 1 147 ? -8.233  17.000  -2.744  1.00 19.88  ? 147 ILE X N   1 
ATOM   1177 C CA  . ILE A 1 147 ? -9.038  15.909  -3.262  1.00 18.74  ? 147 ILE X CA  1 
ATOM   1178 C C   . ILE A 1 147 ? -9.747  15.231  -2.083  1.00 17.06  ? 147 ILE X C   1 
ATOM   1179 O O   . ILE A 1 147 ? -9.093  14.845  -1.118  1.00 16.69  ? 147 ILE X O   1 
ATOM   1180 C CB  . ILE A 1 147 ? -8.150  14.868  -3.960  1.00 19.06  ? 147 ILE X CB  1 
ATOM   1181 C CG1 . ILE A 1 147 ? -7.062  15.581  -4.786  1.00 21.84  ? 147 ILE X CG1 1 
ATOM   1182 C CG2 . ILE A 1 147 ? -9.016  13.942  -4.796  1.00 18.91  ? 147 ILE X CG2 1 
ATOM   1183 C CD1 . ILE A 1 147 ? -5.673  14.904  -4.776  1.00 23.90  ? 147 ILE X CD1 1 
ATOM   1184 N N   . PRO A 1 148 ? -11.082 15.069  -2.163  1.00 15.80  ? 148 PRO X N   1 
ATOM   1185 C CA  . PRO A 1 148 ? -11.770 14.349  -1.099  1.00 14.70  ? 148 PRO X CA  1 
ATOM   1186 C C   . PRO A 1 148 ? -11.292 12.906  -1.005  1.00 13.95  ? 148 PRO X C   1 
ATOM   1187 O O   . PRO A 1 148 ? -11.000 12.272  -2.020  1.00 13.35  ? 148 PRO X O   1 
ATOM   1188 C CB  . PRO A 1 148 ? -13.249 14.426  -1.501  1.00 14.94  ? 148 PRO X CB  1 
ATOM   1189 C CG  . PRO A 1 148 ? -13.322 15.445  -2.567  1.00 15.79  ? 148 PRO X CG  1 
ATOM   1190 C CD  . PRO A 1 148 ? -12.007 15.516  -3.219  1.00 15.87  ? 148 PRO X CD  1 
ATOM   1191 N N   . HIS A 1 149 ? -11.156 12.421  0.221   1.00 13.21  ? 149 HIS X N   1 
ATOM   1192 C CA  . HIS A 1 149 ? -10.565 11.107  0.472   1.00 13.14  ? 149 HIS X CA  1 
ATOM   1193 C C   . HIS A 1 149 ? -11.094 10.536  1.779   1.00 12.99  ? 149 HIS X C   1 
ATOM   1194 O O   . HIS A 1 149 ? -11.404 11.280  2.708   1.00 13.00  ? 149 HIS X O   1 
ATOM   1195 C CB  . HIS A 1 149 ? -9.031  11.188  0.477   1.00 12.94  ? 149 HIS X CB  1 
ATOM   1196 C CG  . HIS A 1 149 ? -8.477  12.226  1.404   1.00 14.38  ? 149 HIS X CG  1 
ATOM   1197 N ND1 . HIS A 1 149 ? -8.548  13.578  1.141   1.00 13.41  ? 149 HIS X ND1 1 
ATOM   1198 C CD2 . HIS A 1 149 ? -7.823  12.107  2.585   1.00 14.83  ? 149 HIS X CD2 1 
ATOM   1199 C CE1 . HIS A 1 149 ? -7.980  14.248  2.128   1.00 13.23  ? 149 HIS X CE1 1 
ATOM   1200 N NE2 . HIS A 1 149 ? -7.522  13.378  3.009   1.00 15.09  ? 149 HIS X NE2 1 
ATOM   1201 N N   . THR A 1 150 ? -11.241 9.220   1.822   1.00 12.85  ? 150 THR X N   1 
ATOM   1202 C CA  . THR A 1 150 ? -11.782 8.541   2.985   1.00 12.78  ? 150 THR X CA  1 
ATOM   1203 C C   . THR A 1 150 ? -10.848 7.413   3.386   1.00 12.41  ? 150 THR X C   1 
ATOM   1204 O O   . THR A 1 150 ? -10.464 6.582   2.553   1.00 12.14  ? 150 THR X O   1 
ATOM   1205 C CB  . THR A 1 150 ? -13.183 7.973   2.679   1.00 12.93  ? 150 THR X CB  1 
ATOM   1206 O OG1 . THR A 1 150 ? -13.993 9.016   2.144   1.00 13.89  ? 150 THR X OG1 1 
ATOM   1207 C CG2 . THR A 1 150 ? -13.857 7.422   3.934   1.00 12.69  ? 150 THR X CG2 1 
ATOM   1208 N N   . PHE A 1 151 ? -10.478 7.397   4.660   1.00 12.30  ? 151 PHE X N   1 
ATOM   1209 C CA  . PHE A 1 151 ? -9.658  6.325   5.205   1.00 11.71  ? 151 PHE X CA  1 
ATOM   1210 C C   . PHE A 1 151 ? -10.559 5.196   5.680   1.00 11.50  ? 151 PHE X C   1 
ATOM   1211 O O   . PHE A 1 151 ? -11.364 5.375   6.597   1.00 11.28  ? 151 PHE X O   1 
ATOM   1212 C CB  . PHE A 1 151 ? -8.782  6.854   6.352   1.00 11.76  ? 151 PHE X CB  1 
ATOM   1213 C CG  . PHE A 1 151 ? -7.911  8.025   5.969   1.00 11.66  ? 151 PHE X CG  1 
ATOM   1214 C CD1 . PHE A 1 151 ? -6.752  7.838   5.221   1.00 10.31  ? 151 PHE X CD1 1 
ATOM   1215 C CD2 . PHE A 1 151 ? -8.242  9.320   6.379   1.00 13.45  ? 151 PHE X CD2 1 
ATOM   1216 C CE1 . PHE A 1 151 ? -5.932  8.921   4.886   1.00 9.63   ? 151 PHE X CE1 1 
ATOM   1217 C CE2 . PHE A 1 151 ? -7.446  10.405  6.041   1.00 11.75  ? 151 PHE X CE2 1 
ATOM   1218 C CZ  . PHE A 1 151 ? -6.286  10.209  5.293   1.00 12.08  ? 151 PHE X CZ  1 
ATOM   1219 N N   . LEU A 1 152 ? -10.423 4.032   5.051   1.00 10.99  ? 152 LEU X N   1 
ATOM   1220 C CA  . LEU A 1 152 ? -11.205 2.860   5.401   1.00 11.16  ? 152 LEU X CA  1 
ATOM   1221 C C   . LEU A 1 152 ? -10.327 1.815   6.064   1.00 11.75  ? 152 LEU X C   1 
ATOM   1222 O O   . LEU A 1 152 ? -9.230  1.514   5.579   1.00 11.78  ? 152 LEU X O   1 
ATOM   1223 C CB  . LEU A 1 152 ? -11.832 2.226   4.153   1.00 11.15  ? 152 LEU X CB  1 
ATOM   1224 C CG  . LEU A 1 152 ? -12.863 2.949   3.293   1.00 11.66  ? 152 LEU X CG  1 
ATOM   1225 C CD1 . LEU A 1 152 ? -13.295 2.044   2.118   1.00 11.68  ? 152 LEU X CD1 1 
ATOM   1226 C CD2 . LEU A 1 152 ? -14.083 3.404   4.113   1.00 11.76  ? 152 LEU X CD2 1 
ATOM   1227 N N   . HIS A 1 153 ? -10.802 1.245   7.163   1.00 11.23  ? 153 HIS X N   1 
ATOM   1228 C CA  . HIS A 1 153 ? -10.173 0.040   7.669   1.00 11.81  ? 153 HIS X CA  1 
ATOM   1229 C C   . HIS A 1 153 ? -11.151 -1.114  7.499   1.00 12.10  ? 153 HIS X C   1 
ATOM   1230 O O   . HIS A 1 153 ? -12.226 -1.117  8.109   1.00 12.28  ? 153 HIS X O   1 
ATOM   1231 C CB  . HIS A 1 153 ? -9.710  0.216   9.116   1.00 11.49  ? 153 HIS X CB  1 
ATOM   1232 C CG  . HIS A 1 153 ? -9.001  -0.975  9.673   1.00 12.80  ? 153 HIS X CG  1 
ATOM   1233 N ND1 . HIS A 1 153 ? -8.968  -1.248  11.025  1.00 13.68  ? 153 HIS X ND1 1 
ATOM   1234 C CD2 . HIS A 1 153 ? -8.305  -1.966  9.069   1.00 11.78  ? 153 HIS X CD2 1 
ATOM   1235 C CE1 . HIS A 1 153 ? -8.278  -2.356  11.230  1.00 14.24  ? 153 HIS X CE1 1 
ATOM   1236 N NE2 . HIS A 1 153 ? -7.865  -2.812  10.058  1.00 14.99  ? 153 HIS X NE2 1 
ATOM   1237 N N   . LEU A 1 154 ? -10.780 -2.061  6.641   1.00 12.41  ? 154 LEU X N   1 
ATOM   1238 C CA  . LEU A 1 154 ? -11.615 -3.212  6.266   1.00 13.34  ? 154 LEU X CA  1 
ATOM   1239 C C   . LEU A 1 154 ? -11.030 -4.488  6.862   1.00 13.94  ? 154 LEU X C   1 
ATOM   1240 O O   . LEU A 1 154 ? -9.822  -4.711  6.779   1.00 12.59  ? 154 LEU X O   1 
ATOM   1241 C CB  . LEU A 1 154 ? -11.661 -3.365  4.734   1.00 13.14  ? 154 LEU X CB  1 
ATOM   1242 C CG  . LEU A 1 154 ? -12.787 -2.734  3.898   1.00 14.95  ? 154 LEU X CG  1 
ATOM   1243 C CD1 . LEU A 1 154 ? -13.325 -1.425  4.446   1.00 13.63  ? 154 LEU X CD1 1 
ATOM   1244 C CD2 . LEU A 1 154 ? -12.384 -2.564  2.447   1.00 14.30  ? 154 LEU X CD2 1 
ATOM   1245 N N   . ILE A 1 155 ? -11.881 -5.317  7.462   1.00 15.09  ? 155 ILE X N   1 
ATOM   1246 C CA  . ILE A 1 155 ? -11.428 -6.571  8.056   1.00 16.75  ? 155 ILE X CA  1 
ATOM   1247 C C   . ILE A 1 155 ? -12.195 -7.706  7.408   1.00 17.69  ? 155 ILE X C   1 
ATOM   1248 O O   . ILE A 1 155 ? -13.402 -7.610  7.217   1.00 17.80  ? 155 ILE X O   1 
ATOM   1249 C CB  . ILE A 1 155 ? -11.565 -6.606  9.623   1.00 16.95  ? 155 ILE X CB  1 
ATOM   1250 C CG1 . ILE A 1 155 ? -10.850 -5.417  10.266  1.00 16.50  ? 155 ILE X CG1 1 
ATOM   1251 C CG2 . ILE A 1 155 ? -10.956 -7.911  10.201  1.00 17.80  ? 155 ILE X CG2 1 
ATOM   1252 C CD1 . ILE A 1 155 ? -11.062 -5.314  11.776  1.00 17.05  ? 155 ILE X CD1 1 
ATOM   1253 N N   . ARG A 1 156 ? -11.481 -8.772  7.050   1.00 19.25  ? 156 ARG X N   1 
ATOM   1254 C CA  . ARG A 1 156 ? -12.074 -9.886  6.322   1.00 21.08  ? 156 ARG X CA  1 
ATOM   1255 C C   . ARG A 1 156 ? -13.139 -10.540 7.184   1.00 22.35  ? 156 ARG X C   1 
ATOM   1256 O O   . ARG A 1 156 ? -12.891 -10.821 8.352   1.00 22.51  ? 156 ARG X O   1 
ATOM   1257 C CB  . ARG A 1 156 ? -10.999 -10.908 5.948   1.00 20.88  ? 156 ARG X CB  1 
ATOM   1258 C CG  . ARG A 1 156 ? -11.480 -12.019 5.020   1.00 21.44  ? 156 ARG X CG  1 
ATOM   1259 C CD  . ARG A 1 156 ? -10.376 -13.056 4.771   1.00 21.56  ? 156 ARG X CD  1 
ATOM   1260 N NE  . ARG A 1 156 ? -9.177  -12.475 4.159   1.00 20.96  ? 156 ARG X NE  1 
ATOM   1261 C CZ  . ARG A 1 156 ? -9.046  -12.188 2.862   1.00 20.67  ? 156 ARG X CZ  1 
ATOM   1262 N NH1 . ARG A 1 156 ? -10.029 -12.418 1.997   1.00 18.84  ? 156 ARG X NH1 1 
ATOM   1263 N NH2 . ARG A 1 156 ? -7.919  -11.654 2.433   1.00 21.16  ? 156 ARG X NH2 1 
ATOM   1264 N N   . LYS A 1 157 ? -14.315 -10.782 6.609   1.00 24.15  ? 157 LYS X N   1 
ATOM   1265 C CA  . LYS A 1 157 ? -15.404 -11.423 7.351   1.00 26.25  ? 157 LYS X CA  1 
ATOM   1266 C C   . LYS A 1 157 ? -15.128 -12.920 7.524   1.00 27.36  ? 157 LYS X C   1 
ATOM   1267 O O   . LYS A 1 157 ? -15.361 -13.489 8.601   1.00 28.15  ? 157 LYS X O   1 
ATOM   1268 C CB  . LYS A 1 157 ? -16.751 -11.216 6.660   1.00 26.37  ? 157 LYS X CB  1 
ATOM   1269 C CG  . LYS A 1 157 ? -17.293 -9.798  6.695   1.00 27.31  ? 157 LYS X CG  1 
ATOM   1270 C CD  . LYS A 1 157 ? -18.641 -9.738  5.979   1.00 28.68  ? 157 LYS X CD  1 
ATOM   1271 C CE  . LYS A 1 157 ? -19.221 -8.334  5.988   1.00 29.61  ? 157 LYS X CE  1 
ATOM   1272 N NZ  . LYS A 1 157 ? -20.467 -8.228  5.147   1.00 29.46  ? 157 LYS X NZ  1 
ATOM   1273 O OXT . LYS A 1 157 ? -14.654 -13.591 6.595   1.00 28.10  ? 157 LYS X OXT 1 
HETATM 1274 P PA  . NDP B 2 .   ? 5.183   -3.901  -8.364  1.00 14.71  ? 207 NDP X PA  1 
HETATM 1275 O O1A . NDP B 2 .   ? 4.185   -4.841  -7.795  1.00 13.56  ? 207 NDP X O1A 1 
HETATM 1276 O O2A . NDP B 2 .   ? 5.613   -2.864  -7.408  1.00 16.43  ? 207 NDP X O2A 1 
HETATM 1277 O O5B . NDP B 2 .   ? 6.487   -4.723  -8.811  1.00 16.95  ? 207 NDP X O5B 1 
HETATM 1278 C C5B . NDP B 2 .   ? 6.431   -5.823  -9.684  1.00 16.43  ? 207 NDP X C5B 1 
HETATM 1279 C C4B . NDP B 2 .   ? 7.743   -6.545  -9.451  1.00 16.96  ? 207 NDP X C4B 1 
HETATM 1280 O O4B . NDP B 2 .   ? 7.807   -7.071  -8.136  1.00 17.08  ? 207 NDP X O4B 1 
HETATM 1281 C C3B . NDP B 2 .   ? 7.962   -7.725  -10.368 1.00 17.26  ? 207 NDP X C3B 1 
HETATM 1282 O O3B . NDP B 2 .   ? 8.379   -7.313  -11.657 1.00 16.78  ? 207 NDP X O3B 1 
HETATM 1283 C C2B . NDP B 2 .   ? 8.992   -8.503  -9.552  1.00 15.89  ? 207 NDP X C2B 1 
HETATM 1284 O O2B . NDP B 2 .   ? 10.263  -7.903  -9.565  1.00 14.61  ? 207 NDP X O2B 1 
HETATM 1285 C C1B . NDP B 2 .   ? 8.491   -8.305  -8.132  1.00 16.53  ? 207 NDP X C1B 1 
HETATM 1286 N N9A . NDP B 2 .   ? 7.619   -9.439  -7.785  1.00 17.61  ? 207 NDP X N9A 1 
HETATM 1287 C C8A . NDP B 2 .   ? 6.247   -9.447  -7.658  1.00 17.05  ? 207 NDP X C8A 1 
HETATM 1288 N N7A . NDP B 2 .   ? 5.866   -10.704 -7.344  1.00 17.85  ? 207 NDP X N7A 1 
HETATM 1289 C C5A . NDP B 2 .   ? 6.965   -11.494 -7.265  1.00 17.24  ? 207 NDP X C5A 1 
HETATM 1290 C C6A . NDP B 2 .   ? 7.153   -12.842 -6.978  1.00 17.45  ? 207 NDP X C6A 1 
HETATM 1291 N N6A . NDP B 2 .   ? 6.118   -13.632 -6.704  1.00 18.02  ? 207 NDP X N6A 1 
HETATM 1292 N N1A . NDP B 2 .   ? 8.429   -13.371 -6.971  1.00 17.29  ? 207 NDP X N1A 1 
HETATM 1293 C C2A . NDP B 2 .   ? 9.527   -12.578 -7.257  1.00 17.32  ? 207 NDP X C2A 1 
HETATM 1294 N N3A . NDP B 2 .   ? 9.337   -11.240 -7.549  1.00 18.01  ? 207 NDP X N3A 1 
HETATM 1295 C C4A . NDP B 2 .   ? 8.075   -10.710 -7.549  1.00 17.58  ? 207 NDP X C4A 1 
HETATM 1296 O O3  . NDP B 2 .   ? 4.793   -3.294  -9.780  1.00 16.95  ? 207 NDP X O3  1 
HETATM 1297 P PN  . NDP B 2 .   ? 3.453   -2.937  -10.569 1.00 19.32  ? 207 NDP X PN  1 
HETATM 1298 O O1N . NDP B 2 .   ? 3.848   -2.535  -11.928 1.00 17.73  ? 207 NDP X O1N 1 
HETATM 1299 O O2N . NDP B 2 .   ? 2.453   -3.995  -10.371 1.00 17.83  ? 207 NDP X O2N 1 
HETATM 1300 O O5D . NDP B 2 .   ? 2.998   -1.567  -9.786  1.00 18.94  ? 207 NDP X O5D 1 
HETATM 1301 C C5D . NDP B 2 .   ? 3.743   -0.354  -9.737  1.00 17.98  ? 207 NDP X C5D 1 
HETATM 1302 C C4D . NDP B 2 .   ? 2.790   0.856   -9.616  1.00 19.47  ? 207 NDP X C4D 1 
HETATM 1303 O O4D . NDP B 2 .   ? 1.995   0.821   -8.429  1.00 19.72  ? 207 NDP X O4D 1 
HETATM 1304 C C3D . NDP B 2 .   ? 3.469   2.223   -9.612  1.00 19.69  ? 207 NDP X C3D 1 
HETATM 1305 O O3D . NDP B 2 .   ? 2.720   3.048   -10.481 1.00 17.45  ? 207 NDP X O3D 1 
HETATM 1306 C C2D . NDP B 2 .   ? 3.301   2.751   -8.197  1.00 18.01  ? 207 NDP X C2D 1 
HETATM 1307 O O2D . NDP B 2 .   ? 3.094   4.141   -8.198  1.00 18.52  ? 207 NDP X O2D 1 
HETATM 1308 C C1D . NDP B 2 .   ? 2.007   2.095   -7.779  1.00 17.46  ? 207 NDP X C1D 1 
HETATM 1309 N N1N . NDP B 2 .   ? 1.709   1.992   -6.329  1.00 16.29  ? 207 NDP X N1N 1 
HETATM 1310 C C2N . NDP B 2 .   ? 0.643   2.695   -5.862  1.00 15.05  ? 207 NDP X C2N 1 
HETATM 1311 C C3N . NDP B 2 .   ? 0.265   2.619   -4.535  1.00 16.86  ? 207 NDP X C3N 1 
HETATM 1312 C C7N . NDP B 2 .   ? -0.946  3.355   -4.055  1.00 15.97  ? 207 NDP X C7N 1 
HETATM 1313 O O7N . NDP B 2 .   ? -1.326  3.126   -2.739  1.00 13.46  ? 207 NDP X O7N 1 
HETATM 1314 N N7N . NDP B 2 .   ? -1.621  4.203   -4.843  1.00 17.35  ? 207 NDP X N7N 1 
HETATM 1315 C C4N . NDP B 2 .   ? 0.991   1.809   -3.652  1.00 17.74  ? 207 NDP X C4N 1 
HETATM 1316 C C5N . NDP B 2 .   ? 2.090   1.100   -4.143  1.00 18.01  ? 207 NDP X C5N 1 
HETATM 1317 C C6N . NDP B 2 .   ? 2.420   1.186   -5.488  1.00 16.47  ? 207 NDP X C6N 1 
HETATM 1318 P P2B . NDP B 2 .   ? 11.423  -8.311  -10.626 1.00 14.99  ? 207 NDP X P2B 1 
HETATM 1319 O O1X . NDP B 2 .   ? 10.924  -7.968  -11.996 1.00 12.81  ? 207 NDP X O1X 1 
HETATM 1320 O O2X . NDP B 2 .   ? 12.626  -7.501  -10.254 1.00 13.61  ? 207 NDP X O2X 1 
HETATM 1321 O O3X . NDP B 2 .   ? 11.632  -9.791  -10.480 1.00 13.95  ? 207 NDP X O3X 1 
HETATM 1322 C C1  . 52V C 3 .   ? 0.292   3.203   0.026   1.00 15.70  ? 158 52V X C1  1 
HETATM 1323 C C2  . 52V C 3 .   ? 10.105  3.498   -0.144  1.00 25.21  ? 158 52V X C2  1 
HETATM 1324 C C3  . 52V C 3 .   ? -1.348  4.613   0.905   1.00 14.88  ? 158 52V X C3  1 
HETATM 1325 C C6  . 52V C 3 .   ? 0.965   4.301   -0.490  1.00 15.23  ? 158 52V X C6  1 
HETATM 1326 C C12 . 52V C 3 .   ? 4.486   3.724   -2.556  1.00 17.78  ? 158 52V X C12 1 
HETATM 1327 C C13 . 52V C 3 .   ? 4.482   4.490   -3.872  1.00 17.82  ? 158 52V X C13 1 
HETATM 1328 C C14 . 52V C 3 .   ? 5.614   4.250   -1.645  1.00 22.05  ? 158 52V X C14 1 
HETATM 1329 C C15 . 52V C 3 .   ? 6.727   3.427   -1.462  1.00 23.91  ? 158 52V X C15 1 
HETATM 1330 C C16 . 52V C 3 .   ? 7.790   3.829   -0.658  1.00 24.44  ? 158 52V X C16 1 
HETATM 1331 C C17 . 52V C 3 .   ? 7.731   5.081   -0.016  1.00 23.48  ? 158 52V X C17 1 
HETATM 1332 C C18 . 52V C 3 .   ? 6.622   5.943   -0.178  1.00 26.16  ? 158 52V X C18 1 
HETATM 1333 C C26 . 52V C 3 .   ? 8.769   7.960   -0.631  1.00 28.96  ? 158 52V X C26 1 
HETATM 1334 C C20 . 52V C 3 .   ? 7.596   8.171   0.312   1.00 28.28  ? 158 52V X C20 1 
HETATM 1335 C C21 . 52V C 3 .   ? 7.558   9.398   0.983   1.00 29.12  ? 158 52V X C21 1 
HETATM 1336 C C22 . 52V C 3 .   ? 6.531   9.706   1.871   1.00 28.07  ? 158 52V X C22 1 
HETATM 1337 C C23 . 52V C 3 .   ? 5.535   8.763   2.076   1.00 28.91  ? 158 52V X C23 1 
HETATM 1338 C C24 . 52V C 3 .   ? 5.560   7.534   1.402   1.00 28.33  ? 158 52V X C24 1 
HETATM 1339 C C27 . 52V C 3 .   ? 4.411   6.588   1.713   1.00 28.62  ? 158 52V X C27 1 
HETATM 1340 C C25 . 52V C 3 .   ? 6.590   7.203   0.491   1.00 25.63  ? 158 52V X C25 1 
HETATM 1341 C C19 . 52V C 3 .   ? 5.561   5.506   -1.005  1.00 23.32  ? 158 52V X C19 1 
HETATM 1342 O O17 . 52V C 3 .   ? 8.836   2.946   -0.537  1.00 24.51  ? 158 52V X O17 1 
HETATM 1343 C C11 . 52V C 3 .   ? 3.225   3.924   -1.831  1.00 16.55  ? 158 52V X C11 1 
HETATM 1344 C C10 . 52V C 3 .   ? 2.182   4.113   -1.212  1.00 16.23  ? 158 52V X C10 1 
HETATM 1345 C C5  . 52V C 3 .   ? 0.429   5.570   -0.282  1.00 15.25  ? 158 52V X C5  1 
HETATM 1346 C C8  . 52V C 3 .   ? 1.129   6.815   -0.821  1.00 14.67  ? 158 52V X C8  1 
HETATM 1347 N N4  . 52V C 3 .   ? -0.717  5.696   0.417   1.00 14.71  ? 158 52V X N4  1 
HETATM 1348 N N7  . 52V C 3 .   ? -2.473  4.735   1.589   1.00 14.80  ? 158 52V X N7  1 
HETATM 1349 N N2  . 52V C 3 .   ? -0.842  3.396   0.720   1.00 15.13  ? 158 52V X N2  1 
HETATM 1350 N N9  . 52V C 3 .   ? 0.749   1.959   -0.142  1.00 14.40  ? 158 52V X N9  1 
HETATM 1351 O O   . HOH D 4 .   ? -4.535  3.823   3.504   1.00 12.87  ? 159 HOH X O   1 
HETATM 1352 O O   . HOH D 4 .   ? -12.680 14.303  2.206   1.00 10.63  ? 160 HOH X O   1 
HETATM 1353 O O   . HOH D 4 .   ? -5.442  -5.476  -10.135 1.00 10.74  ? 161 HOH X O   1 
HETATM 1354 O O   . HOH D 4 .   ? -18.449 1.061   10.451  1.00 11.67  ? 162 HOH X O   1 
HETATM 1355 O O   . HOH D 4 .   ? 11.096  -3.348  -15.582 1.00 15.22  ? 163 HOH X O   1 
HETATM 1356 O O   . HOH D 4 .   ? -7.269  4.760   -16.310 1.00 14.62  ? 164 HOH X O   1 
HETATM 1357 O O   . HOH D 4 .   ? 13.165  -0.757  -11.507 1.00 46.70  ? 165 HOH X O   1 
HETATM 1358 O O   . HOH D 4 .   ? -7.124  3.529   6.076   1.00 14.32  ? 166 HOH X O   1 
HETATM 1359 O O   . HOH D 4 .   ? -4.153  -4.077  11.482  1.00 11.91  ? 167 HOH X O   1 
HETATM 1360 O O   . HOH D 4 .   ? -4.566  -13.060 -3.680  1.00 23.51  ? 168 HOH X O   1 
HETATM 1361 O O   . HOH D 4 .   ? -7.359  -5.310  -11.732 1.00 16.43  ? 169 HOH X O   1 
HETATM 1362 O O   . HOH D 4 .   ? -14.157 -3.444  -6.527  1.00 21.90  ? 170 HOH X O   1 
HETATM 1363 O O   . HOH D 4 .   ? -10.510 4.512   9.140   1.00 11.98  ? 171 HOH X O   1 
HETATM 1364 O O   . HOH D 4 .   ? -9.466  4.303   -14.880 1.00 14.24  ? 172 HOH X O   1 
HETATM 1365 O O   . HOH D 4 .   ? -7.836  3.596   8.655   1.00 12.49  ? 173 HOH X O   1 
HETATM 1366 O O   . HOH D 4 .   ? -10.176 0.747   12.716  1.00 15.99  ? 174 HOH X O   1 
HETATM 1367 O O   . HOH D 4 .   ? -5.634  11.912  -14.331 1.00 21.61  ? 175 HOH X O   1 
HETATM 1368 O O   . HOH D 4 .   ? -9.796  6.453   -12.724 1.00 10.91  ? 176 HOH X O   1 
HETATM 1369 O O   . HOH D 4 .   ? 6.516   -16.196 -5.127  1.00 21.00  ? 177 HOH X O   1 
HETATM 1370 O O   . HOH D 4 .   ? 19.218  -5.224  0.009   1.00 37.00  ? 178 HOH X O   1 
HETATM 1371 O O   . HOH D 4 .   ? -11.207 2.286   -15.141 1.00 18.52  ? 179 HOH X O   1 
HETATM 1372 O O   . HOH D 4 .   ? -1.406  9.403   -1.666  1.00 18.06  ? 180 HOH X O   1 
HETATM 1373 O O   . HOH D 4 .   ? 8.785   -5.114  -16.424 1.00 27.29  ? 181 HOH X O   1 
HETATM 1374 O O   . HOH D 4 .   ? -14.590 15.944  1.632   1.00 19.16  ? 182 HOH X O   1 
HETATM 1375 O O   . HOH D 4 .   ? 9.802   -11.458 -11.732 1.00 25.35  ? 183 HOH X O   1 
HETATM 1376 O O   . HOH D 4 .   ? -9.848  21.301  -4.089  1.00 46.70  ? 184 HOH X O   1 
HETATM 1377 O O   . HOH D 4 .   ? 18.777  -12.444 -11.208 1.00 23.87  ? 185 HOH X O   1 
HETATM 1378 O O   . HOH D 4 .   ? -15.547 11.140  8.936   1.00 16.49  ? 186 HOH X O   1 
HETATM 1379 O O   . HOH D 4 .   ? -17.201 4.575   4.049   1.00 26.06  ? 187 HOH X O   1 
HETATM 1380 O O   . HOH D 4 .   ? -13.528 13.310  9.519   1.00 27.44  ? 188 HOH X O   1 
HETATM 1381 O O   . HOH D 4 .   ? 10.890  -1.010  -14.686 1.00 23.95  ? 189 HOH X O   1 
HETATM 1382 O O   . HOH D 4 .   ? -13.669 -9.262  -2.191  1.00 23.58  ? 190 HOH X O   1 
HETATM 1383 O O   . HOH D 4 .   ? 9.618   1.752   -11.103 1.00 23.20  ? 191 HOH X O   1 
HETATM 1384 O O   . HOH D 4 .   ? 5.603   -5.046  14.326  1.00 35.34  ? 192 HOH X O   1 
HETATM 1385 O O   . HOH D 4 .   ? 5.185   5.520   -6.700  1.00 21.87  ? 193 HOH X O   1 
HETATM 1386 O O   . HOH D 4 .   ? 11.523  7.228   0.846   1.00 31.18  ? 194 HOH X O   1 
HETATM 1387 O O   . HOH D 4 .   ? 19.035  -9.863  -4.320  1.00 43.66  ? 195 HOH X O   1 
HETATM 1388 O O   . HOH D 4 .   ? 5.051   -1.448  -15.274 1.00 25.32  ? 196 HOH X O   1 
HETATM 1389 O O   . HOH D 4 .   ? -19.241 -4.334  4.769   1.00 31.35  ? 197 HOH X O   1 
HETATM 1390 O O   . HOH D 4 .   ? -19.456 -3.302  7.347   1.00 25.85  ? 198 HOH X O   1 
HETATM 1391 O O   . HOH D 4 .   ? -17.015 7.919   6.022   1.00 23.66  ? 199 HOH X O   1 
HETATM 1392 O O   . HOH D 4 .   ? -14.827 15.384  8.346   1.00 24.29  ? 200 HOH X O   1 
HETATM 1393 O O   . HOH D 4 .   ? -0.580  -10.810 -10.460 1.00 30.11  ? 201 HOH X O   1 
HETATM 1394 O O   . HOH D 4 .   ? 9.357   -7.849  9.826   1.00 32.82  ? 202 HOH X O   1 
HETATM 1395 O O   . HOH D 4 .   ? -10.329 -11.748 -0.809  1.00 26.80  ? 203 HOH X O   1 
HETATM 1396 O O   . HOH D 4 .   ? -2.568  10.472  -14.287 1.00 24.91  ? 204 HOH X O   1 
HETATM 1397 O O   . HOH D 4 .   ? -3.620  11.997  8.267   1.00 36.71  ? 205 HOH X O   1 
HETATM 1398 O O   . HOH D 4 .   ? -18.149 9.619   7.524   1.00 26.19  ? 206 HOH X O   1 
HETATM 1399 O O   . HOH D 4 .   ? -12.332 -15.029 7.217   1.00 34.67  ? 208 HOH X O   1 
HETATM 1400 O O   . HOH D 4 .   ? -11.210 -9.530  -1.650  1.00 28.60  ? 209 HOH X O   1 
HETATM 1401 O O   . HOH D 4 .   ? 2.133   19.747  0.295   1.00 58.43  ? 210 HOH X O   1 
HETATM 1402 O O   . HOH D 4 .   ? 7.254   -5.578  11.608  1.00 24.16  ? 211 HOH X O   1 
HETATM 1403 O O   . HOH D 4 .   ? 14.801  -1.835  6.292   1.00 27.37  ? 212 HOH X O   1 
HETATM 1404 O O   . HOH D 4 .   ? 12.763  -11.679 9.309   1.00 35.68  ? 213 HOH X O   1 
HETATM 1405 O O   . HOH D 4 .   ? 23.591  -13.082 -8.579  1.00 29.67  ? 214 HOH X O   1 
HETATM 1406 O O   . HOH D 4 .   ? 17.772  -9.227  2.740   1.00 34.36  ? 215 HOH X O   1 
HETATM 1407 O O   . HOH D 4 .   ? -3.928  17.819  -2.760  1.00 31.04  ? 216 HOH X O   1 
HETATM 1408 O O   . HOH D 4 .   ? -10.399 -9.537  -7.759  1.00 25.86  ? 217 HOH X O   1 
HETATM 1409 O O   . HOH D 4 .   ? 2.299   10.273  -13.353 1.00 33.70  ? 218 HOH X O   1 
HETATM 1410 O O   . HOH D 4 .   ? 5.413   7.850   -6.310  1.00 27.87  ? 219 HOH X O   1 
HETATM 1411 O O   . HOH D 4 .   ? 8.225   8.047   -9.257  1.00 39.37  ? 220 HOH X O   1 
HETATM 1412 O O   . HOH D 4 .   ? -2.079  11.940  -16.427 1.00 30.06  ? 221 HOH X O   1 
HETATM 1413 O O   . HOH D 4 .   ? -8.024  -7.912  -11.922 1.00 25.36  ? 222 HOH X O   1 
HETATM 1414 O O   . HOH D 4 .   ? -14.207 0.923   -2.106  1.00 36.94  ? 223 HOH X O   1 
HETATM 1415 O O   . HOH D 4 .   ? 0.051   0.444   13.142  1.00 28.41  ? 224 HOH X O   1 
HETATM 1416 O O   . HOH D 4 .   ? -2.099  -1.064  13.027  1.00 31.04  ? 225 HOH X O   1 
HETATM 1417 O O   . HOH D 4 .   ? 11.276  0.223   -12.383 1.00 28.76  ? 226 HOH X O   1 
HETATM 1418 O O   . HOH D 4 .   ? 20.600  -5.021  2.359   1.00 24.18  ? 227 HOH X O   1 
HETATM 1419 O O   . HOH D 4 .   ? 0.173   -7.140  -12.538 1.00 29.61  ? 228 HOH X O   1 
HETATM 1420 O O   . HOH D 4 .   ? 0.084   19.094  -1.354  1.00 45.50  ? 229 HOH X O   1 
HETATM 1421 O O   . HOH D 4 .   ? 0.044   11.449  -2.775  1.00 36.10  ? 230 HOH X O   1 
HETATM 1422 O O   . HOH D 4 .   ? 7.102   -11.103 -10.860 1.00 29.24  ? 231 HOH X O   1 
HETATM 1423 O O   . HOH D 4 .   ? -1.138  18.804  4.661   1.00 35.56  ? 232 HOH X O   1 
HETATM 1424 O O   . HOH D 4 .   ? 10.309  -3.276  12.295  1.00 27.42  ? 233 HOH X O   1 
HETATM 1425 O O   . HOH D 4 .   ? 25.513  -11.779 -6.507  1.00 16.27  ? 234 HOH X O   1 
HETATM 1426 O O   . HOH D 4 .   ? -17.263 16.582  7.904   1.00 47.90  ? 235 HOH X O   1 
HETATM 1427 O O   . HOH D 4 .   ? 4.410   0.274   -13.261 1.00 18.77  ? 236 HOH X O   1 
HETATM 1428 O O   . HOH D 4 .   ? -14.924 -1.804  -4.500  1.00 45.96  ? 237 HOH X O   1 
HETATM 1429 O O   . HOH D 4 .   ? 25.051  -3.668  -3.495  1.00 43.68  ? 238 HOH X O   1 
HETATM 1430 O O   . HOH D 4 .   ? -16.436 6.067   -2.696  1.00 38.49  ? 239 HOH X O   1 
HETATM 1431 O O   . HOH D 4 .   ? -2.780  -2.077  -15.217 1.00 24.09  ? 240 HOH X O   1 
HETATM 1432 O O   . HOH D 4 .   ? -9.816  13.432  9.027   1.00 37.73  ? 241 HOH X O   1 
HETATM 1433 O O   . HOH D 4 .   ? 8.615   -16.161 -6.923  1.00 31.92  ? 242 HOH X O   1 
HETATM 1434 O O   . HOH D 4 .   ? 4.686   -5.442  -13.714 1.00 32.26  ? 243 HOH X O   1 
HETATM 1435 O O   . HOH D 4 .   ? 14.376  -15.045 -0.298  1.00 37.13  ? 244 HOH X O   1 
HETATM 1436 O O   . HOH D 4 .   ? -15.131 -12.837 4.041   1.00 28.18  ? 245 HOH X O   1 
HETATM 1437 O O   . HOH D 4 .   ? -15.331 5.692   0.319   1.00 31.56  ? 246 HOH X O   1 
HETATM 1438 O O   . HOH D 4 .   ? 3.412   3.310   14.179  1.00 40.18  ? 247 HOH X O   1 
HETATM 1439 O O   . HOH D 4 .   ? -5.948  -0.073  13.361  1.00 38.30  ? 248 HOH X O   1 
HETATM 1440 O O   . HOH D 4 .   ? -8.223  -0.847  14.672  1.00 28.17  ? 249 HOH X O   1 
HETATM 1441 O O   . HOH D 4 .   ? 15.346  -15.209 -7.330  1.00 33.78  ? 250 HOH X O   1 
HETATM 1442 O O   . HOH D 4 .   ? 4.058   -5.216  -11.556 1.00 42.88  ? 251 HOH X O   1 
HETATM 1443 O O   . HOH D 4 .   ? -14.091 16.223  5.859   1.00 32.99  ? 252 HOH X O   1 
HETATM 1444 O O   . HOH D 4 .   ? 20.797  -2.905  4.372   1.00 40.55  ? 253 HOH X O   1 
HETATM 1445 O O   . HOH D 4 .   ? -14.021 10.912  0.362   1.00 42.83  ? 254 HOH X O   1 
HETATM 1446 O O   . HOH D 4 .   ? 9.981   3.594   14.400  1.00 36.64  ? 255 HOH X O   1 
HETATM 1447 O O   . HOH D 4 .   ? -10.011 22.230  -1.062  1.00 45.70  ? 256 HOH X O   1 
HETATM 1448 O O   . HOH D 4 .   ? -16.660 8.999   2.839   1.00 27.30  ? 257 HOH X O   1 
HETATM 1449 O O   . HOH D 4 .   ? 0.216   -1.112  -17.369 1.00 30.08  ? 258 HOH X O   1 
HETATM 1450 O O   . HOH D 4 .   ? 19.302  3.560   -0.046  1.00 46.11  ? 259 HOH X O   1 
HETATM 1451 O O   . HOH D 4 .   ? -12.884 18.663  4.964   1.00 34.81  ? 260 HOH X O   1 
HETATM 1452 O O   . HOH D 4 .   ? 1.305   9.287   -11.510 1.00 50.07  ? 261 HOH X O   1 
HETATM 1453 O O   . HOH D 4 .   ? 3.784   10.527  -15.462 1.00 46.75  ? 262 HOH X O   1 
HETATM 1454 O O   . HOH D 4 .   ? 4.688   10.090  -6.955  1.00 37.05  ? 263 HOH X O   1 
HETATM 1455 O O   . HOH D 4 .   ? -0.486  0.729   -1.768  1.00 191.93 ? 264 HOH X O   1 
HETATM 1456 O O   . HOH D 4 .   ? 12.167  -15.063 -7.296  1.00 27.37  ? 265 HOH X O   1 
HETATM 1457 O O   . HOH D 4 .   ? -5.993  -11.894 -7.198  1.00 34.39  ? 266 HOH X O   1 
HETATM 1458 O O   . HOH D 4 .   ? 6.526   -7.329  -13.912 1.00 43.91  ? 267 HOH X O   1 
HETATM 1459 O O   . HOH D 4 .   ? 15.277  -10.400 3.781   1.00 38.86  ? 268 HOH X O   1 
HETATM 1460 O O   . HOH D 4 .   ? -19.055 -3.750  -3.035  1.00 38.06  ? 269 HOH X O   1 
HETATM 1461 O O   . HOH D 4 .   ? -13.884 -10.224 10.722  1.00 33.23  ? 270 HOH X O   1 
HETATM 1462 O O   . HOH D 4 .   ? -15.108 17.613  3.754   1.00 49.76  ? 271 HOH X O   1 
HETATM 1463 O O   . HOH D 4 .   ? 3.337   -12.173 7.920   1.00 40.20  ? 272 HOH X O   1 
HETATM 1464 O O   . HOH D 4 .   ? 19.742  -6.903  4.134   1.00 35.31  ? 273 HOH X O   1 
HETATM 1465 O O   . HOH D 4 .   ? 5.652   -10.105 -12.298 1.00 44.23  ? 274 HOH X O   1 
HETATM 1466 O O   . HOH D 4 .   ? 15.697  4.377   9.398   1.00 24.50  ? 275 HOH X O   1 
HETATM 1467 O O   . HOH D 4 .   ? -9.897  11.346  -15.290 1.00 35.16  ? 276 HOH X O   1 
HETATM 1468 O O   . HOH D 4 .   ? -0.342  11.034  -12.935 1.00 30.05  ? 277 HOH X O   1 
HETATM 1469 O O   . HOH D 4 .   ? -6.915  -9.769  -9.163  1.00 48.46  ? 278 HOH X O   1 
HETATM 1470 O O   . HOH D 4 .   ? 2.893   2.630   -13.238 1.00 15.84  ? 279 HOH X O   1 
HETATM 1471 O O   . HOH D 4 .   ? 0.170   -4.576  -13.686 1.00 62.43  ? 280 HOH X O   1 
# 
